data_8DUY
#
_entry.id   8DUY
#
_cell.length_a   82.610
_cell.length_b   131.140
_cell.length_c   85.440
_cell.angle_alpha   90.000
_cell.angle_beta   99.930
_cell.angle_gamma   90.000
#
_symmetry.space_group_name_H-M   'P 1 21 1'
#
loop_
_entity.id
_entity.type
_entity.pdbx_description
1 polymer 'Cystathionine beta-lyase'
2 non-polymer 'CHLORIDE ION'
3 non-polymer (4S)-2-METHYL-2,4-PENTANEDIOL
4 water water
#
_entity_poly.entity_id   1
_entity_poly.type   'polypeptide(L)'
_entity_poly.pdbx_seq_one_letter_code
;MAHHHHHHMADKHLDTALVNAGRSKKYTQGSVNSVIQRASSLVFDTVEAKKHATRNRANGELFYGRRGTLTHFSLQEAMC
ELEGGAGCALFPCGAAAVANTILAFVEQGDHVLMTNTAYEPSQDFCTKILAKLGVTTSWFDPLIGADIARLVRPETRVVF
LESPGSITMEVHDVPAIVAAVRQVAPEAIIMIDNTWAAGILFKALDFGIDISIQAGT(LLP)YLIGHSDAMVGTAVANAR
CWPQLRENAYLMGQMLDADTAYMTSRGLRTLGVRLRQHHESSLRIAEWLAQHPQVARVNHPALPGSKGHEFWKRDFTGSS
GLFSFVLSKRLNDAELAEYLDNFSLFSMAYSWGGFESLILANQPEQIAHIRPDAEVDFSGTLIRLHIGLENVDDLQADLA
AGFARIV
;
_entity_poly.pdbx_strand_id   A,B,C,D
#
# COMPACT_ATOMS: atom_id res chain seq x y z
N HIS A 13 24.72 -17.96 -10.32
CA HIS A 13 25.11 -17.68 -8.93
C HIS A 13 23.96 -17.11 -8.12
N LEU A 14 24.02 -17.30 -6.80
CA LEU A 14 22.86 -17.03 -5.95
C LEU A 14 22.47 -15.55 -5.97
N ASP A 15 23.44 -14.66 -6.04
CA ASP A 15 23.12 -13.22 -6.04
C ASP A 15 22.33 -12.85 -7.29
N THR A 16 22.71 -13.39 -8.45
CA THR A 16 21.93 -13.20 -9.66
C THR A 16 20.54 -13.81 -9.53
N ALA A 17 20.44 -14.97 -8.88
CA ALA A 17 19.13 -15.60 -8.67
C ALA A 17 18.25 -14.77 -7.75
N LEU A 18 18.81 -14.24 -6.66
CA LEU A 18 18.03 -13.38 -5.78
C LEU A 18 17.47 -12.18 -6.52
N VAL A 19 18.24 -11.61 -7.45
CA VAL A 19 17.79 -10.44 -8.19
C VAL A 19 16.70 -10.80 -9.20
N ASN A 20 16.79 -11.99 -9.81
CA ASN A 20 15.93 -12.32 -10.94
C ASN A 20 14.79 -13.26 -10.62
N ALA A 21 14.86 -14.02 -9.52
CA ALA A 21 13.88 -15.06 -9.26
C ALA A 21 12.46 -14.51 -9.24
N GLY A 22 11.58 -15.09 -10.06
CA GLY A 22 10.18 -14.72 -10.10
C GLY A 22 9.83 -13.58 -11.04
N ARG A 23 10.81 -12.85 -11.55
CA ARG A 23 10.55 -11.65 -12.35
CA ARG A 23 10.53 -11.66 -12.35
C ARG A 23 10.42 -11.98 -13.84
N SER A 24 9.46 -12.85 -14.14
CA SER A 24 9.11 -13.16 -15.52
C SER A 24 8.21 -12.08 -16.08
N LYS A 25 8.27 -11.90 -17.41
CA LYS A 25 7.53 -10.81 -18.03
C LYS A 25 6.02 -10.95 -17.84
N LYS A 26 5.51 -12.19 -17.76
CA LYS A 26 4.08 -12.36 -17.58
C LYS A 26 3.61 -11.83 -16.24
N TYR A 27 4.50 -11.69 -15.27
CA TYR A 27 4.15 -11.11 -13.97
C TYR A 27 4.52 -9.64 -13.85
N THR A 28 5.55 -9.19 -14.56
CA THR A 28 6.04 -7.83 -14.39
C THR A 28 5.43 -6.86 -15.40
N GLN A 29 5.05 -7.36 -16.58
CA GLN A 29 4.28 -6.58 -17.55
C GLN A 29 4.99 -5.28 -17.92
N GLY A 30 6.31 -5.28 -17.88
CA GLY A 30 7.11 -4.14 -18.28
C GLY A 30 7.81 -3.44 -17.14
N SER A 31 7.34 -3.58 -15.90
CA SER A 31 8.08 -2.99 -14.81
C SER A 31 9.17 -3.96 -14.36
N VAL A 32 10.02 -3.50 -13.45
CA VAL A 32 11.10 -4.35 -12.94
C VAL A 32 10.53 -5.41 -12.01
N ASN A 33 9.57 -5.03 -11.17
CA ASN A 33 8.96 -5.91 -10.20
C ASN A 33 7.62 -6.39 -10.72
N SER A 34 7.09 -7.45 -10.10
CA SER A 34 5.77 -7.93 -10.49
C SER A 34 4.74 -6.83 -10.27
N VAL A 35 3.66 -6.88 -11.06
CA VAL A 35 2.53 -6.02 -10.74
C VAL A 35 1.92 -6.49 -9.41
N ILE A 36 1.21 -5.58 -8.77
CA ILE A 36 0.38 -5.92 -7.63
C ILE A 36 -1.04 -6.04 -8.13
N GLN A 37 -1.55 -7.27 -8.16
CA GLN A 37 -2.92 -7.53 -8.59
C GLN A 37 -3.72 -7.84 -7.32
N ARG A 38 -4.54 -6.89 -6.89
CA ARG A 38 -5.37 -7.07 -5.71
C ARG A 38 -6.71 -7.63 -6.18
N ALA A 39 -7.12 -8.77 -5.62
CA ALA A 39 -8.28 -9.42 -6.19
C ALA A 39 -8.81 -10.51 -5.28
N SER A 40 -10.13 -10.52 -5.12
CA SER A 40 -10.85 -11.74 -4.82
C SER A 40 -11.38 -12.31 -6.13
N SER A 41 -12.39 -11.64 -6.70
CA SER A 41 -12.93 -12.07 -7.98
C SER A 41 -11.89 -11.98 -9.08
N LEU A 42 -11.81 -13.03 -9.89
CA LEU A 42 -11.03 -13.05 -11.13
C LEU A 42 -12.00 -13.40 -12.24
N VAL A 43 -11.99 -12.60 -13.30
CA VAL A 43 -13.08 -12.59 -14.28
C VAL A 43 -12.80 -13.59 -15.39
N PHE A 44 -13.79 -14.40 -15.73
CA PHE A 44 -13.73 -15.32 -16.85
C PHE A 44 -14.55 -14.73 -18.00
N ASP A 45 -13.91 -14.60 -19.17
CA ASP A 45 -14.61 -13.97 -20.28
C ASP A 45 -15.65 -14.90 -20.89
N THR A 46 -15.45 -16.21 -20.82
CA THR A 46 -16.35 -17.19 -21.42
C THR A 46 -16.44 -18.41 -20.51
N VAL A 47 -17.48 -19.22 -20.76
CA VAL A 47 -17.60 -20.50 -20.07
C VAL A 47 -16.34 -21.34 -20.30
N GLU A 48 -15.82 -21.31 -21.52
CA GLU A 48 -14.63 -22.11 -21.81
C GLU A 48 -13.42 -21.59 -21.04
N ALA A 49 -13.31 -20.27 -20.87
CA ALA A 49 -12.20 -19.73 -20.07
C ALA A 49 -12.36 -20.09 -18.60
N LYS A 50 -13.60 -20.11 -18.10
CA LYS A 50 -13.81 -20.50 -16.71
C LYS A 50 -13.46 -21.97 -16.50
N LYS A 51 -13.85 -22.84 -17.45
CA LYS A 51 -13.48 -24.25 -17.36
C LYS A 51 -11.96 -24.41 -17.35
N HIS A 52 -11.26 -23.68 -18.22
CA HIS A 52 -9.80 -23.79 -18.27
C HIS A 52 -9.16 -23.33 -16.96
N ALA A 53 -9.63 -22.20 -16.42
CA ALA A 53 -9.10 -21.70 -15.15
C ALA A 53 -9.39 -22.68 -14.02
N THR A 54 -10.61 -23.25 -13.99
CA THR A 54 -10.97 -24.24 -12.98
C THR A 54 -10.00 -25.42 -13.00
N ARG A 55 -9.74 -25.95 -14.19
CA ARG A 55 -8.81 -27.08 -14.31
C ARG A 55 -7.40 -26.69 -13.89
N ASN A 56 -7.02 -25.43 -14.07
CA ASN A 56 -5.67 -24.99 -13.78
C ASN A 56 -5.59 -24.08 -12.55
N ARG A 57 -6.58 -24.17 -11.66
CA ARG A 57 -6.62 -23.29 -10.49
C ARG A 57 -5.51 -23.56 -9.49
N ALA A 58 -4.85 -24.72 -9.57
CA ALA A 58 -3.69 -25.00 -8.73
C ALA A 58 -2.39 -24.97 -9.53
N ASN A 59 -2.41 -24.43 -10.75
CA ASN A 59 -1.26 -24.47 -11.63
C ASN A 59 -1.01 -23.10 -12.27
N GLY A 60 -1.24 -22.03 -11.52
CA GLY A 60 -0.80 -20.72 -11.95
C GLY A 60 -1.68 -20.01 -12.96
N GLU A 61 -2.90 -20.48 -13.17
CA GLU A 61 -3.89 -19.74 -13.96
C GLU A 61 -4.80 -18.98 -13.01
N LEU A 62 -5.14 -17.75 -13.38
CA LEU A 62 -5.99 -16.92 -12.53
C LEU A 62 -7.35 -17.57 -12.38
N PHE A 63 -7.75 -17.81 -11.13
CA PHE A 63 -9.01 -18.48 -10.85
C PHE A 63 -9.78 -17.84 -9.71
N TYR A 64 -9.12 -17.68 -8.56
CA TYR A 64 -9.73 -17.03 -7.41
C TYR A 64 -8.63 -16.45 -6.52
N GLY A 65 -8.93 -15.32 -5.88
CA GLY A 65 -7.92 -14.64 -5.08
C GLY A 65 -7.36 -15.48 -3.95
N ARG A 66 -8.15 -16.42 -3.42
CA ARG A 66 -7.64 -17.30 -2.38
C ARG A 66 -6.57 -18.24 -2.91
N ARG A 67 -6.63 -18.60 -4.20
CA ARG A 67 -5.57 -19.37 -4.83
C ARG A 67 -4.36 -18.50 -5.16
N GLY A 68 -4.58 -17.21 -5.37
CA GLY A 68 -3.51 -16.29 -5.70
C GLY A 68 -3.76 -15.49 -6.97
N THR A 69 -3.06 -14.37 -7.10
CA THR A 69 -3.05 -13.57 -8.31
C THR A 69 -1.66 -13.62 -8.93
N LEU A 70 -1.46 -12.84 -9.99
CA LEU A 70 -0.16 -12.75 -10.62
C LEU A 70 0.94 -12.49 -9.59
N THR A 71 0.64 -11.67 -8.58
CA THR A 71 1.64 -11.30 -7.58
C THR A 71 2.06 -12.49 -6.74
N HIS A 72 1.09 -13.30 -6.31
CA HIS A 72 1.41 -14.53 -5.57
C HIS A 72 2.17 -15.51 -6.45
N PHE A 73 1.73 -15.70 -7.70
CA PHE A 73 2.41 -16.63 -8.59
C PHE A 73 3.87 -16.27 -8.75
N SER A 74 4.17 -14.97 -8.85
CA SER A 74 5.54 -14.52 -9.01
C SER A 74 6.39 -14.87 -7.79
N LEU A 75 5.88 -14.59 -6.59
CA LEU A 75 6.61 -14.95 -5.38
C LEU A 75 6.80 -16.45 -5.27
N GLN A 76 5.75 -17.22 -5.56
CA GLN A 76 5.85 -18.68 -5.49
C GLN A 76 6.95 -19.19 -6.44
N GLU A 77 6.99 -18.64 -7.66
CA GLU A 77 8.04 -19.02 -8.60
CA GLU A 77 8.05 -19.04 -8.59
C GLU A 77 9.43 -18.70 -8.03
N ALA A 78 9.57 -17.53 -7.40
CA ALA A 78 10.86 -17.16 -6.83
C ALA A 78 11.29 -18.11 -5.71
N MET A 79 10.38 -18.40 -4.77
CA MET A 79 10.74 -19.27 -3.66
C MET A 79 11.10 -20.67 -4.14
N CYS A 80 10.36 -21.18 -5.12
CA CYS A 80 10.66 -22.51 -5.65
C CYS A 80 12.04 -22.56 -6.28
N GLU A 81 12.42 -21.51 -7.01
CA GLU A 81 13.74 -21.47 -7.60
C GLU A 81 14.83 -21.34 -6.54
N LEU A 82 14.62 -20.44 -5.58
CA LEU A 82 15.65 -20.19 -4.58
C LEU A 82 15.84 -21.37 -3.65
N GLU A 83 14.75 -22.05 -3.27
CA GLU A 83 14.84 -23.18 -2.36
C GLU A 83 14.84 -24.53 -3.07
N GLY A 84 14.71 -24.55 -4.40
CA GLY A 84 14.78 -25.79 -5.13
C GLY A 84 13.64 -26.76 -4.87
N GLY A 85 12.39 -26.25 -4.83
CA GLY A 85 11.24 -27.05 -4.51
C GLY A 85 10.26 -27.11 -5.66
N ALA A 86 9.24 -27.96 -5.50
CA ALA A 86 8.22 -28.15 -6.51
C ALA A 86 7.04 -27.19 -6.35
N GLY A 87 6.79 -26.71 -5.14
CA GLY A 87 5.73 -25.74 -4.92
C GLY A 87 5.99 -24.97 -3.66
N CYS A 88 5.32 -23.82 -3.54
CA CYS A 88 5.48 -22.97 -2.37
C CYS A 88 4.12 -22.51 -1.90
N ALA A 89 3.78 -22.84 -0.65
CA ALA A 89 2.53 -22.40 -0.04
C ALA A 89 2.80 -21.13 0.76
N LEU A 90 1.85 -20.20 0.73
CA LEU A 90 1.98 -18.92 1.41
C LEU A 90 1.00 -18.81 2.56
N PHE A 91 1.45 -18.21 3.65
CA PHE A 91 0.71 -18.11 4.90
C PHE A 91 0.81 -16.69 5.43
N PRO A 92 -0.13 -16.27 6.29
CA PRO A 92 -0.08 -14.88 6.80
C PRO A 92 1.07 -14.62 7.76
N CYS A 93 1.66 -15.65 8.35
CA CYS A 93 2.86 -15.46 9.16
C CYS A 93 3.59 -16.79 9.27
N GLY A 94 4.77 -16.74 9.91
CA GLY A 94 5.55 -17.95 10.07
C GLY A 94 4.86 -18.99 10.95
N ALA A 95 4.26 -18.55 12.04
CA ALA A 95 3.57 -19.50 12.91
C ALA A 95 2.43 -20.19 12.18
N ALA A 96 1.73 -19.46 11.31
CA ALA A 96 0.70 -20.08 10.49
C ALA A 96 1.30 -21.12 9.55
N ALA A 97 2.46 -20.80 8.95
CA ALA A 97 3.12 -21.75 8.07
C ALA A 97 3.49 -23.03 8.81
N VAL A 98 4.07 -22.89 10.01
CA VAL A 98 4.46 -24.08 10.79
C VAL A 98 3.24 -24.90 11.14
N ALA A 99 2.25 -24.27 11.79
CA ALA A 99 1.06 -24.99 12.26
C ALA A 99 0.35 -25.69 11.12
N ASN A 100 0.14 -24.98 10.01
CA ASN A 100 -0.68 -25.53 8.95
C ASN A 100 0.07 -26.51 8.07
N THR A 101 1.40 -26.38 7.98
CA THR A 101 2.17 -27.38 7.26
C THR A 101 2.22 -28.69 8.04
N ILE A 102 2.41 -28.62 9.36
CA ILE A 102 2.32 -29.84 10.16
C ILE A 102 0.93 -30.44 10.05
N LEU A 103 -0.09 -29.61 10.21
CA LEU A 103 -1.48 -30.11 10.17
C LEU A 103 -1.80 -30.77 8.84
N ALA A 104 -1.18 -30.30 7.75
CA ALA A 104 -1.49 -30.84 6.44
C ALA A 104 -1.08 -32.30 6.28
N PHE A 105 -0.25 -32.82 7.18
CA PHE A 105 0.29 -34.16 7.02
C PHE A 105 0.00 -35.09 8.19
N VAL A 106 -0.93 -34.75 9.07
CA VAL A 106 -1.25 -35.63 10.19
C VAL A 106 -2.73 -35.97 10.18
N GLU A 107 -3.04 -37.10 10.81
CA GLU A 107 -4.40 -37.54 11.13
C GLU A 107 -4.39 -38.07 12.55
N GLN A 108 -5.58 -38.23 13.13
CA GLN A 108 -5.70 -38.78 14.48
C GLN A 108 -4.93 -40.09 14.58
N GLY A 109 -4.15 -40.24 15.65
CA GLY A 109 -3.32 -41.40 15.86
C GLY A 109 -1.88 -41.23 15.44
N ASP A 110 -1.58 -40.22 14.61
CA ASP A 110 -0.22 -39.97 14.17
C ASP A 110 0.62 -39.40 15.30
N HIS A 111 1.93 -39.44 15.09
CA HIS A 111 2.90 -38.98 16.07
C HIS A 111 3.87 -38.02 15.40
N VAL A 112 4.21 -36.96 16.11
CA VAL A 112 5.16 -35.94 15.64
C VAL A 112 6.42 -36.01 16.49
N LEU A 113 7.56 -36.01 15.84
CA LEU A 113 8.87 -36.03 16.51
C LEU A 113 9.55 -34.71 16.21
N MET A 114 9.62 -33.82 17.20
CA MET A 114 10.07 -32.45 17.01
C MET A 114 11.28 -32.17 17.88
N THR A 115 12.24 -31.39 17.35
CA THR A 115 13.39 -31.00 18.15
C THR A 115 12.93 -30.16 19.34
N ASN A 116 13.52 -30.41 20.51
CA ASN A 116 13.11 -29.64 21.68
C ASN A 116 13.67 -28.22 21.70
N THR A 117 14.44 -27.83 20.68
CA THR A 117 14.84 -26.45 20.47
C THR A 117 13.92 -25.72 19.48
N ALA A 118 12.78 -26.32 19.17
CA ALA A 118 11.85 -25.67 18.27
C ALA A 118 11.32 -24.39 18.89
N TYR A 119 11.12 -23.39 18.04
CA TYR A 119 10.41 -22.15 18.36
C TYR A 119 9.21 -22.45 19.25
N GLU A 120 9.06 -21.69 20.34
CA GLU A 120 8.05 -22.02 21.34
C GLU A 120 6.64 -22.10 20.78
N PRO A 121 6.16 -21.15 19.95
CA PRO A 121 4.81 -21.33 19.38
C PRO A 121 4.67 -22.60 18.56
N SER A 122 5.76 -23.10 17.97
CA SER A 122 5.69 -24.38 17.27
C SER A 122 5.44 -25.52 18.26
N GLN A 123 6.17 -25.53 19.37
CA GLN A 123 5.90 -26.51 20.41
C GLN A 123 4.47 -26.40 20.91
N ASP A 124 4.02 -25.17 21.21
CA ASP A 124 2.69 -24.97 21.75
C ASP A 124 1.60 -25.41 20.79
N PHE A 125 1.83 -25.23 19.48
CA PHE A 125 0.88 -25.77 18.51
C PHE A 125 0.71 -27.28 18.70
N CYS A 126 1.83 -28.00 18.88
CA CYS A 126 1.76 -29.44 19.06
C CYS A 126 1.06 -29.81 20.36
N THR A 127 1.48 -29.19 21.47
CA THR A 127 0.97 -29.63 22.77
C THR A 127 -0.43 -29.12 23.06
N LYS A 128 -0.86 -28.02 22.43
CA LYS A 128 -2.17 -27.45 22.72
C LYS A 128 -3.21 -27.70 21.64
N ILE A 129 -2.81 -27.84 20.39
CA ILE A 129 -3.76 -28.06 19.29
C ILE A 129 -3.72 -29.50 18.81
N LEU A 130 -2.53 -29.99 18.41
CA LEU A 130 -2.45 -31.36 17.91
C LEU A 130 -2.90 -32.38 18.96
N ALA A 131 -2.55 -32.14 20.23
CA ALA A 131 -2.84 -33.11 21.28
C ALA A 131 -4.34 -33.37 21.41
N LYS A 132 -5.16 -32.32 21.34
CA LYS A 132 -6.59 -32.52 21.50
C LYS A 132 -7.25 -33.07 20.25
N LEU A 133 -6.52 -33.13 19.13
CA LEU A 133 -6.98 -33.74 17.89
C LEU A 133 -6.43 -35.15 17.71
N GLY A 134 -5.94 -35.77 18.79
CA GLY A 134 -5.46 -37.14 18.70
C GLY A 134 -4.11 -37.32 18.05
N VAL A 135 -3.33 -36.24 17.91
CA VAL A 135 -1.98 -36.33 17.35
C VAL A 135 -0.99 -36.10 18.49
N THR A 136 -0.14 -37.09 18.75
CA THR A 136 0.83 -36.98 19.83
C THR A 136 2.16 -36.41 19.32
N THR A 137 2.95 -35.91 20.26
CA THR A 137 4.26 -35.35 19.96
C THR A 137 5.27 -35.81 20.99
N SER A 138 6.49 -36.11 20.52
CA SER A 138 7.64 -36.34 21.37
CA SER A 138 7.63 -36.32 21.39
C SER A 138 8.80 -35.49 20.86
N TRP A 139 9.91 -35.50 21.60
CA TRP A 139 10.97 -34.52 21.38
C TRP A 139 12.33 -35.21 21.24
N PHE A 140 13.31 -34.46 20.72
CA PHE A 140 14.67 -34.96 20.65
C PHE A 140 15.67 -33.83 20.80
N ASP A 141 16.83 -34.19 21.36
CA ASP A 141 17.95 -33.26 21.47
C ASP A 141 18.45 -32.88 20.09
N PRO A 142 18.80 -31.61 19.87
CA PRO A 142 19.24 -31.19 18.52
C PRO A 142 20.51 -31.87 18.05
N LEU A 143 21.37 -32.29 18.97
CA LEU A 143 22.61 -32.96 18.60
C LEU A 143 22.46 -34.49 18.59
N ILE A 144 21.23 -34.99 18.55
CA ILE A 144 21.00 -36.44 18.65
C ILE A 144 21.52 -37.17 17.42
N GLY A 145 21.61 -36.50 16.28
CA GLY A 145 22.15 -37.12 15.08
C GLY A 145 21.52 -38.46 14.79
N ALA A 146 22.37 -39.44 14.50
CA ALA A 146 21.90 -40.76 14.09
C ALA A 146 21.16 -41.49 15.20
N ASP A 147 21.29 -41.07 16.46
CA ASP A 147 20.57 -41.76 17.52
C ASP A 147 19.09 -41.45 17.54
N ILE A 148 18.61 -40.59 16.64
CA ILE A 148 17.19 -40.31 16.56
C ILE A 148 16.39 -41.54 16.15
N ALA A 149 17.05 -42.53 15.53
CA ALA A 149 16.35 -43.73 15.05
C ALA A 149 15.51 -44.36 16.15
N ARG A 150 16.05 -44.46 17.36
CA ARG A 150 15.32 -45.14 18.44
C ARG A 150 14.10 -44.36 18.92
N LEU A 151 13.94 -43.10 18.51
CA LEU A 151 12.79 -42.32 18.93
C LEU A 151 11.65 -42.35 17.92
N VAL A 152 11.87 -42.97 16.76
CA VAL A 152 10.83 -43.08 15.74
C VAL A 152 9.89 -44.21 16.15
N ARG A 153 8.61 -43.88 16.28
CA ARG A 153 7.59 -44.83 16.69
C ARG A 153 6.88 -45.39 15.47
N PRO A 154 6.19 -46.53 15.60
CA PRO A 154 5.37 -47.01 14.48
C PRO A 154 4.44 -45.95 13.94
N GLU A 155 3.94 -45.07 14.79
CA GLU A 155 2.96 -44.06 14.39
C GLU A 155 3.60 -42.72 14.04
N THR A 156 4.93 -42.62 14.07
CA THR A 156 5.58 -41.36 13.72
C THR A 156 5.37 -41.06 12.25
N ARG A 157 4.85 -39.87 11.98
CA ARG A 157 4.54 -39.41 10.62
C ARG A 157 5.33 -38.19 10.20
N VAL A 158 5.64 -37.29 11.13
CA VAL A 158 6.36 -36.05 10.85
C VAL A 158 7.57 -36.00 11.77
N VAL A 159 8.72 -35.69 11.18
CA VAL A 159 9.93 -35.36 11.96
C VAL A 159 10.24 -33.90 11.67
N PHE A 160 10.21 -33.07 12.72
CA PHE A 160 10.29 -31.62 12.57
C PHE A 160 11.63 -31.13 13.11
N LEU A 161 12.41 -30.52 12.23
CA LEU A 161 13.74 -30.02 12.54
C LEU A 161 13.71 -28.49 12.65
N GLU A 162 14.68 -27.94 13.35
CA GLU A 162 14.92 -26.50 13.35
C GLU A 162 16.40 -26.28 13.61
N SER A 163 17.12 -25.83 12.59
CA SER A 163 18.56 -25.71 12.64
C SER A 163 18.98 -24.38 12.04
N PRO A 164 19.65 -23.49 12.80
CA PRO A 164 19.95 -23.55 14.24
C PRO A 164 18.69 -23.53 15.08
N GLY A 165 18.76 -24.02 16.32
CA GLY A 165 17.59 -23.98 17.19
C GLY A 165 17.21 -22.57 17.61
N SER A 166 15.98 -22.43 18.10
CA SER A 166 15.54 -21.14 18.61
C SER A 166 16.27 -20.79 19.90
N ILE A 167 16.70 -19.53 19.98
CA ILE A 167 17.33 -18.94 21.16
C ILE A 167 18.72 -19.50 21.44
N THR A 168 18.84 -20.83 21.54
CA THR A 168 20.11 -21.42 21.95
C THR A 168 21.01 -21.82 20.79
N MET A 169 20.49 -21.85 19.55
CA MET A 169 21.28 -21.85 18.32
C MET A 169 22.03 -23.15 18.03
N GLU A 170 21.66 -24.27 18.65
CA GLU A 170 22.33 -25.53 18.32
C GLU A 170 22.04 -25.93 16.87
N VAL A 171 23.07 -26.38 16.16
CA VAL A 171 22.90 -26.77 14.76
C VAL A 171 22.78 -28.28 14.66
N HIS A 172 21.75 -28.75 13.95
CA HIS A 172 21.54 -30.16 13.69
C HIS A 172 22.64 -30.74 12.81
N ASP A 173 22.86 -32.04 12.96
CA ASP A 173 23.56 -32.83 11.94
C ASP A 173 22.48 -33.45 11.05
N VAL A 174 21.98 -32.65 10.12
CA VAL A 174 20.83 -33.08 9.31
C VAL A 174 21.14 -34.33 8.48
N PRO A 175 22.30 -34.45 7.81
CA PRO A 175 22.55 -35.71 7.09
C PRO A 175 22.44 -36.94 7.97
N ALA A 176 22.92 -36.88 9.21
CA ALA A 176 22.81 -38.03 10.09
C ALA A 176 21.37 -38.26 10.53
N ILE A 177 20.66 -37.18 10.85
CA ILE A 177 19.27 -37.31 11.28
C ILE A 177 18.41 -37.86 10.15
N VAL A 178 18.56 -37.30 8.95
CA VAL A 178 17.75 -37.74 7.82
C VAL A 178 18.04 -39.19 7.49
N ALA A 179 19.31 -39.56 7.41
CA ALA A 179 19.65 -40.95 7.10
C ALA A 179 19.04 -41.91 8.12
N ALA A 180 19.06 -41.53 9.40
CA ALA A 180 18.55 -42.43 10.43
C ALA A 180 17.03 -42.51 10.41
N VAL A 181 16.35 -41.38 10.20
CA VAL A 181 14.90 -41.41 10.07
C VAL A 181 14.49 -42.28 8.89
N ARG A 182 15.16 -42.12 7.75
CA ARG A 182 14.77 -42.86 6.56
C ARG A 182 15.00 -44.36 6.74
N GLN A 183 15.97 -44.75 7.56
CA GLN A 183 16.20 -46.17 7.80
C GLN A 183 15.01 -46.79 8.53
N VAL A 184 14.44 -46.08 9.51
CA VAL A 184 13.34 -46.61 10.30
C VAL A 184 11.98 -46.33 9.66
N ALA A 185 11.81 -45.13 9.10
CA ALA A 185 10.53 -44.74 8.50
C ALA A 185 10.84 -44.02 7.19
N PRO A 186 10.94 -44.78 6.09
CA PRO A 186 11.35 -44.15 4.82
C PRO A 186 10.36 -43.12 4.31
N GLU A 187 9.06 -43.31 4.56
CA GLU A 187 8.03 -42.42 4.05
C GLU A 187 7.67 -41.29 5.02
N ALA A 188 8.45 -41.10 6.07
CA ALA A 188 8.19 -40.02 7.00
C ALA A 188 8.23 -38.68 6.27
N ILE A 189 7.49 -37.72 6.80
CA ILE A 189 7.51 -36.36 6.29
C ILE A 189 8.50 -35.59 7.14
N ILE A 190 9.66 -35.27 6.58
CA ILE A 190 10.70 -34.54 7.28
C ILE A 190 10.58 -33.08 6.92
N MET A 191 10.40 -32.23 7.92
CA MET A 191 10.22 -30.80 7.76
C MET A 191 11.27 -30.05 8.56
N ILE A 192 11.58 -28.83 8.13
CA ILE A 192 12.53 -27.99 8.86
C ILE A 192 12.02 -26.56 8.88
N ASP A 193 12.20 -25.91 10.02
CA ASP A 193 12.01 -24.47 10.11
C ASP A 193 13.35 -23.85 9.76
N ASN A 194 13.42 -23.26 8.57
CA ASN A 194 14.63 -22.77 7.93
C ASN A 194 14.72 -21.25 7.96
N THR A 195 14.12 -20.63 8.98
CA THR A 195 14.05 -19.17 9.04
C THR A 195 15.43 -18.54 9.22
N TRP A 196 16.24 -19.07 10.13
CA TRP A 196 17.56 -18.47 10.40
C TRP A 196 18.39 -18.36 9.13
N ALA A 197 18.30 -19.38 8.27
CA ALA A 197 19.05 -19.39 7.03
C ALA A 197 18.36 -18.65 5.90
N ALA A 198 17.17 -18.09 6.16
CA ALA A 198 16.35 -17.46 5.13
C ALA A 198 16.11 -18.41 3.96
N GLY A 199 16.17 -19.71 4.23
CA GLY A 199 15.98 -20.74 3.22
C GLY A 199 17.08 -20.86 2.19
N ILE A 200 18.09 -20.00 2.20
CA ILE A 200 19.08 -20.05 1.13
C ILE A 200 20.45 -20.41 1.68
N LEU A 201 20.70 -20.11 2.97
CA LEU A 201 21.99 -20.45 3.55
C LEU A 201 22.11 -21.93 3.91
N PHE A 202 21.00 -22.66 3.91
CA PHE A 202 20.98 -24.10 4.11
C PHE A 202 19.95 -24.67 3.14
N LYS A 203 20.42 -25.38 2.12
CA LYS A 203 19.53 -25.86 1.05
C LYS A 203 18.86 -27.16 1.52
N ALA A 204 17.85 -26.99 2.37
CA ALA A 204 17.25 -28.12 3.08
C ALA A 204 16.75 -29.20 2.12
N LEU A 205 16.13 -28.79 1.00
CA LEU A 205 15.57 -29.80 0.11
C LEU A 205 16.65 -30.62 -0.58
N ASP A 206 17.89 -30.10 -0.64
CA ASP A 206 19.02 -30.88 -1.12
C ASP A 206 19.52 -31.90 -0.10
N PHE A 207 19.04 -31.85 1.14
CA PHE A 207 19.51 -32.73 2.20
C PHE A 207 18.51 -33.84 2.54
N GLY A 208 17.54 -34.08 1.66
CA GLY A 208 16.55 -35.11 1.93
C GLY A 208 15.38 -34.67 2.79
N ILE A 209 15.31 -33.40 3.12
CA ILE A 209 14.16 -32.84 3.84
C ILE A 209 13.02 -32.64 2.84
N ASP A 210 11.79 -32.91 3.28
CA ASP A 210 10.66 -32.81 2.35
C ASP A 210 10.15 -31.38 2.19
N ILE A 211 10.04 -30.63 3.30
CA ILE A 211 9.43 -29.31 3.27
C ILE A 211 10.30 -28.35 4.07
N SER A 212 10.56 -27.18 3.52
CA SER A 212 11.32 -26.13 4.18
C SER A 212 10.39 -24.96 4.48
N ILE A 213 10.21 -24.66 5.77
CA ILE A 213 9.29 -23.63 6.25
C ILE A 213 10.10 -22.42 6.70
N GLN A 214 9.60 -21.21 6.45
CA GLN A 214 10.24 -20.08 7.08
CA GLN A 214 10.26 -19.97 6.84
C GLN A 214 9.25 -18.97 7.39
N ALA A 215 9.64 -18.21 8.39
CA ALA A 215 8.94 -16.98 8.74
C ALA A 215 9.58 -15.93 7.86
N GLY A 216 8.98 -15.70 6.70
CA GLY A 216 9.44 -14.61 5.84
C GLY A 216 9.44 -13.27 6.55
N THR A 217 8.68 -13.18 7.63
CA THR A 217 8.69 -12.08 8.59
C THR A 217 10.09 -11.61 8.94
N TYR A 219 14.10 -12.53 7.68
CA TYR A 219 15.02 -11.98 6.69
C TYR A 219 14.46 -11.76 5.28
N LEU A 220 13.48 -12.54 4.85
CA LEU A 220 12.90 -12.29 3.52
C LEU A 220 12.35 -10.88 3.44
N ILE A 221 11.51 -10.48 4.40
CA ILE A 221 11.03 -9.11 4.46
C ILE A 221 12.18 -8.17 4.80
N GLY A 222 12.92 -8.48 5.87
CA GLY A 222 14.15 -7.78 6.18
C GLY A 222 13.98 -6.38 6.74
N HIS A 223 12.76 -5.92 6.99
CA HIS A 223 12.56 -4.58 7.52
C HIS A 223 11.57 -4.53 8.68
N SER A 224 11.17 -5.69 9.21
CA SER A 224 10.36 -5.78 10.43
C SER A 224 8.97 -5.15 10.27
N ASP A 225 8.45 -5.04 9.04
CA ASP A 225 7.19 -4.32 8.83
C ASP A 225 6.17 -5.14 8.04
N ALA A 226 6.35 -6.45 7.97
CA ALA A 226 5.39 -7.30 7.30
C ALA A 226 5.54 -8.70 7.88
N MET A 227 4.46 -9.46 7.85
CA MET A 227 4.48 -10.83 8.32
C MET A 227 4.03 -11.74 7.19
N VAL A 228 4.67 -12.90 7.11
CA VAL A 228 4.51 -13.82 5.99
C VAL A 228 5.15 -15.14 6.37
N GLY A 229 4.45 -16.24 6.08
CA GLY A 229 5.02 -17.57 6.18
C GLY A 229 5.07 -18.20 4.81
N THR A 230 6.09 -19.01 4.59
CA THR A 230 6.24 -19.75 3.35
C THR A 230 6.59 -21.19 3.68
N ALA A 231 6.17 -22.10 2.80
CA ALA A 231 6.53 -23.51 2.92
C ALA A 231 6.82 -24.03 1.52
N VAL A 232 8.06 -24.44 1.28
CA VAL A 232 8.46 -24.96 -0.02
C VAL A 232 8.62 -26.46 0.11
N ALA A 233 7.86 -27.22 -0.68
CA ALA A 233 7.85 -28.66 -0.59
C ALA A 233 8.41 -29.29 -1.86
N ASN A 234 8.96 -30.50 -1.72
CA ASN A 234 9.40 -31.25 -2.87
C ASN A 234 8.17 -31.78 -3.63
N ALA A 235 8.43 -32.45 -4.75
CA ALA A 235 7.33 -32.93 -5.59
C ALA A 235 6.47 -33.96 -4.86
N ARG A 236 7.10 -34.80 -4.02
CA ARG A 236 6.32 -35.83 -3.32
C ARG A 236 5.23 -35.22 -2.44
N CYS A 237 5.56 -34.15 -1.73
CA CYS A 237 4.67 -33.61 -0.71
C CYS A 237 3.88 -32.37 -1.14
N TRP A 238 4.20 -31.77 -2.30
CA TRP A 238 3.61 -30.47 -2.61
C TRP A 238 2.10 -30.51 -2.77
N PRO A 239 1.50 -31.43 -3.56
CA PRO A 239 0.04 -31.37 -3.72
C PRO A 239 -0.72 -31.53 -2.41
N GLN A 240 -0.25 -32.38 -1.49
CA GLN A 240 -0.95 -32.52 -0.22
C GLN A 240 -0.78 -31.28 0.64
N LEU A 241 0.43 -30.72 0.70
CA LEU A 241 0.61 -29.46 1.40
C LEU A 241 -0.31 -28.39 0.82
N ARG A 242 -0.25 -28.22 -0.50
CA ARG A 242 -1.00 -27.15 -1.17
C ARG A 242 -2.49 -27.25 -0.88
N GLU A 243 -3.06 -28.44 -1.07
CA GLU A 243 -4.51 -28.55 -0.99
C GLU A 243 -5.01 -28.52 0.45
N ASN A 244 -4.26 -29.08 1.38
CA ASN A 244 -4.70 -29.06 2.78
C ASN A 244 -4.52 -27.69 3.41
N ALA A 245 -3.46 -26.95 3.05
CA ALA A 245 -3.36 -25.57 3.52
C ALA A 245 -4.46 -24.72 2.92
N TYR A 246 -4.79 -24.94 1.65
CA TYR A 246 -5.90 -24.23 1.03
C TYR A 246 -7.22 -24.53 1.72
N LEU A 247 -7.42 -25.78 2.15
CA LEU A 247 -8.66 -26.13 2.84
C LEU A 247 -8.80 -25.40 4.17
N MET A 248 -7.70 -24.99 4.76
CA MET A 248 -7.71 -24.16 5.95
C MET A 248 -7.74 -22.67 5.63
N GLY A 249 -7.92 -22.32 4.36
CA GLY A 249 -8.00 -20.92 3.97
C GLY A 249 -6.71 -20.17 4.04
N GLN A 250 -5.56 -20.86 4.00
CA GLN A 250 -4.30 -20.19 4.22
C GLN A 250 -3.82 -19.49 2.95
N MET A 251 -3.50 -18.20 3.09
CA MET A 251 -3.05 -17.41 1.96
C MET A 251 -2.29 -16.21 2.51
N LEU A 252 -1.64 -15.49 1.61
CA LEU A 252 -0.97 -14.24 1.90
C LEU A 252 -1.56 -13.14 1.02
N ASP A 253 -1.72 -11.94 1.58
CA ASP A 253 -2.27 -10.85 0.78
C ASP A 253 -1.28 -10.43 -0.31
N ALA A 254 -1.83 -9.90 -1.40
CA ALA A 254 -1.01 -9.61 -2.58
C ALA A 254 0.09 -8.60 -2.27
N ASP A 255 -0.22 -7.59 -1.46
CA ASP A 255 0.78 -6.56 -1.20
C ASP A 255 1.96 -7.12 -0.42
N THR A 256 1.69 -7.97 0.57
CA THR A 256 2.79 -8.59 1.32
C THR A 256 3.56 -9.56 0.44
N ALA A 257 2.86 -10.29 -0.44
CA ALA A 257 3.57 -11.12 -1.41
C ALA A 257 4.55 -10.28 -2.24
N TYR A 258 4.09 -9.10 -2.70
CA TYR A 258 4.99 -8.20 -3.41
C TYR A 258 6.19 -7.81 -2.54
N MET A 259 5.94 -7.45 -1.28
CA MET A 259 7.05 -7.03 -0.41
C MET A 259 7.99 -8.18 -0.08
N THR A 260 7.49 -9.42 -0.09
CA THR A 260 8.38 -10.56 0.12
C THR A 260 9.30 -10.76 -1.06
N SER A 261 8.74 -10.73 -2.28
CA SER A 261 9.56 -10.75 -3.49
C SER A 261 10.60 -9.62 -3.47
N ARG A 262 10.17 -8.43 -3.07
CA ARG A 262 11.06 -7.27 -3.05
C ARG A 262 12.21 -7.46 -2.06
N GLY A 263 11.91 -8.06 -0.90
CA GLY A 263 12.95 -8.31 0.08
C GLY A 263 14.02 -9.27 -0.41
N LEU A 264 13.65 -10.21 -1.27
CA LEU A 264 14.64 -11.12 -1.86
C LEU A 264 15.78 -10.35 -2.53
N ARG A 265 15.47 -9.19 -3.11
CA ARG A 265 16.45 -8.51 -3.96
C ARG A 265 17.66 -8.03 -3.17
N THR A 266 17.47 -7.69 -1.89
CA THR A 266 18.57 -7.23 -1.04
C THR A 266 19.00 -8.29 -0.02
N LEU A 267 18.47 -9.51 -0.13
CA LEU A 267 18.76 -10.54 0.85
C LEU A 267 20.25 -10.88 0.89
N GLY A 268 20.90 -10.86 -0.27
CA GLY A 268 22.33 -11.18 -0.30
C GLY A 268 23.17 -10.12 0.39
N VAL A 269 22.99 -8.86 0.01
CA VAL A 269 23.80 -7.80 0.61
C VAL A 269 23.49 -7.66 2.09
N ARG A 270 22.23 -7.89 2.48
CA ARG A 270 21.88 -7.82 3.90
C ARG A 270 22.54 -8.97 4.67
N LEU A 271 22.36 -10.21 4.21
CA LEU A 271 22.88 -11.36 4.96
C LEU A 271 24.40 -11.30 5.07
N ARG A 272 25.09 -10.88 4.03
CA ARG A 272 26.55 -10.79 4.12
C ARG A 272 26.96 -9.80 5.21
N GLN A 273 26.21 -8.71 5.35
CA GLN A 273 26.51 -7.75 6.42
CA GLN A 273 26.52 -7.75 6.43
C GLN A 273 26.15 -8.33 7.79
N HIS A 274 24.98 -8.97 7.91
CA HIS A 274 24.60 -9.61 9.16
C HIS A 274 25.64 -10.64 9.59
N HIS A 275 26.15 -11.40 8.62
CA HIS A 275 27.16 -12.42 8.90
C HIS A 275 28.46 -11.78 9.37
N GLU A 276 28.97 -10.82 8.60
CA GLU A 276 30.23 -10.17 8.94
C GLU A 276 30.15 -9.51 10.32
N SER A 277 29.10 -8.72 10.55
CA SER A 277 29.01 -7.99 11.81
C SER A 277 28.77 -8.93 12.99
N SER A 278 27.86 -9.90 12.85
CA SER A 278 27.53 -10.74 14.00
C SER A 278 28.68 -11.68 14.36
N LEU A 279 29.42 -12.17 13.38
CA LEU A 279 30.58 -13.00 13.69
C LEU A 279 31.66 -12.18 14.39
N ARG A 280 31.89 -10.95 13.94
CA ARG A 280 32.86 -10.08 14.60
C ARG A 280 32.47 -9.85 16.06
N ILE A 281 31.19 -9.55 16.30
CA ILE A 281 30.74 -9.33 17.67
C ILE A 281 30.83 -10.62 18.48
N ALA A 282 30.45 -11.75 17.88
CA ALA A 282 30.55 -13.04 18.55
C ALA A 282 31.98 -13.36 18.94
N GLU A 283 32.92 -13.11 18.04
CA GLU A 283 34.34 -13.36 18.34
C GLU A 283 34.80 -12.50 19.52
N TRP A 284 34.37 -11.24 19.55
CA TRP A 284 34.74 -10.36 20.65
C TRP A 284 34.11 -10.81 21.96
N LEU A 285 32.81 -11.17 21.92
CA LEU A 285 32.15 -11.68 23.13
C LEU A 285 32.87 -12.90 23.68
N ALA A 286 33.31 -13.81 22.79
CA ALA A 286 33.92 -15.05 23.24
C ALA A 286 35.23 -14.80 23.99
N GLN A 287 35.87 -13.65 23.78
CA GLN A 287 37.07 -13.30 24.54
C GLN A 287 36.73 -12.50 25.79
N HIS A 288 35.43 -12.28 26.08
CA HIS A 288 35.07 -11.31 27.11
C HIS A 288 34.98 -11.97 28.47
N PRO A 289 35.56 -11.37 29.51
CA PRO A 289 35.50 -12.00 30.85
C PRO A 289 34.09 -12.08 31.43
N GLN A 290 33.14 -11.27 30.97
CA GLN A 290 31.77 -11.33 31.46
C GLN A 290 30.88 -12.22 30.62
N VAL A 291 31.46 -13.03 29.73
CA VAL A 291 30.72 -13.92 28.85
C VAL A 291 31.18 -15.34 29.12
N ALA A 292 30.24 -16.22 29.48
CA ALA A 292 30.59 -17.60 29.76
C ALA A 292 30.65 -18.45 28.50
N ARG A 293 29.72 -18.23 27.56
CA ARG A 293 29.64 -19.02 26.35
CA ARG A 293 29.69 -19.00 26.33
C ARG A 293 28.97 -18.19 25.27
N VAL A 294 29.35 -18.41 24.02
CA VAL A 294 28.73 -17.76 22.88
C VAL A 294 28.07 -18.83 22.00
N ASN A 295 26.77 -18.67 21.74
CA ASN A 295 26.02 -19.58 20.89
C ASN A 295 25.85 -18.92 19.53
N HIS A 296 26.83 -19.06 18.67
CA HIS A 296 26.74 -18.55 17.30
C HIS A 296 27.13 -19.67 16.36
N PRO A 297 26.26 -20.09 15.44
CA PRO A 297 26.60 -21.23 14.56
C PRO A 297 27.94 -21.10 13.85
N ALA A 298 28.38 -19.88 13.53
CA ALA A 298 29.62 -19.68 12.78
C ALA A 298 30.85 -19.60 13.68
N LEU A 299 30.67 -19.50 14.99
CA LEU A 299 31.81 -19.40 15.90
C LEU A 299 32.31 -20.79 16.27
N PRO A 300 33.58 -21.12 16.07
CA PRO A 300 34.06 -22.44 16.49
C PRO A 300 33.80 -22.64 17.97
N GLY A 301 33.49 -23.88 18.33
CA GLY A 301 33.12 -24.23 19.69
C GLY A 301 31.63 -24.25 19.96
N SER A 302 30.84 -23.56 19.15
CA SER A 302 29.39 -23.55 19.36
C SER A 302 28.79 -24.90 18.97
N LYS A 303 27.67 -25.24 19.61
CA LYS A 303 27.09 -26.57 19.46
C LYS A 303 26.65 -26.80 18.02
N GLY A 304 27.21 -27.84 17.40
CA GLY A 304 26.92 -28.11 16.00
C GLY A 304 27.62 -27.21 15.02
N HIS A 305 28.63 -26.44 15.47
CA HIS A 305 29.33 -25.54 14.57
C HIS A 305 29.91 -26.28 13.37
N GLU A 306 30.49 -27.46 13.61
CA GLU A 306 31.08 -28.21 12.51
C GLU A 306 30.06 -28.56 11.45
N PHE A 307 28.81 -28.83 11.86
CA PHE A 307 27.74 -29.08 10.89
C PHE A 307 27.38 -27.81 10.14
N TRP A 308 27.36 -26.67 10.83
CA TRP A 308 27.17 -25.40 10.14
C TRP A 308 28.25 -25.17 9.09
N LYS A 309 29.51 -25.38 9.47
CA LYS A 309 30.57 -25.11 8.49
C LYS A 309 30.48 -26.05 7.29
N ARG A 310 30.11 -27.30 7.52
CA ARG A 310 30.05 -28.27 6.43
C ARG A 310 28.81 -28.08 5.56
N ASP A 311 27.66 -27.77 6.17
CA ASP A 311 26.38 -27.84 5.48
C ASP A 311 25.79 -26.50 5.09
N PHE A 312 26.17 -25.41 5.75
CA PHE A 312 25.66 -24.09 5.39
C PHE A 312 26.62 -23.40 4.43
N THR A 313 26.12 -22.37 3.74
CA THR A 313 26.95 -21.56 2.87
C THR A 313 27.12 -20.14 3.40
N GLY A 314 26.66 -19.88 4.62
CA GLY A 314 26.81 -18.58 5.23
C GLY A 314 26.06 -18.54 6.54
N SER A 315 26.08 -17.37 7.17
CA SER A 315 25.42 -17.13 8.44
C SER A 315 24.51 -15.92 8.32
N SER A 316 23.51 -15.86 9.19
CA SER A 316 22.70 -14.64 9.30
C SER A 316 23.15 -13.88 10.55
N GLY A 317 22.27 -13.10 11.16
CA GLY A 317 22.72 -12.17 12.18
C GLY A 317 22.25 -12.44 13.59
N LEU A 318 21.54 -13.54 13.81
CA LEU A 318 20.93 -13.84 15.09
C LEU A 318 21.76 -14.87 15.85
N PHE A 319 22.05 -14.59 17.13
CA PHE A 319 22.77 -15.54 17.96
C PHE A 319 22.50 -15.18 19.42
N SER A 320 23.13 -15.92 20.33
CA SER A 320 22.96 -15.68 21.76
C SER A 320 24.29 -15.91 22.47
N PHE A 321 24.35 -15.46 23.71
CA PHE A 321 25.50 -15.73 24.58
C PHE A 321 25.00 -15.80 26.01
N VAL A 322 25.75 -16.52 26.84
CA VAL A 322 25.44 -16.66 28.26
C VAL A 322 26.39 -15.76 29.05
N LEU A 323 25.82 -14.90 29.89
CA LEU A 323 26.63 -14.05 30.74
C LEU A 323 27.36 -14.87 31.81
N SER A 324 28.42 -14.27 32.36
CA SER A 324 29.20 -14.95 33.39
CA SER A 324 29.20 -14.93 33.40
C SER A 324 28.44 -15.08 34.71
N LYS A 325 27.28 -14.45 34.85
CA LYS A 325 26.49 -14.58 36.06
C LYS A 325 25.01 -14.55 35.71
N ARG A 326 24.20 -14.98 36.66
CA ARG A 326 22.76 -14.79 36.57
C ARG A 326 22.41 -13.40 37.08
N LEU A 327 21.83 -12.57 36.21
CA LEU A 327 21.44 -11.23 36.63
C LEU A 327 20.22 -11.29 37.53
N ASN A 328 20.24 -10.52 38.61
CA ASN A 328 19.02 -10.32 39.38
C ASN A 328 18.11 -9.33 38.66
N ASP A 329 16.89 -9.18 39.15
CA ASP A 329 15.93 -8.34 38.45
C ASP A 329 16.39 -6.89 38.35
N ALA A 330 17.10 -6.41 39.37
CA ALA A 330 17.61 -5.04 39.30
C ALA A 330 18.69 -4.90 38.23
N GLU A 331 19.60 -5.88 38.15
CA GLU A 331 20.65 -5.82 37.15
C GLU A 331 20.08 -6.00 35.74
N LEU A 332 19.10 -6.90 35.59
CA LEU A 332 18.49 -7.10 34.29
C LEU A 332 17.91 -5.79 33.75
N ALA A 333 17.21 -5.04 34.59
CA ALA A 333 16.66 -3.76 34.15
C ALA A 333 17.76 -2.76 33.87
N GLU A 334 18.76 -2.66 34.76
CA GLU A 334 19.86 -1.73 34.54
C GLU A 334 20.60 -2.03 33.25
N TYR A 335 20.77 -3.32 32.94
CA TYR A 335 21.37 -3.76 31.69
C TYR A 335 20.51 -3.39 30.50
N LEU A 336 19.30 -3.97 30.44
CA LEU A 336 18.49 -3.89 29.22
C LEU A 336 17.92 -2.51 28.97
N ASP A 337 17.53 -1.79 30.03
CA ASP A 337 16.80 -0.54 29.83
C ASP A 337 17.65 0.57 29.24
N ASN A 338 18.98 0.45 29.27
CA ASN A 338 19.84 1.59 29.00
C ASN A 338 20.72 1.41 27.76
N PHE A 339 20.38 0.47 26.90
CA PHE A 339 21.07 0.37 25.62
C PHE A 339 20.67 1.53 24.71
N SER A 340 21.64 2.01 23.93
CA SER A 340 21.41 3.14 23.03
C SER A 340 20.99 2.69 21.65
N LEU A 341 21.52 1.57 21.15
CA LEU A 341 21.25 1.11 19.80
C LEU A 341 20.46 -0.18 19.76
N PHE A 342 20.82 -1.16 20.58
CA PHE A 342 20.01 -2.36 20.72
C PHE A 342 18.67 -1.98 21.35
N SER A 343 17.59 -2.51 20.79
CA SER A 343 16.23 -2.34 21.30
C SER A 343 15.68 -3.68 21.77
N MET A 344 14.81 -3.63 22.77
CA MET A 344 14.09 -4.82 23.22
C MET A 344 12.85 -5.00 22.37
N ALA A 345 12.73 -6.16 21.73
CA ALA A 345 11.55 -6.51 20.95
C ALA A 345 11.65 -7.98 20.56
N TYR A 346 10.50 -8.57 20.23
CA TYR A 346 10.50 -9.89 19.64
C TYR A 346 10.68 -9.77 18.12
N SER A 347 10.75 -10.93 17.45
CA SER A 347 11.15 -11.03 16.05
C SER A 347 12.60 -10.60 15.86
N TRP A 348 13.03 -10.59 14.60
CA TRP A 348 14.41 -10.34 14.22
C TRP A 348 14.50 -10.42 12.70
N GLY A 349 15.71 -10.40 12.15
CA GLY A 349 15.84 -10.45 10.70
C GLY A 349 15.69 -9.12 10.01
N GLY A 350 15.56 -8.02 10.76
CA GLY A 350 15.42 -6.71 10.18
C GLY A 350 16.75 -5.98 10.08
N PHE A 351 16.65 -4.69 9.77
CA PHE A 351 17.85 -3.88 9.60
C PHE A 351 18.40 -3.34 10.92
N GLU A 352 17.65 -3.47 12.02
CA GLU A 352 18.08 -2.91 13.29
C GLU A 352 18.39 -4.02 14.28
N SER A 353 19.23 -3.68 15.26
CA SER A 353 19.72 -4.64 16.24
C SER A 353 18.79 -4.72 17.44
N LEU A 354 18.58 -5.95 17.93
CA LEU A 354 17.67 -6.22 19.03
C LEU A 354 18.35 -7.06 20.10
N ILE A 355 17.82 -6.97 21.31
CA ILE A 355 18.35 -7.69 22.46
C ILE A 355 17.18 -8.23 23.26
N LEU A 356 17.30 -9.47 23.73
CA LEU A 356 16.32 -10.09 24.62
C LEU A 356 17.05 -10.98 25.60
N ALA A 357 16.52 -11.05 26.83
CA ALA A 357 17.12 -11.86 27.88
C ALA A 357 16.18 -13.00 28.29
N ASN A 358 16.77 -14.14 28.62
CA ASN A 358 16.06 -15.28 29.20
C ASN A 358 16.89 -15.84 30.34
N GLN A 359 16.26 -16.09 31.47
CA GLN A 359 16.92 -16.79 32.56
C GLN A 359 16.95 -18.28 32.24
N PRO A 360 17.89 -19.03 32.84
CA PRO A 360 17.99 -20.48 32.55
C PRO A 360 16.69 -21.23 32.76
N GLU A 361 15.93 -20.90 33.80
CA GLU A 361 14.68 -21.64 34.05
C GLU A 361 13.63 -21.31 33.00
N GLN A 362 13.71 -20.14 32.38
CA GLN A 362 12.79 -19.83 31.27
C GLN A 362 13.08 -20.71 30.06
N ILE A 363 14.35 -21.03 29.83
CA ILE A 363 14.67 -21.92 28.72
C ILE A 363 14.34 -23.37 29.09
N ALA A 364 14.70 -23.78 30.31
CA ALA A 364 14.37 -25.12 30.79
C ALA A 364 12.90 -25.43 30.58
N HIS A 365 12.03 -24.44 30.81
CA HIS A 365 10.60 -24.65 30.68
C HIS A 365 10.20 -24.99 29.24
N ILE A 366 10.95 -24.54 28.25
CA ILE A 366 10.64 -24.78 26.86
C ILE A 366 11.62 -25.76 26.22
N ARG A 367 12.29 -26.60 27.02
CA ARG A 367 13.19 -27.63 26.51
C ARG A 367 12.65 -28.97 26.98
N PRO A 368 11.60 -29.48 26.35
CA PRO A 368 11.01 -30.75 26.79
C PRO A 368 11.96 -31.92 26.56
N ASP A 369 11.91 -32.88 27.49
CA ASP A 369 12.77 -34.07 27.47
C ASP A 369 14.25 -33.73 27.60
N ALA A 370 14.57 -32.54 28.10
CA ALA A 370 15.95 -32.09 28.20
C ALA A 370 16.15 -31.26 29.45
N GLU A 371 17.42 -31.05 29.80
CA GLU A 371 17.82 -30.12 30.85
C GLU A 371 18.81 -29.12 30.28
N VAL A 372 18.77 -27.89 30.80
CA VAL A 372 19.70 -26.86 30.34
C VAL A 372 21.05 -27.08 31.01
N ASP A 373 22.10 -26.63 30.33
CA ASP A 373 23.47 -26.83 30.80
C ASP A 373 24.19 -25.53 31.11
N PHE A 374 23.44 -24.46 31.40
CA PHE A 374 24.04 -23.18 31.74
C PHE A 374 23.27 -22.56 32.90
N SER A 375 23.95 -21.70 33.65
CA SER A 375 23.37 -21.04 34.80
C SER A 375 23.37 -19.52 34.72
N GLY A 376 24.09 -18.93 33.77
CA GLY A 376 24.05 -17.50 33.60
C GLY A 376 22.82 -17.05 32.82
N THR A 377 22.56 -15.75 32.87
CA THR A 377 21.50 -15.16 32.08
C THR A 377 21.85 -15.28 30.61
N LEU A 378 20.88 -15.70 29.80
CA LEU A 378 21.09 -15.81 28.35
CA LEU A 378 21.08 -15.82 28.36
C LEU A 378 20.62 -14.53 27.68
N ILE A 379 21.46 -13.99 26.81
CA ILE A 379 21.15 -12.81 26.02
C ILE A 379 21.11 -13.21 24.55
N ARG A 380 19.99 -12.98 23.89
CA ARG A 380 19.91 -13.21 22.45
C ARG A 380 20.03 -11.87 21.74
N LEU A 381 20.93 -11.79 20.77
CA LEU A 381 21.12 -10.59 19.97
C LEU A 381 20.72 -10.86 18.54
N HIS A 382 20.07 -9.88 17.92
CA HIS A 382 20.07 -9.78 16.47
C HIS A 382 20.97 -8.62 16.08
N ILE A 383 21.98 -8.90 15.25
CA ILE A 383 22.92 -7.88 14.80
C ILE A 383 22.39 -7.32 13.49
N GLY A 384 21.99 -6.05 13.50
CA GLY A 384 21.47 -5.38 12.33
C GLY A 384 22.56 -4.78 11.46
N LEU A 385 22.20 -3.74 10.73
CA LEU A 385 23.07 -3.14 9.73
C LEU A 385 23.80 -1.90 10.25
N GLU A 386 23.72 -1.63 11.55
CA GLU A 386 24.41 -0.49 12.13
C GLU A 386 25.92 -0.73 12.08
N ASN A 387 26.69 0.34 12.29
CA ASN A 387 28.14 0.23 12.36
C ASN A 387 28.56 -0.73 13.47
N VAL A 388 29.41 -1.69 13.14
CA VAL A 388 29.72 -2.77 14.08
C VAL A 388 30.48 -2.26 15.31
N ASP A 389 31.32 -1.23 15.14
CA ASP A 389 32.01 -0.68 16.30
C ASP A 389 31.05 0.04 17.24
N ASP A 390 30.01 0.66 16.68
CA ASP A 390 28.96 1.28 17.50
C ASP A 390 28.18 0.23 18.29
N LEU A 391 27.84 -0.90 17.65
CA LEU A 391 27.13 -1.96 18.36
C LEU A 391 28.03 -2.55 19.45
N GLN A 392 29.31 -2.75 19.15
CA GLN A 392 30.23 -3.22 20.18
C GLN A 392 30.29 -2.22 21.34
N ALA A 393 30.38 -0.92 21.03
CA ALA A 393 30.40 0.09 22.07
C ALA A 393 29.16 0.01 22.95
N ASP A 394 27.99 -0.19 22.33
CA ASP A 394 26.75 -0.33 23.08
C ASP A 394 26.82 -1.53 24.03
N LEU A 395 27.30 -2.67 23.52
CA LEU A 395 27.41 -3.87 24.35
C LEU A 395 28.42 -3.66 25.48
N ALA A 396 29.54 -2.99 25.18
CA ALA A 396 30.55 -2.76 26.21
C ALA A 396 30.02 -1.87 27.31
N ALA A 397 29.21 -0.87 26.97
CA ALA A 397 28.60 -0.04 27.99
C ALA A 397 27.66 -0.86 28.87
N GLY A 398 26.95 -1.81 28.26
CA GLY A 398 26.08 -2.68 29.04
C GLY A 398 26.87 -3.54 30.01
N PHE A 399 27.97 -4.13 29.54
CA PHE A 399 28.86 -4.87 30.44
C PHE A 399 29.31 -4.01 31.60
N ALA A 400 29.62 -2.75 31.35
CA ALA A 400 30.06 -1.87 32.43
C ALA A 400 28.96 -1.66 33.46
N ARG A 401 27.70 -1.68 33.04
CA ARG A 401 26.60 -1.47 33.96
C ARG A 401 26.37 -2.65 34.90
N ILE A 402 26.84 -3.85 34.54
CA ILE A 402 26.57 -5.05 35.32
C ILE A 402 27.84 -5.67 35.89
N VAL A 403 28.99 -5.02 35.74
CA VAL A 403 30.22 -5.63 36.22
C VAL A 403 30.23 -5.66 37.74
N LYS B 12 -25.76 3.09 -20.41
CA LYS B 12 -26.27 4.40 -20.79
C LYS B 12 -26.07 5.42 -19.67
N HIS B 13 -26.42 5.02 -18.45
CA HIS B 13 -26.50 5.95 -17.34
C HIS B 13 -25.16 6.05 -16.59
N LEU B 14 -25.05 7.11 -15.78
CA LEU B 14 -23.78 7.45 -15.17
C LEU B 14 -23.31 6.41 -14.15
N ASP B 15 -24.24 5.73 -13.46
CA ASP B 15 -23.82 4.74 -12.47
C ASP B 15 -23.10 3.57 -13.11
N THR B 16 -23.59 3.12 -14.27
CA THR B 16 -22.88 2.08 -15.01
C THR B 16 -21.51 2.58 -15.46
N ALA B 17 -21.42 3.84 -15.91
CA ALA B 17 -20.14 4.38 -16.35
C ALA B 17 -19.15 4.47 -15.20
N LEU B 18 -19.59 4.94 -14.03
CA LEU B 18 -18.69 5.03 -12.87
C LEU B 18 -18.16 3.66 -12.47
N VAL B 19 -19.00 2.63 -12.58
CA VAL B 19 -18.57 1.28 -12.22
C VAL B 19 -17.53 0.77 -13.21
N ASN B 20 -17.68 1.14 -14.49
CA ASN B 20 -16.89 0.51 -15.55
C ASN B 20 -15.77 1.35 -16.12
N ALA B 21 -15.74 2.66 -15.84
CA ALA B 21 -14.82 3.54 -16.55
C ALA B 21 -13.38 3.16 -16.24
N GLY B 22 -12.55 3.06 -17.29
CA GLY B 22 -11.14 2.76 -17.15
C GLY B 22 -10.79 1.30 -16.99
N ARG B 23 -11.77 0.42 -16.76
CA ARG B 23 -11.50 -0.97 -16.43
CA ARG B 23 -11.49 -0.97 -16.43
C ARG B 23 -11.42 -1.83 -17.70
N SER B 24 -10.51 -1.44 -18.59
CA SER B 24 -10.20 -2.22 -19.78
C SER B 24 -9.32 -3.40 -19.40
N LYS B 25 -9.51 -4.53 -20.10
CA LYS B 25 -8.80 -5.75 -19.74
C LYS B 25 -7.29 -5.59 -19.80
N LYS B 26 -6.77 -4.70 -20.67
CA LYS B 26 -5.33 -4.50 -20.72
C LYS B 26 -4.79 -3.93 -19.43
N TYR B 27 -5.64 -3.32 -18.61
CA TYR B 27 -5.27 -2.79 -17.31
C TYR B 27 -5.63 -3.71 -16.16
N THR B 28 -6.74 -4.45 -16.28
CA THR B 28 -7.23 -5.27 -15.18
C THR B 28 -6.61 -6.66 -15.17
N GLN B 29 -6.37 -7.23 -16.35
CA GLN B 29 -5.62 -8.47 -16.53
CA GLN B 29 -5.60 -8.47 -16.50
C GLN B 29 -6.22 -9.61 -15.70
N GLY B 30 -7.54 -9.65 -15.60
CA GLY B 30 -8.25 -10.70 -14.91
C GLY B 30 -8.94 -10.25 -13.64
N SER B 31 -8.41 -9.22 -12.97
CA SER B 31 -9.07 -8.73 -11.77
C SER B 31 -10.17 -7.74 -12.15
N VAL B 32 -11.02 -7.42 -11.17
CA VAL B 32 -12.04 -6.40 -11.37
C VAL B 32 -11.38 -5.03 -11.58
N ASN B 33 -10.42 -4.71 -10.74
CA ASN B 33 -9.74 -3.43 -10.75
C ASN B 33 -8.43 -3.51 -11.52
N SER B 34 -7.91 -2.35 -11.90
CA SER B 34 -6.62 -2.32 -12.56
CA SER B 34 -6.62 -2.32 -12.56
C SER B 34 -5.54 -2.88 -11.64
N VAL B 35 -4.54 -3.51 -12.25
CA VAL B 35 -3.38 -3.88 -11.48
C VAL B 35 -2.66 -2.61 -11.03
N ILE B 36 -1.93 -2.72 -9.93
CA ILE B 36 -1.06 -1.65 -9.46
C ILE B 36 0.33 -1.98 -9.96
N GLN B 37 0.82 -1.18 -10.91
CA GLN B 37 2.16 -1.34 -11.46
C GLN B 37 3.00 -0.20 -10.91
N ARG B 38 3.89 -0.53 -9.97
CA ARG B 38 4.77 0.44 -9.34
C ARG B 38 6.07 0.46 -10.12
N ALA B 39 6.41 1.60 -10.73
CA ALA B 39 7.60 1.59 -11.55
C ALA B 39 8.13 2.99 -11.77
N SER B 40 9.46 3.10 -11.74
CA SER B 40 10.18 4.14 -12.46
C SER B 40 10.64 3.56 -13.79
N SER B 41 11.66 2.69 -13.74
CA SER B 41 12.11 1.97 -14.92
C SER B 41 10.99 1.15 -15.54
N LEU B 42 10.80 1.30 -16.85
CA LEU B 42 9.98 0.39 -17.64
C LEU B 42 10.86 -0.23 -18.71
N VAL B 43 10.78 -1.55 -18.85
CA VAL B 43 11.79 -2.33 -19.56
C VAL B 43 11.41 -2.46 -21.03
N PHE B 44 12.38 -2.24 -21.90
CA PHE B 44 12.21 -2.44 -23.34
C PHE B 44 12.92 -3.74 -23.72
N ASP B 45 12.16 -4.69 -24.29
CA ASP B 45 12.74 -5.99 -24.63
C ASP B 45 13.74 -5.89 -25.78
N THR B 46 13.55 -4.92 -26.68
CA THR B 46 14.41 -4.75 -27.84
C THR B 46 14.62 -3.27 -28.11
N VAL B 47 15.59 -2.98 -28.97
CA VAL B 47 15.76 -1.61 -29.47
C VAL B 47 14.51 -1.19 -30.24
N GLU B 48 13.97 -2.09 -31.06
CA GLU B 48 12.74 -1.81 -31.81
C GLU B 48 11.61 -1.42 -30.87
N ALA B 49 11.46 -2.14 -29.76
CA ALA B 49 10.41 -1.83 -28.80
C ALA B 49 10.67 -0.49 -28.11
N LYS B 50 11.95 -0.16 -27.86
CA LYS B 50 12.25 1.10 -27.20
C LYS B 50 11.98 2.30 -28.12
N LYS B 51 12.36 2.18 -29.40
CA LYS B 51 12.04 3.25 -30.34
C LYS B 51 10.54 3.45 -30.44
N HIS B 52 9.77 2.37 -30.47
CA HIS B 52 8.32 2.49 -30.59
C HIS B 52 7.71 3.13 -29.35
N ALA B 53 8.21 2.75 -28.17
CA ALA B 53 7.70 3.36 -26.93
C ALA B 53 8.08 4.83 -26.84
N THR B 54 9.27 5.20 -27.32
CA THR B 54 9.69 6.60 -27.29
C THR B 54 8.76 7.48 -28.12
N ARG B 55 8.43 7.04 -29.34
CA ARG B 55 7.51 7.81 -30.17
C ARG B 55 6.14 7.92 -29.54
N ASN B 56 5.73 6.91 -28.78
CA ASN B 56 4.39 6.87 -28.21
C ASN B 56 4.41 7.11 -26.71
N ARG B 57 5.44 7.76 -26.19
CA ARG B 57 5.58 7.93 -24.74
C ARG B 57 4.49 8.81 -24.16
N ALA B 58 3.84 9.64 -24.98
CA ALA B 58 2.70 10.41 -24.52
C ALA B 58 1.37 9.84 -25.01
N ASN B 59 1.37 8.61 -25.51
CA ASN B 59 0.18 8.00 -26.12
CA ASN B 59 0.19 8.00 -26.12
C ASN B 59 -0.21 6.70 -25.43
N GLY B 60 0.07 6.59 -24.13
CA GLY B 60 -0.37 5.42 -23.39
C GLY B 60 0.44 4.16 -23.63
N GLU B 61 1.68 4.29 -24.11
CA GLU B 61 2.60 3.17 -24.20
C GLU B 61 3.63 3.28 -23.08
N LEU B 62 3.91 2.16 -22.42
CA LEU B 62 4.84 2.16 -21.30
C LEU B 62 6.21 2.63 -21.74
N PHE B 63 6.71 3.67 -21.06
CA PHE B 63 7.97 4.28 -21.44
C PHE B 63 8.80 4.63 -20.21
N TYR B 64 8.21 5.38 -19.29
CA TYR B 64 8.87 5.73 -18.04
C TYR B 64 7.81 6.04 -16.99
N GLY B 65 8.11 5.70 -15.73
CA GLY B 65 7.12 5.83 -14.68
C GLY B 65 6.60 7.24 -14.49
N ARG B 66 7.42 8.25 -14.82
CA ARG B 66 6.96 9.63 -14.71
C ARG B 66 5.85 9.93 -15.71
N ARG B 67 5.88 9.29 -16.88
CA ARG B 67 4.77 9.39 -17.83
C ARG B 67 3.58 8.55 -17.37
N GLY B 68 3.84 7.46 -16.65
CA GLY B 68 2.77 6.64 -16.13
C GLY B 68 2.97 5.16 -16.37
N THR B 69 2.30 4.34 -15.56
CA THR B 69 2.23 2.90 -15.77
C THR B 69 0.80 2.53 -16.15
N LEU B 70 0.57 1.22 -16.30
CA LEU B 70 -0.77 0.73 -16.57
C LEU B 70 -1.79 1.35 -15.63
N THR B 71 -1.41 1.53 -14.37
CA THR B 71 -2.36 2.03 -13.39
C THR B 71 -2.79 3.46 -13.69
N HIS B 72 -1.84 4.33 -14.04
CA HIS B 72 -2.19 5.69 -14.41
C HIS B 72 -3.02 5.71 -15.70
N PHE B 73 -2.65 4.89 -16.69
CA PHE B 73 -3.40 4.88 -17.95
C PHE B 73 -4.86 4.55 -17.72
N SER B 74 -5.13 3.60 -16.82
CA SER B 74 -6.50 3.21 -16.52
C SER B 74 -7.28 4.37 -15.89
N LEU B 75 -6.66 5.05 -14.92
CA LEU B 75 -7.31 6.22 -14.33
C LEU B 75 -7.53 7.32 -15.37
N GLN B 76 -6.51 7.60 -16.18
CA GLN B 76 -6.65 8.64 -17.21
C GLN B 76 -7.80 8.31 -18.16
N GLU B 77 -7.89 7.05 -18.60
CA GLU B 77 -9.01 6.64 -19.43
C GLU B 77 -10.33 6.87 -18.72
N ALA B 78 -10.41 6.51 -17.43
CA ALA B 78 -11.64 6.71 -16.67
C ALA B 78 -12.00 8.19 -16.60
N MET B 79 -11.02 9.05 -16.29
CA MET B 79 -11.34 10.47 -16.14
C MET B 79 -11.75 11.08 -17.48
N CYS B 80 -11.08 10.70 -18.57
CA CYS B 80 -11.47 11.22 -19.88
C CYS B 80 -12.88 10.79 -20.26
N GLU B 81 -13.24 9.54 -19.96
CA GLU B 81 -14.60 9.10 -20.25
C GLU B 81 -15.61 9.85 -19.39
N LEU B 82 -15.34 9.97 -18.10
CA LEU B 82 -16.33 10.56 -17.19
C LEU B 82 -16.52 12.04 -17.46
N GLU B 83 -15.45 12.76 -17.78
CA GLU B 83 -15.54 14.20 -18.00
C GLU B 83 -15.55 14.58 -19.48
N GLY B 84 -15.47 13.61 -20.39
CA GLY B 84 -15.57 13.91 -21.81
C GLY B 84 -14.42 14.70 -22.38
N GLY B 85 -13.19 14.39 -21.97
CA GLY B 85 -12.01 15.11 -22.42
C GLY B 85 -11.12 14.27 -23.32
N ALA B 86 -10.17 14.96 -23.95
CA ALA B 86 -9.18 14.30 -24.79
C ALA B 86 -7.99 13.76 -24.00
N GLY B 87 -7.74 14.30 -22.80
CA GLY B 87 -6.65 13.82 -21.97
C GLY B 87 -6.84 14.26 -20.55
N CYS B 88 -6.12 13.59 -19.64
CA CYS B 88 -6.21 13.89 -18.22
C CYS B 88 -4.82 13.88 -17.62
N ALA B 89 -4.38 15.01 -17.08
CA ALA B 89 -3.11 15.09 -16.39
C ALA B 89 -3.31 14.87 -14.91
N LEU B 90 -2.34 14.20 -14.28
CA LEU B 90 -2.40 13.84 -12.88
C LEU B 90 -1.34 14.60 -12.09
N PHE B 91 -1.66 14.91 -10.84
CA PHE B 91 -0.86 15.76 -9.98
C PHE B 91 -0.94 15.22 -8.56
N PRO B 92 0.06 15.53 -7.71
CA PRO B 92 0.06 14.99 -6.34
C PRO B 92 -1.04 15.57 -5.45
N CYS B 93 -1.66 16.69 -5.83
CA CYS B 93 -2.81 17.19 -5.09
C CYS B 93 -3.54 18.21 -5.95
N GLY B 94 -4.68 18.67 -5.44
CA GLY B 94 -5.48 19.63 -6.19
C GLY B 94 -4.76 20.96 -6.38
N ALA B 95 -4.04 21.41 -5.36
CA ALA B 95 -3.34 22.68 -5.48
C ALA B 95 -2.23 22.60 -6.53
N ALA B 96 -1.56 21.45 -6.63
CA ALA B 96 -0.57 21.26 -7.68
C ALA B 96 -1.22 21.26 -9.06
N ALA B 97 -2.44 20.71 -9.14
CA ALA B 97 -3.16 20.70 -10.41
C ALA B 97 -3.50 22.12 -10.85
N VAL B 98 -4.05 22.92 -9.95
CA VAL B 98 -4.42 24.30 -10.29
C VAL B 98 -3.18 25.08 -10.70
N ALA B 99 -2.16 25.10 -9.83
CA ALA B 99 -0.97 25.88 -10.10
C ALA B 99 -0.33 25.48 -11.43
N ASN B 100 -0.18 24.18 -11.65
CA ASN B 100 0.54 23.75 -12.83
C ASN B 100 -0.28 23.80 -14.11
N THR B 101 -1.61 23.70 -14.00
CA THR B 101 -2.42 23.89 -15.20
C THR B 101 -2.39 25.35 -15.65
N ILE B 102 -2.48 26.28 -14.70
CA ILE B 102 -2.36 27.70 -15.07
C ILE B 102 -0.99 27.98 -15.65
N LEU B 103 0.06 27.50 -14.96
CA LEU B 103 1.42 27.74 -15.41
C LEU B 103 1.67 27.19 -16.81
N ALA B 104 0.97 26.11 -17.18
CA ALA B 104 1.22 25.48 -18.46
C ALA B 104 0.83 26.36 -19.64
N PHE B 105 0.01 27.38 -19.40
CA PHE B 105 -0.52 28.19 -20.49
C PHE B 105 -0.13 29.66 -20.43
N VAL B 106 0.64 30.09 -19.44
CA VAL B 106 0.98 31.50 -19.30
C VAL B 106 2.44 31.72 -19.65
N GLU B 107 2.73 32.92 -20.11
CA GLU B 107 4.09 33.37 -20.31
C GLU B 107 4.18 34.83 -19.87
N GLN B 108 5.40 35.34 -19.81
CA GLN B 108 5.61 36.69 -19.32
C GLN B 108 4.80 37.68 -20.14
N GLY B 109 4.11 38.59 -19.45
CA GLY B 109 3.24 39.56 -20.08
C GLY B 109 1.79 39.16 -20.13
N ASP B 110 1.48 37.90 -19.87
CA ASP B 110 0.10 37.42 -19.87
C ASP B 110 -0.67 37.95 -18.66
N HIS B 111 -1.99 37.88 -18.77
CA HIS B 111 -2.91 38.28 -17.72
C HIS B 111 -3.84 37.11 -17.41
N VAL B 112 -4.11 36.89 -16.13
CA VAL B 112 -5.04 35.86 -15.67
C VAL B 112 -6.25 36.54 -15.07
N LEU B 113 -7.44 36.13 -15.51
CA LEU B 113 -8.71 36.65 -15.01
C LEU B 113 -9.39 35.53 -14.22
N MET B 114 -9.52 35.72 -12.90
CA MET B 114 -9.93 34.66 -12.00
C MET B 114 -11.09 35.13 -11.12
N THR B 115 -12.05 34.24 -10.89
CA THR B 115 -13.16 34.58 -10.00
C THR B 115 -12.63 34.90 -8.60
N ASN B 116 -13.20 35.93 -7.97
CA ASN B 116 -12.71 36.29 -6.64
C ASN B 116 -13.19 35.32 -5.57
N THR B 117 -14.01 34.33 -5.93
CA THR B 117 -14.40 33.24 -5.04
C THR B 117 -13.49 32.03 -5.20
N ALA B 118 -12.35 32.20 -5.86
CA ALA B 118 -11.44 31.09 -6.07
C ALA B 118 -10.85 30.61 -4.75
N TYR B 119 -10.61 29.31 -4.68
CA TYR B 119 -9.90 28.69 -3.57
C TYR B 119 -8.65 29.50 -3.22
N GLU B 120 -8.47 29.77 -1.92
CA GLU B 120 -7.42 30.72 -1.52
C GLU B 120 -6.03 30.32 -1.99
N PRO B 121 -5.58 29.07 -1.88
CA PRO B 121 -4.27 28.73 -2.46
C PRO B 121 -4.16 28.96 -3.95
N SER B 122 -5.26 28.86 -4.71
CA SER B 122 -5.23 29.23 -6.12
C SER B 122 -4.94 30.72 -6.29
N GLN B 123 -5.55 31.55 -5.44
CA GLN B 123 -5.28 32.98 -5.48
C GLN B 123 -3.83 33.27 -5.12
N ASP B 124 -3.33 32.63 -4.06
CA ASP B 124 -1.97 32.88 -3.60
C ASP B 124 -0.94 32.46 -4.63
N PHE B 125 -1.21 31.38 -5.37
CA PHE B 125 -0.34 31.03 -6.48
C PHE B 125 -0.24 32.17 -7.49
N CYS B 126 -1.38 32.81 -7.78
CA CYS B 126 -1.38 33.90 -8.76
C CYS B 126 -0.63 35.12 -8.25
N THR B 127 -0.90 35.52 -7.00
CA THR B 127 -0.33 36.76 -6.50
C THR B 127 1.10 36.59 -6.00
N LYS B 128 1.49 35.40 -5.58
CA LYS B 128 2.83 35.19 -5.04
CA LYS B 128 2.83 35.18 -5.03
C LYS B 128 3.79 34.51 -6.00
N ILE B 129 3.30 33.66 -6.90
CA ILE B 129 4.19 32.99 -7.84
C ILE B 129 4.14 33.70 -9.20
N LEU B 130 2.95 33.85 -9.76
CA LEU B 130 2.83 34.36 -11.12
C LEU B 130 3.31 35.80 -11.24
N ALA B 131 3.04 36.62 -10.22
CA ALA B 131 3.32 38.05 -10.32
C ALA B 131 4.81 38.31 -10.56
N LYS B 132 5.67 37.63 -9.81
CA LYS B 132 7.12 37.83 -9.99
C LYS B 132 7.65 37.24 -11.28
N LEU B 133 6.82 36.53 -12.04
CA LEU B 133 7.21 35.98 -13.34
C LEU B 133 6.65 36.79 -14.51
N GLY B 134 6.16 38.00 -14.24
CA GLY B 134 5.64 38.84 -15.30
C GLY B 134 4.21 38.56 -15.70
N VAL B 135 3.49 37.73 -14.94
CA VAL B 135 2.11 37.37 -15.25
C VAL B 135 1.20 38.05 -14.25
N THR B 136 0.31 38.92 -14.74
CA THR B 136 -0.59 39.65 -13.86
C THR B 136 -1.92 38.90 -13.69
N THR B 137 -2.60 39.23 -12.59
CA THR B 137 -3.88 38.60 -12.27
C THR B 137 -4.85 39.68 -11.79
N SER B 138 -6.07 39.66 -12.32
CA SER B 138 -7.17 40.44 -11.77
C SER B 138 -8.39 39.53 -11.63
N TRP B 139 -9.45 40.06 -11.03
CA TRP B 139 -10.50 39.24 -10.46
C TRP B 139 -11.86 39.66 -11.00
N PHE B 140 -12.87 38.83 -10.74
CA PHE B 140 -14.24 39.20 -11.10
C PHE B 140 -15.23 38.60 -10.10
N ASP B 141 -16.37 39.28 -9.96
CA ASP B 141 -17.46 38.80 -9.14
C ASP B 141 -18.04 37.53 -9.75
N PRO B 142 -18.37 36.51 -8.93
CA PRO B 142 -18.82 35.24 -9.50
C PRO B 142 -20.12 35.34 -10.28
N LEU B 143 -20.98 36.32 -10.00
CA LEU B 143 -22.24 36.48 -10.70
C LEU B 143 -22.15 37.51 -11.84
N ILE B 144 -20.95 37.78 -12.36
CA ILE B 144 -20.81 38.84 -13.36
C ILE B 144 -21.45 38.43 -14.68
N GLY B 145 -21.49 37.13 -14.97
CA GLY B 145 -22.15 36.68 -16.19
C GLY B 145 -21.57 37.30 -17.44
N ALA B 146 -22.46 37.74 -18.33
CA ALA B 146 -22.04 38.31 -19.61
C ALA B 146 -21.20 39.57 -19.45
N ASP B 147 -21.30 40.26 -18.31
CA ASP B 147 -20.57 41.50 -18.11
C ASP B 147 -19.07 41.27 -17.94
N ILE B 148 -18.61 40.02 -17.96
CA ILE B 148 -17.19 39.74 -17.86
C ILE B 148 -16.43 40.23 -19.09
N ALA B 149 -17.12 40.46 -20.21
CA ALA B 149 -16.45 40.83 -21.45
C ALA B 149 -15.55 42.05 -21.26
N ARG B 150 -16.00 43.03 -20.48
CA ARG B 150 -15.24 44.25 -20.27
C ARG B 150 -13.98 44.03 -19.45
N LEU B 151 -13.83 42.89 -18.78
CA LEU B 151 -12.63 42.60 -18.00
C LEU B 151 -11.59 41.82 -18.80
N VAL B 152 -11.95 41.32 -19.98
CA VAL B 152 -10.99 40.62 -20.82
C VAL B 152 -10.06 41.64 -21.46
N ARG B 153 -8.77 41.55 -21.16
CA ARG B 153 -7.76 42.43 -21.70
C ARG B 153 -7.14 41.83 -22.95
N PRO B 154 -6.46 42.63 -23.77
CA PRO B 154 -5.75 42.04 -24.92
C PRO B 154 -4.75 40.97 -24.51
N GLU B 155 -4.18 41.05 -23.31
CA GLU B 155 -3.19 40.09 -22.85
C GLU B 155 -3.80 38.99 -21.99
N THR B 156 -5.12 38.96 -21.85
CA THR B 156 -5.77 37.92 -21.06
C THR B 156 -5.59 36.58 -21.78
N ARG B 157 -4.95 35.64 -21.10
CA ARG B 157 -4.65 34.31 -21.62
C ARG B 157 -5.49 33.22 -20.96
N VAL B 158 -5.76 33.37 -19.67
CA VAL B 158 -6.47 32.37 -18.89
C VAL B 158 -7.64 33.06 -18.21
N VAL B 159 -8.83 32.46 -18.34
CA VAL B 159 -10.00 32.83 -17.54
C VAL B 159 -10.32 31.65 -16.63
N PHE B 160 -10.25 31.87 -15.33
CA PHE B 160 -10.28 30.79 -14.35
C PHE B 160 -11.57 30.87 -13.55
N LEU B 161 -12.40 29.85 -13.67
CA LEU B 161 -13.70 29.76 -13.02
CA LEU B 161 -13.69 29.77 -13.00
C LEU B 161 -13.64 28.81 -11.83
N GLU B 162 -14.60 28.95 -10.93
CA GLU B 162 -14.78 28.01 -9.83
C GLU B 162 -16.24 28.07 -9.42
N SER B 163 -17.00 27.04 -9.76
CA SER B 163 -18.46 27.06 -9.58
C SER B 163 -18.92 25.73 -8.99
N PRO B 164 -19.51 25.72 -7.79
CA PRO B 164 -19.72 26.86 -6.87
C PRO B 164 -18.40 27.41 -6.34
N GLY B 165 -18.39 28.66 -5.89
CA GLY B 165 -17.18 29.25 -5.34
C GLY B 165 -16.80 28.64 -4.02
N SER B 166 -15.52 28.81 -3.66
CA SER B 166 -15.04 28.27 -2.38
C SER B 166 -15.74 28.99 -1.22
N ILE B 167 -16.14 28.19 -0.23
CA ILE B 167 -16.67 28.67 1.05
C ILE B 167 -18.05 29.29 0.92
N THR B 168 -18.20 30.27 0.02
CA THR B 168 -19.46 31.01 -0.06
C THR B 168 -20.43 30.45 -1.09
N MET B 169 -19.98 29.55 -1.96
CA MET B 169 -20.81 28.65 -2.76
C MET B 169 -21.56 29.35 -3.91
N GLU B 170 -21.13 30.53 -4.34
CA GLU B 170 -21.81 31.19 -5.46
C GLU B 170 -21.62 30.39 -6.74
N VAL B 171 -22.71 30.18 -7.50
CA VAL B 171 -22.68 29.42 -8.74
C VAL B 171 -22.57 30.38 -9.93
N HIS B 172 -21.58 30.16 -10.78
CA HIS B 172 -21.43 30.93 -12.01
C HIS B 172 -22.59 30.68 -12.96
N ASP B 173 -22.87 31.68 -13.81
CA ASP B 173 -23.63 31.46 -15.04
C ASP B 173 -22.60 31.17 -16.12
N VAL B 174 -22.20 29.90 -16.22
CA VAL B 174 -21.10 29.53 -17.12
C VAL B 174 -21.43 29.82 -18.59
N PRO B 175 -22.63 29.50 -19.10
CA PRO B 175 -22.92 29.86 -20.50
C PRO B 175 -22.70 31.34 -20.80
N ALA B 176 -23.11 32.22 -19.90
CA ALA B 176 -22.98 33.66 -20.15
C ALA B 176 -21.54 34.12 -20.08
N ILE B 177 -20.77 33.57 -19.13
CA ILE B 177 -19.35 33.88 -19.04
C ILE B 177 -18.61 33.40 -20.29
N VAL B 178 -18.80 32.13 -20.66
CA VAL B 178 -18.06 31.57 -21.79
C VAL B 178 -18.40 32.32 -23.07
N ALA B 179 -19.70 32.56 -23.32
CA ALA B 179 -20.10 33.27 -24.53
C ALA B 179 -19.44 34.64 -24.61
N ALA B 180 -19.41 35.37 -23.49
CA ALA B 180 -18.82 36.71 -23.50
C ALA B 180 -17.30 36.64 -23.72
N VAL B 181 -16.63 35.69 -23.06
CA VAL B 181 -15.19 35.56 -23.24
C VAL B 181 -14.87 35.20 -24.69
N ARG B 182 -15.63 34.27 -25.27
CA ARG B 182 -15.36 33.84 -26.65
C ARG B 182 -15.58 34.97 -27.65
N GLN B 183 -16.53 35.87 -27.38
CA GLN B 183 -16.76 36.98 -28.30
C GLN B 183 -15.58 37.96 -28.32
N VAL B 184 -14.86 38.10 -27.21
CA VAL B 184 -13.77 39.04 -27.10
CA VAL B 184 -13.77 39.05 -27.14
C VAL B 184 -12.42 38.36 -27.29
N ALA B 185 -12.24 37.16 -26.74
CA ALA B 185 -10.97 36.44 -26.81
C ALA B 185 -11.25 34.97 -27.08
N PRO B 186 -11.59 34.63 -28.32
CA PRO B 186 -11.93 33.22 -28.63
C PRO B 186 -10.80 32.24 -28.34
N GLU B 187 -9.55 32.69 -28.34
CA GLU B 187 -8.41 31.81 -28.10
C GLU B 187 -8.04 31.70 -26.63
N ALA B 188 -8.77 32.35 -25.73
CA ALA B 188 -8.45 32.24 -24.31
C ALA B 188 -8.58 30.80 -23.83
N ILE B 189 -7.80 30.46 -22.81
CA ILE B 189 -7.90 29.17 -22.15
C ILE B 189 -8.83 29.35 -20.96
N ILE B 190 -10.05 28.81 -21.05
CA ILE B 190 -11.02 28.90 -19.96
C ILE B 190 -10.88 27.63 -19.13
N MET B 191 -10.65 27.82 -17.84
CA MET B 191 -10.43 26.74 -16.89
C MET B 191 -11.45 26.84 -15.77
N ILE B 192 -11.76 25.69 -15.16
CA ILE B 192 -12.64 25.70 -13.99
C ILE B 192 -12.09 24.73 -12.94
N ASP B 193 -12.18 25.14 -11.68
CA ASP B 193 -12.02 24.23 -10.57
C ASP B 193 -13.38 23.60 -10.31
N ASN B 194 -13.52 22.35 -10.71
CA ASN B 194 -14.79 21.64 -10.74
C ASN B 194 -14.85 20.60 -9.62
N THR B 195 -14.17 20.88 -8.50
CA THR B 195 -14.04 19.92 -7.41
C THR B 195 -15.38 19.65 -6.73
N TRP B 196 -16.16 20.70 -6.46
CA TRP B 196 -17.43 20.54 -5.76
C TRP B 196 -18.35 19.57 -6.49
N ALA B 197 -18.35 19.61 -7.82
CA ALA B 197 -19.17 18.71 -8.62
C ALA B 197 -18.51 17.36 -8.87
N ALA B 198 -17.30 17.14 -8.33
CA ALA B 198 -16.51 15.93 -8.58
C ALA B 198 -16.31 15.71 -10.08
N GLY B 199 -16.34 16.79 -10.85
CA GLY B 199 -16.21 16.69 -12.28
C GLY B 199 -17.40 16.12 -13.03
N ILE B 200 -18.37 15.52 -12.34
CA ILE B 200 -19.44 14.81 -13.02
C ILE B 200 -20.81 15.49 -12.85
N LEU B 201 -21.03 16.23 -11.76
CA LEU B 201 -22.29 16.92 -11.59
C LEU B 201 -22.41 18.17 -12.44
N PHE B 202 -21.30 18.64 -13.01
CA PHE B 202 -21.28 19.75 -13.96
C PHE B 202 -20.30 19.36 -15.06
N LYS B 203 -20.80 19.09 -16.26
CA LYS B 203 -19.97 18.63 -17.37
C LYS B 203 -19.30 19.84 -18.02
N ALA B 204 -18.23 20.31 -17.38
CA ALA B 204 -17.61 21.58 -17.74
C ALA B 204 -17.22 21.63 -19.21
N LEU B 205 -16.66 20.54 -19.75
CA LEU B 205 -16.20 20.57 -21.13
C LEU B 205 -17.35 20.61 -22.12
N ASP B 206 -18.55 20.19 -21.73
CA ASP B 206 -19.73 20.37 -22.56
C ASP B 206 -20.19 21.82 -22.64
N PHE B 207 -19.70 22.69 -21.77
CA PHE B 207 -20.12 24.08 -21.72
C PHE B 207 -19.14 25.03 -22.40
N GLY B 208 -18.13 24.50 -23.10
CA GLY B 208 -17.15 25.34 -23.76
C GLY B 208 -15.95 25.69 -22.91
N ILE B 209 -15.86 25.17 -21.69
CA ILE B 209 -14.64 25.29 -20.90
C ILE B 209 -13.58 24.37 -21.49
N ASP B 210 -12.32 24.80 -21.42
CA ASP B 210 -11.21 24.08 -22.04
C ASP B 210 -10.62 23.01 -21.13
N ILE B 211 -10.55 23.27 -19.83
CA ILE B 211 -9.95 22.35 -18.87
C ILE B 211 -10.80 22.32 -17.62
N SER B 212 -11.08 21.12 -17.13
CA SER B 212 -11.77 20.90 -15.86
C SER B 212 -10.74 20.38 -14.86
N ILE B 213 -10.49 21.13 -13.79
CA ILE B 213 -9.52 20.78 -12.77
C ILE B 213 -10.27 20.34 -11.53
N GLN B 214 -9.74 19.31 -10.85
CA GLN B 214 -10.38 18.73 -9.68
CA GLN B 214 -10.37 18.96 -9.59
C GLN B 214 -9.34 18.43 -8.61
N ALA B 215 -9.68 18.64 -7.34
CA ALA B 215 -8.93 18.07 -6.24
C ALA B 215 -9.56 16.71 -6.02
N GLY B 216 -8.95 15.67 -6.61
CA GLY B 216 -9.41 14.32 -6.41
C GLY B 216 -9.46 13.94 -4.94
N THR B 217 -8.66 14.67 -4.17
CA THR B 217 -8.61 14.61 -2.71
C THR B 217 -9.97 14.59 -2.03
N TYR B 219 -14.06 14.43 -3.34
CA TYR B 219 -15.01 13.37 -3.59
C TYR B 219 -14.51 12.16 -4.39
N LEU B 220 -13.52 12.34 -5.28
CA LEU B 220 -13.06 11.17 -6.04
C LEU B 220 -12.47 10.13 -5.10
N ILE B 221 -11.62 10.55 -4.18
CA ILE B 221 -11.09 9.61 -3.19
C ILE B 221 -12.18 9.24 -2.18
N GLY B 222 -12.86 10.24 -1.63
CA GLY B 222 -14.05 10.02 -0.84
C GLY B 222 -13.82 9.52 0.57
N HIS B 223 -12.57 9.38 1.01
CA HIS B 223 -12.29 8.82 2.32
C HIS B 223 -11.24 9.62 3.09
N SER B 224 -10.89 10.81 2.60
CA SER B 224 -10.02 11.76 3.31
C SER B 224 -8.63 11.19 3.59
N ASP B 225 -8.17 10.20 2.81
CA ASP B 225 -6.89 9.55 3.12
C ASP B 225 -5.95 9.49 1.93
N ALA B 226 -6.22 10.24 0.87
CA ALA B 226 -5.29 10.34 -0.24
C ALA B 226 -5.42 11.72 -0.85
N MET B 227 -4.34 12.20 -1.45
CA MET B 227 -4.35 13.49 -2.11
C MET B 227 -4.00 13.29 -3.57
N VAL B 228 -4.71 14.00 -4.45
CA VAL B 228 -4.58 13.81 -5.89
C VAL B 228 -5.26 14.97 -6.59
N GLY B 229 -4.63 15.47 -7.65
CA GLY B 229 -5.24 16.46 -8.52
C GLY B 229 -5.37 15.89 -9.92
N THR B 230 -6.44 16.28 -10.60
CA THR B 230 -6.62 15.91 -11.99
C THR B 230 -6.89 17.16 -12.80
N ALA B 231 -6.61 17.08 -14.09
CA ALA B 231 -6.98 18.16 -15.01
C ALA B 231 -7.31 17.50 -16.33
N VAL B 232 -8.57 17.54 -16.72
CA VAL B 232 -9.06 16.95 -17.96
C VAL B 232 -9.23 18.08 -18.97
N ALA B 233 -8.56 17.95 -20.11
CA ALA B 233 -8.48 19.00 -21.12
C ALA B 233 -9.17 18.56 -22.40
N ASN B 234 -9.66 19.53 -23.17
CA ASN B 234 -10.20 19.22 -24.49
C ASN B 234 -9.04 18.99 -25.47
N ALA B 235 -9.38 18.58 -26.70
CA ALA B 235 -8.34 18.25 -27.67
C ALA B 235 -7.48 19.46 -28.00
N ARG B 236 -8.05 20.66 -27.96
CA ARG B 236 -7.31 21.86 -28.28
C ARG B 236 -6.16 22.08 -27.30
N CYS B 237 -6.42 21.90 -26.00
CA CYS B 237 -5.47 22.29 -24.97
C CYS B 237 -4.71 21.13 -24.35
N TRP B 238 -5.07 19.88 -24.66
CA TRP B 238 -4.44 18.74 -23.98
C TRP B 238 -2.95 18.63 -24.24
N PRO B 239 -2.44 18.74 -25.48
CA PRO B 239 -0.99 18.54 -25.66
C PRO B 239 -0.13 19.53 -24.89
N GLN B 240 -0.51 20.82 -24.88
CA GLN B 240 0.28 21.79 -24.12
C GLN B 240 0.18 21.54 -22.63
N LEU B 241 -1.03 21.24 -22.13
CA LEU B 241 -1.18 20.91 -20.72
C LEU B 241 -0.31 19.70 -20.36
N ARG B 242 -0.42 18.64 -21.15
CA ARG B 242 0.30 17.40 -20.86
C ARG B 242 1.81 17.65 -20.79
N GLU B 243 2.36 18.30 -21.81
CA GLU B 243 3.81 18.41 -21.92
C GLU B 243 4.38 19.46 -20.97
N ASN B 244 3.66 20.54 -20.72
CA ASN B 244 4.21 21.54 -19.81
C ASN B 244 4.10 21.10 -18.35
N ALA B 245 2.98 20.45 -17.98
CA ALA B 245 2.92 19.85 -16.65
C ALA B 245 4.03 18.82 -16.47
N TYR B 246 4.30 18.05 -17.52
CA TYR B 246 5.36 17.03 -17.43
C TYR B 246 6.73 17.67 -17.25
N LEU B 247 6.95 18.82 -17.88
CA LEU B 247 8.24 19.52 -17.72
C LEU B 247 8.43 19.98 -16.28
N MET B 248 7.35 20.18 -15.53
CA MET B 248 7.42 20.49 -14.10
C MET B 248 7.47 19.23 -13.24
N GLY B 249 7.64 18.05 -13.84
CA GLY B 249 7.75 16.83 -13.09
C GLY B 249 6.48 16.35 -12.44
N GLN B 250 5.33 16.84 -12.92
CA GLN B 250 4.07 16.59 -12.23
C GLN B 250 3.54 15.21 -12.58
N MET B 251 3.20 14.45 -11.53
CA MET B 251 2.71 13.09 -11.67
C MET B 251 2.01 12.72 -10.36
N LEU B 252 1.47 11.52 -10.35
CA LEU B 252 0.78 10.94 -9.22
C LEU B 252 1.30 9.52 -9.02
N ASP B 253 1.48 9.11 -7.76
CA ASP B 253 2.00 7.77 -7.53
C ASP B 253 0.96 6.72 -7.95
N ALA B 254 1.47 5.54 -8.31
CA ALA B 254 0.60 4.51 -8.88
C ALA B 254 -0.48 4.06 -7.89
N ASP B 255 -0.14 4.00 -6.61
CA ASP B 255 -1.11 3.52 -5.62
C ASP B 255 -2.24 4.52 -5.44
N THR B 256 -1.92 5.82 -5.40
CA THR B 256 -2.99 6.81 -5.31
C THR B 256 -3.83 6.82 -6.58
N ALA B 257 -3.20 6.63 -7.74
CA ALA B 257 -3.98 6.47 -8.97
C ALA B 257 -4.98 5.33 -8.86
N TYR B 258 -4.55 4.20 -8.29
CA TYR B 258 -5.48 3.09 -8.09
C TYR B 258 -6.62 3.48 -7.14
N MET B 259 -6.29 4.18 -6.05
CA MET B 259 -7.32 4.54 -5.09
C MET B 259 -8.28 5.60 -5.65
N THR B 260 -7.82 6.41 -6.61
CA THR B 260 -8.72 7.36 -7.27
C THR B 260 -9.71 6.63 -8.16
N SER B 261 -9.22 5.75 -9.02
CA SER B 261 -10.10 4.88 -9.81
C SER B 261 -11.08 4.14 -8.93
N ARG B 262 -10.61 3.64 -7.79
CA ARG B 262 -11.45 2.85 -6.88
C ARG B 262 -12.55 3.71 -6.27
N GLY B 263 -12.24 4.97 -5.94
CA GLY B 263 -13.24 5.86 -5.41
C GLY B 263 -14.38 6.13 -6.38
N LEU B 264 -14.08 6.14 -7.69
CA LEU B 264 -15.14 6.37 -8.68
C LEU B 264 -16.27 5.37 -8.52
N ARG B 265 -15.96 4.15 -8.07
CA ARG B 265 -16.96 3.07 -8.07
C ARG B 265 -18.09 3.33 -7.10
N THR B 266 -17.82 4.08 -6.03
CA THR B 266 -18.86 4.45 -5.06
C THR B 266 -19.26 5.92 -5.18
N LEU B 267 -18.72 6.64 -6.17
CA LEU B 267 -18.97 8.07 -6.24
C LEU B 267 -20.46 8.37 -6.40
N GLY B 268 -21.17 7.52 -7.15
CA GLY B 268 -22.60 7.66 -7.32
C GLY B 268 -23.41 7.50 -6.04
N VAL B 269 -23.28 6.36 -5.36
CA VAL B 269 -24.05 6.17 -4.13
C VAL B 269 -23.63 7.19 -3.07
N ARG B 270 -22.37 7.61 -3.06
CA ARG B 270 -21.93 8.61 -2.09
C ARG B 270 -22.58 9.97 -2.37
N LEU B 271 -22.46 10.47 -3.61
CA LEU B 271 -22.95 11.81 -3.90
C LEU B 271 -24.46 11.92 -3.71
N ARG B 272 -25.21 10.86 -4.02
CA ARG B 272 -26.65 10.93 -3.81
C ARG B 272 -26.97 11.07 -2.32
N GLN B 273 -26.23 10.37 -1.46
CA GLN B 273 -26.45 10.52 -0.02
CA GLN B 273 -26.44 10.52 -0.02
C GLN B 273 -26.06 11.92 0.46
N HIS B 274 -24.88 12.40 0.03
CA HIS B 274 -24.45 13.76 0.38
C HIS B 274 -25.50 14.79 -0.06
N HIS B 275 -26.00 14.65 -1.30
CA HIS B 275 -27.03 15.57 -1.79
C HIS B 275 -28.28 15.52 -0.91
N GLU B 276 -28.83 14.33 -0.71
CA GLU B 276 -30.07 14.20 0.05
CA GLU B 276 -30.07 14.21 0.05
C GLU B 276 -29.91 14.75 1.47
N SER B 277 -28.83 14.34 2.15
CA SER B 277 -28.64 14.75 3.53
C SER B 277 -28.34 16.24 3.64
N SER B 278 -27.53 16.78 2.73
CA SER B 278 -27.12 18.18 2.87
C SER B 278 -28.28 19.12 2.56
N LEU B 279 -29.12 18.76 1.58
CA LEU B 279 -30.24 19.64 1.23
C LEU B 279 -31.28 19.64 2.34
N ARG B 280 -31.57 18.47 2.93
CA ARG B 280 -32.50 18.41 4.05
C ARG B 280 -32.01 19.27 5.22
N ILE B 281 -30.70 19.28 5.47
CA ILE B 281 -30.16 20.11 6.53
CA ILE B 281 -30.17 20.12 6.54
C ILE B 281 -30.25 21.58 6.14
N ALA B 282 -29.87 21.91 4.90
CA ALA B 282 -29.96 23.28 4.43
C ALA B 282 -31.39 23.82 4.47
N GLU B 283 -32.37 22.96 4.16
CA GLU B 283 -33.76 23.40 4.24
C GLU B 283 -34.16 23.72 5.68
N TRP B 284 -33.66 22.94 6.63
CA TRP B 284 -33.93 23.21 8.04
C TRP B 284 -33.23 24.47 8.52
N LEU B 285 -31.95 24.62 8.15
CA LEU B 285 -31.21 25.83 8.48
C LEU B 285 -31.86 27.07 7.89
N ALA B 286 -32.45 26.95 6.70
CA ALA B 286 -33.01 28.12 6.03
C ALA B 286 -34.24 28.67 6.74
N GLN B 287 -34.91 27.88 7.58
CA GLN B 287 -36.02 28.38 8.37
C GLN B 287 -35.63 28.62 9.83
N HIS B 288 -34.35 28.50 10.17
CA HIS B 288 -33.93 28.55 11.56
C HIS B 288 -33.77 29.99 12.03
N PRO B 289 -34.24 30.34 13.23
CA PRO B 289 -34.12 31.74 13.68
C PRO B 289 -32.68 32.15 13.98
N GLN B 290 -31.76 31.23 14.20
CA GLN B 290 -30.38 31.60 14.45
C GLN B 290 -29.54 31.62 13.19
N VAL B 291 -30.18 31.57 12.01
CA VAL B 291 -29.50 31.56 10.73
C VAL B 291 -30.01 32.72 9.89
N ALA B 292 -29.08 33.46 9.28
CA ALA B 292 -29.43 34.59 8.43
C ALA B 292 -29.56 34.20 6.96
N ARG B 293 -28.72 33.27 6.50
CA ARG B 293 -28.59 32.97 5.08
C ARG B 293 -28.01 31.57 4.94
N VAL B 294 -28.48 30.83 3.93
CA VAL B 294 -27.92 29.51 3.63
C VAL B 294 -27.33 29.55 2.23
N ASN B 295 -26.05 29.17 2.12
CA ASN B 295 -25.35 29.12 0.84
C ASN B 295 -25.24 27.66 0.41
N HIS B 296 -26.31 27.14 -0.18
CA HIS B 296 -26.32 25.79 -0.74
C HIS B 296 -26.80 25.90 -2.18
N PRO B 297 -25.97 25.52 -3.16
CA PRO B 297 -26.38 25.66 -4.57
C PRO B 297 -27.74 25.05 -4.90
N ALA B 298 -28.13 23.98 -4.21
CA ALA B 298 -29.37 23.28 -4.49
C ALA B 298 -30.58 23.89 -3.80
N LEU B 299 -30.37 24.85 -2.90
CA LEU B 299 -31.47 25.46 -2.15
C LEU B 299 -31.97 26.69 -2.89
N PRO B 300 -33.28 26.77 -3.16
CA PRO B 300 -33.81 27.98 -3.79
C PRO B 300 -33.48 29.25 -3.00
N GLY B 301 -33.12 30.30 -3.73
CA GLY B 301 -32.73 31.56 -3.14
C GLY B 301 -31.23 31.72 -2.94
N SER B 302 -30.47 30.63 -2.98
CA SER B 302 -29.02 30.75 -2.88
C SER B 302 -28.47 31.40 -4.14
N LYS B 303 -27.33 32.08 -4.00
CA LYS B 303 -26.76 32.85 -5.10
C LYS B 303 -26.39 31.94 -6.26
N GLY B 304 -27.01 32.17 -7.41
CA GLY B 304 -26.77 31.35 -8.58
C GLY B 304 -27.49 30.02 -8.59
N HIS B 305 -28.46 29.82 -7.70
CA HIS B 305 -29.20 28.56 -7.65
C HIS B 305 -29.85 28.24 -8.99
N GLU B 306 -30.38 29.25 -9.67
CA GLU B 306 -31.02 29.01 -10.96
C GLU B 306 -30.04 28.45 -11.97
N PHE B 307 -28.77 28.84 -11.90
CA PHE B 307 -27.76 28.26 -12.77
C PHE B 307 -27.43 26.83 -12.36
N TRP B 308 -27.35 26.57 -11.06
CA TRP B 308 -27.20 25.20 -10.58
C TRP B 308 -28.32 24.32 -11.12
N LYS B 309 -29.57 24.78 -10.99
CA LYS B 309 -30.70 23.97 -11.41
C LYS B 309 -30.66 23.69 -12.91
N ARG B 310 -30.25 24.69 -13.70
CA ARG B 310 -30.25 24.56 -15.15
C ARG B 310 -29.07 23.71 -15.64
N ASP B 311 -27.89 23.87 -15.03
CA ASP B 311 -26.65 23.37 -15.60
C ASP B 311 -26.06 22.17 -14.88
N PHE B 312 -26.42 21.93 -13.62
CA PHE B 312 -25.91 20.80 -12.88
C PHE B 312 -26.87 19.62 -12.97
N THR B 313 -26.35 18.43 -12.70
CA THR B 313 -27.17 17.22 -12.66
C THR B 313 -27.29 16.66 -11.25
N GLY B 314 -26.81 17.38 -10.26
CA GLY B 314 -26.92 16.97 -8.88
C GLY B 314 -26.12 17.90 -8.00
N SER B 315 -26.10 17.57 -6.71
CA SER B 315 -25.38 18.35 -5.72
C SER B 315 -24.48 17.43 -4.92
N SER B 316 -23.43 18.00 -4.35
CA SER B 316 -22.63 17.26 -3.39
C SER B 316 -23.05 17.73 -1.99
N GLY B 317 -22.20 17.49 -0.99
CA GLY B 317 -22.58 17.70 0.39
C GLY B 317 -21.99 18.90 1.08
N LEU B 318 -21.27 19.76 0.37
CA LEU B 318 -20.56 20.88 0.97
C LEU B 318 -21.34 22.17 0.74
N PHE B 319 -21.61 22.90 1.82
CA PHE B 319 -22.28 24.18 1.73
C PHE B 319 -21.94 25.00 2.96
N SER B 320 -22.43 26.24 3.00
CA SER B 320 -22.17 27.11 4.14
C SER B 320 -23.45 27.83 4.53
N PHE B 321 -23.46 28.36 5.75
CA PHE B 321 -24.54 29.24 6.17
C PHE B 321 -23.94 30.35 7.02
N VAL B 322 -24.66 31.45 7.10
CA VAL B 322 -24.28 32.62 7.88
C VAL B 322 -25.19 32.66 9.09
N LEU B 323 -24.60 32.67 10.27
CA LEU B 323 -25.37 32.80 11.50
C LEU B 323 -25.99 34.19 11.59
N SER B 324 -27.12 34.28 12.29
CA SER B 324 -27.75 35.57 12.49
C SER B 324 -26.87 36.52 13.30
N LYS B 325 -25.79 36.02 13.89
CA LYS B 325 -24.98 36.82 14.80
C LYS B 325 -23.51 36.60 14.51
N ARG B 326 -22.69 37.60 14.86
CA ARG B 326 -21.24 37.44 14.85
C ARG B 326 -20.82 36.84 16.19
N LEU B 327 -20.30 35.63 16.16
CA LEU B 327 -19.84 34.98 17.37
C LEU B 327 -18.50 35.57 17.81
N ASN B 328 -18.34 35.78 19.10
CA ASN B 328 -17.04 36.12 19.63
C ASN B 328 -16.25 34.82 19.88
N ASP B 329 -15.00 34.96 20.31
CA ASP B 329 -14.12 33.80 20.39
C ASP B 329 -14.62 32.82 21.46
N ALA B 330 -15.14 33.33 22.57
CA ALA B 330 -15.67 32.43 23.60
C ALA B 330 -16.83 31.62 23.06
N GLU B 331 -17.73 32.28 22.33
CA GLU B 331 -18.85 31.56 21.71
C GLU B 331 -18.37 30.58 20.65
N LEU B 332 -17.37 30.97 19.86
CA LEU B 332 -16.83 30.08 18.84
C LEU B 332 -16.30 28.80 19.45
N ALA B 333 -15.60 28.91 20.58
CA ALA B 333 -15.06 27.72 21.23
C ALA B 333 -16.19 26.88 21.82
N GLU B 334 -17.11 27.52 22.55
CA GLU B 334 -18.26 26.79 23.11
C GLU B 334 -19.06 26.09 22.01
N TYR B 335 -19.18 26.74 20.85
CA TYR B 335 -19.91 26.15 19.73
C TYR B 335 -19.12 25.02 19.09
N LEU B 336 -17.92 25.33 18.59
CA LEU B 336 -17.20 24.37 17.75
C LEU B 336 -16.60 23.22 18.54
N ASP B 337 -16.10 23.49 19.76
CA ASP B 337 -15.36 22.47 20.49
C ASP B 337 -16.24 21.31 20.95
N ASN B 338 -17.56 21.49 21.00
CA ASN B 338 -18.42 20.56 21.71
C ASN B 338 -19.38 19.82 20.80
N PHE B 339 -19.15 19.83 19.49
CA PHE B 339 -19.88 18.95 18.60
C PHE B 339 -19.53 17.49 18.85
N SER B 340 -20.51 16.62 18.71
CA SER B 340 -20.32 15.19 18.91
C SER B 340 -19.95 14.47 17.62
N LEU B 341 -20.47 14.94 16.49
CA LEU B 341 -20.29 14.24 15.21
C LEU B 341 -19.56 15.06 14.18
N PHE B 342 -19.83 16.36 14.08
CA PHE B 342 -19.05 17.23 13.23
C PHE B 342 -17.67 17.46 13.85
N SER B 343 -16.64 17.42 13.01
CA SER B 343 -15.27 17.67 13.46
C SER B 343 -14.69 18.86 12.71
N MET B 344 -13.74 19.52 13.36
CA MET B 344 -12.99 20.61 12.74
C MET B 344 -11.81 20.03 11.96
N ALA B 345 -11.78 20.29 10.65
CA ALA B 345 -10.67 19.87 9.81
C ALA B 345 -10.79 20.62 8.50
N TYR B 346 -9.66 20.75 7.80
CA TYR B 346 -9.71 21.25 6.45
C TYR B 346 -10.01 20.09 5.50
N SER B 347 -10.14 20.42 4.21
CA SER B 347 -10.64 19.51 3.19
C SER B 347 -12.07 19.08 3.49
N TRP B 348 -12.58 18.16 2.68
CA TRP B 348 -13.97 17.73 2.70
C TRP B 348 -14.16 16.66 1.64
N GLY B 349 -15.41 16.29 1.38
CA GLY B 349 -15.66 15.28 0.37
C GLY B 349 -15.46 13.85 0.82
N GLY B 350 -15.28 13.62 2.12
CA GLY B 350 -15.13 12.29 2.65
C GLY B 350 -16.45 11.72 3.17
N PHE B 351 -16.33 10.64 3.95
CA PHE B 351 -17.51 9.98 4.49
C PHE B 351 -18.02 10.62 5.77
N GLU B 352 -17.23 11.49 6.40
CA GLU B 352 -17.58 12.04 7.69
C GLU B 352 -17.89 13.53 7.59
N SER B 353 -18.60 14.04 8.58
CA SER B 353 -19.09 15.40 8.56
C SER B 353 -18.10 16.35 9.23
N LEU B 354 -17.94 17.54 8.63
CA LEU B 354 -16.94 18.50 9.07
C LEU B 354 -17.58 19.87 9.24
N ILE B 355 -16.96 20.69 10.08
CA ILE B 355 -17.43 22.05 10.34
C ILE B 355 -16.23 22.97 10.48
N LEU B 356 -16.35 24.17 9.91
CA LEU B 356 -15.34 25.21 10.05
C LEU B 356 -16.06 26.55 10.11
N ALA B 357 -15.42 27.52 10.74
CA ALA B 357 -15.97 28.87 10.84
C ALA B 357 -15.01 29.88 10.23
N ASN B 358 -15.58 30.94 9.66
CA ASN B 358 -14.84 32.09 9.21
C ASN B 358 -15.61 33.34 9.56
N GLN B 359 -14.92 34.37 10.04
CA GLN B 359 -15.56 35.65 10.23
C GLN B 359 -15.62 36.40 8.91
N PRO B 360 -16.53 37.39 8.78
CA PRO B 360 -16.62 38.14 7.52
C PRO B 360 -15.33 38.78 7.07
N GLU B 361 -14.54 39.35 7.99
CA GLU B 361 -13.28 39.97 7.58
C GLU B 361 -12.30 38.94 7.05
N GLN B 362 -12.39 37.70 7.52
CA GLN B 362 -11.54 36.64 7.00
C GLN B 362 -11.91 36.30 5.56
N ILE B 363 -13.22 36.24 5.28
CA ILE B 363 -13.66 36.04 3.90
C ILE B 363 -13.29 37.26 3.05
N ALA B 364 -13.46 38.46 3.60
CA ALA B 364 -13.13 39.68 2.86
C ALA B 364 -11.68 39.67 2.41
N HIS B 365 -10.79 39.19 3.27
CA HIS B 365 -9.36 39.12 2.93
C HIS B 365 -9.12 38.28 1.68
N ILE B 366 -9.96 37.27 1.42
CA ILE B 366 -9.73 36.39 0.28
C ILE B 366 -10.80 36.61 -0.79
N ARG B 367 -11.38 37.81 -0.83
CA ARG B 367 -12.23 38.25 -1.93
C ARG B 367 -11.56 39.49 -2.51
N PRO B 368 -10.54 39.30 -3.35
CA PRO B 368 -9.74 40.45 -3.79
C PRO B 368 -10.56 41.44 -4.60
N ASP B 369 -10.25 42.73 -4.38
CA ASP B 369 -10.93 43.85 -5.03
C ASP B 369 -12.43 43.83 -4.77
N ALA B 370 -12.83 43.29 -3.61
CA ALA B 370 -14.24 43.15 -3.27
C ALA B 370 -14.38 43.15 -1.76
N GLU B 371 -15.63 43.26 -1.31
CA GLU B 371 -16.00 43.15 0.09
C GLU B 371 -17.16 42.18 0.20
N VAL B 372 -17.45 41.74 1.43
CA VAL B 372 -18.53 40.78 1.66
C VAL B 372 -19.78 41.53 2.11
N ASP B 373 -20.92 40.87 1.94
CA ASP B 373 -22.23 41.50 2.16
C ASP B 373 -22.94 40.97 3.40
N PHE B 374 -22.20 40.38 4.33
CA PHE B 374 -22.81 39.85 5.55
C PHE B 374 -21.92 40.20 6.74
N SER B 375 -22.54 40.19 7.93
CA SER B 375 -21.87 40.50 9.18
C SER B 375 -21.80 39.32 10.13
N GLY B 376 -22.56 38.26 9.87
CA GLY B 376 -22.56 37.13 10.78
C GLY B 376 -21.43 36.17 10.51
N THR B 377 -21.13 35.35 11.51
CA THR B 377 -20.11 34.33 11.37
C THR B 377 -20.57 33.29 10.36
N LEU B 378 -19.68 32.94 9.43
CA LEU B 378 -19.97 31.96 8.40
C LEU B 378 -19.52 30.58 8.86
N ILE B 379 -20.39 29.60 8.68
CA ILE B 379 -20.13 28.21 9.05
C ILE B 379 -20.21 27.39 7.78
N ARG B 380 -19.11 26.74 7.42
CA ARG B 380 -19.11 25.81 6.28
C ARG B 380 -19.23 24.39 6.81
N LEU B 381 -20.18 23.65 6.27
CA LEU B 381 -20.40 22.27 6.65
C LEU B 381 -20.07 21.35 5.49
N HIS B 382 -19.42 20.23 5.79
CA HIS B 382 -19.47 19.08 4.90
C HIS B 382 -20.36 18.04 5.54
N ILE B 383 -21.40 17.62 4.81
CA ILE B 383 -22.35 16.64 5.30
C ILE B 383 -21.90 15.28 4.81
N GLY B 384 -21.41 14.44 5.72
CA GLY B 384 -20.94 13.11 5.40
C GLY B 384 -22.06 12.10 5.31
N LEU B 385 -21.73 10.84 5.59
CA LEU B 385 -22.67 9.74 5.43
C LEU B 385 -23.32 9.31 6.74
N GLU B 386 -23.20 10.11 7.79
CA GLU B 386 -23.86 9.77 9.04
C GLU B 386 -25.38 9.90 8.90
N ASN B 387 -26.11 9.36 9.89
CA ASN B 387 -27.56 9.51 9.92
C ASN B 387 -27.93 10.99 9.95
N VAL B 388 -28.81 11.41 9.03
CA VAL B 388 -29.04 12.85 8.88
C VAL B 388 -29.72 13.41 10.11
N ASP B 389 -30.53 12.61 10.81
CA ASP B 389 -31.18 13.11 12.01
C ASP B 389 -30.18 13.31 13.14
N ASP B 390 -29.19 12.41 13.25
CA ASP B 390 -28.10 12.61 14.19
C ASP B 390 -27.37 13.91 13.90
N LEU B 391 -27.08 14.17 12.62
CA LEU B 391 -26.35 15.38 12.27
C LEU B 391 -27.17 16.62 12.59
N GLN B 392 -28.47 16.61 12.28
CA GLN B 392 -29.29 17.75 12.64
C GLN B 392 -29.35 17.93 14.15
N ALA B 393 -29.41 16.83 14.91
CA ALA B 393 -29.42 16.94 16.36
C ALA B 393 -28.12 17.52 16.88
N ASP B 394 -27.00 17.16 16.26
CA ASP B 394 -25.71 17.73 16.63
C ASP B 394 -25.68 19.23 16.36
N LEU B 395 -26.22 19.65 15.22
CA LEU B 395 -26.27 21.08 14.90
C LEU B 395 -27.22 21.82 15.84
N ALA B 396 -28.34 21.18 16.20
CA ALA B 396 -29.29 21.82 17.12
C ALA B 396 -28.67 22.02 18.49
N ALA B 397 -27.89 21.04 18.98
CA ALA B 397 -27.20 21.22 20.24
C ALA B 397 -26.18 22.35 20.16
N GLY B 398 -25.56 22.53 19.00
CA GLY B 398 -24.68 23.67 18.82
C GLY B 398 -25.43 24.99 18.92
N PHE B 399 -26.54 25.11 18.18
CA PHE B 399 -27.38 26.30 18.30
C PHE B 399 -27.75 26.58 19.74
N ALA B 400 -28.11 25.54 20.49
CA ALA B 400 -28.53 25.74 21.86
C ALA B 400 -27.39 26.24 22.75
N ARG B 401 -26.15 25.94 22.37
CA ARG B 401 -25.01 26.41 23.15
C ARG B 401 -24.75 27.91 22.97
N ILE B 402 -25.20 28.50 21.86
CA ILE B 402 -24.91 29.90 21.57
C ILE B 402 -26.15 30.79 21.60
N VAL B 403 -27.34 30.22 21.81
CA VAL B 403 -28.57 31.02 21.72
C VAL B 403 -28.64 32.06 22.83
N HIS C 13 29.91 5.37 11.42
CA HIS C 13 28.76 5.93 12.11
C HIS C 13 27.59 6.19 11.15
N LEU C 14 27.92 6.40 9.86
CA LEU C 14 26.88 6.63 8.86
C LEU C 14 25.93 5.44 8.76
N ASP C 15 26.47 4.21 8.87
CA ASP C 15 25.59 3.05 8.83
C ASP C 15 24.63 3.07 10.00
N THR C 16 25.10 3.48 11.18
CA THR C 16 24.21 3.62 12.33
C THR C 16 23.17 4.72 12.07
N ALA C 17 23.60 5.83 11.47
CA ALA C 17 22.66 6.93 11.19
C ALA C 17 21.64 6.52 10.14
N LEU C 18 22.05 5.76 9.12
CA LEU C 18 21.11 5.29 8.12
C LEU C 18 20.03 4.41 8.74
N VAL C 19 20.41 3.59 9.71
CA VAL C 19 19.44 2.71 10.35
C VAL C 19 18.48 3.50 11.24
N ASN C 20 18.94 4.59 11.85
CA ASN C 20 18.16 5.25 12.90
C ASN C 20 17.53 6.58 12.49
N ALA C 21 17.94 7.17 11.37
CA ALA C 21 17.50 8.52 11.06
C ALA C 21 15.99 8.59 10.88
N GLY C 22 15.36 9.57 11.54
CA GLY C 22 13.92 9.77 11.46
C GLY C 22 13.07 8.86 12.31
N ARG C 23 13.64 7.86 12.98
CA ARG C 23 12.85 6.88 13.72
CA ARG C 23 12.84 6.88 13.72
C ARG C 23 12.69 7.28 15.18
N SER C 24 12.09 8.45 15.39
CA SER C 24 11.75 8.92 16.73
C SER C 24 10.43 8.31 17.17
N LYS C 25 10.29 8.11 18.49
CA LYS C 25 9.12 7.41 19.01
C LYS C 25 7.81 8.10 18.62
N LYS C 26 7.81 9.43 18.53
CA LYS C 26 6.58 10.13 18.17
C LYS C 26 6.09 9.73 16.79
N TYR C 27 6.97 9.21 15.94
CA TYR C 27 6.57 8.75 14.61
C TYR C 27 6.36 7.25 14.55
N THR C 28 7.13 6.47 15.30
CA THR C 28 7.07 5.02 15.21
C THR C 28 6.00 4.41 16.11
N GLN C 29 5.72 5.02 17.26
CA GLN C 29 4.61 4.60 18.12
CA GLN C 29 4.63 4.61 18.15
C GLN C 29 4.70 3.12 18.49
N GLY C 30 5.91 2.64 18.70
CA GLY C 30 6.15 1.28 19.14
C GLY C 30 6.65 0.33 18.06
N SER C 31 6.40 0.63 16.79
CA SER C 31 6.95 -0.22 15.74
C SER C 31 8.35 0.24 15.40
N VAL C 32 9.04 -0.57 14.58
CA VAL C 32 10.40 -0.23 14.18
C VAL C 32 10.38 0.97 13.25
N ASN C 33 9.46 0.98 12.29
CA ASN C 33 9.36 2.03 11.29
C ASN C 33 8.25 3.02 11.66
N SER C 34 8.27 4.17 11.00
CA SER C 34 7.23 5.15 11.23
CA SER C 34 7.23 5.16 11.19
C SER C 34 5.88 4.58 10.83
N VAL C 35 4.83 5.03 11.52
CA VAL C 35 3.49 4.67 11.08
C VAL C 35 3.21 5.36 9.74
N ILE C 36 2.30 4.77 8.98
CA ILE C 36 1.81 5.36 7.74
C ILE C 36 0.51 6.05 8.08
N GLN C 37 0.51 7.38 8.03
CA GLN C 37 -0.67 8.18 8.32
C GLN C 37 -1.14 8.77 7.00
N ARG C 38 -2.21 8.21 6.45
CA ARG C 38 -2.78 8.67 5.18
C ARG C 38 -3.82 9.74 5.47
N ALA C 39 -3.61 10.95 4.95
CA ALA C 39 -4.53 12.00 5.35
C ALA C 39 -4.49 13.19 4.40
N SER C 40 -5.67 13.71 4.09
CA SER C 40 -5.83 15.10 3.70
C SER C 40 -6.26 15.86 4.94
N SER C 41 -7.53 15.71 5.33
CA SER C 41 -8.03 16.29 6.56
C SER C 41 -7.20 15.86 7.76
N LEU C 42 -6.84 16.83 8.60
CA LEU C 42 -6.28 16.55 9.92
C LEU C 42 -7.15 17.27 10.95
N VAL C 43 -7.53 16.55 11.99
CA VAL C 43 -8.63 16.96 12.86
C VAL C 43 -8.10 17.79 14.02
N PHE C 44 -8.78 18.90 14.29
CA PHE C 44 -8.51 19.75 15.44
C PHE C 44 -9.60 19.52 16.47
N ASP C 45 -9.22 19.10 17.67
CA ASP C 45 -10.20 18.81 18.71
C ASP C 45 -10.88 20.08 19.22
N THR C 46 -10.15 21.19 19.23
CA THR C 46 -10.67 22.45 19.74
C THR C 46 -10.19 23.60 18.86
N VAL C 47 -10.83 24.75 19.02
CA VAL C 47 -10.36 25.96 18.37
C VAL C 47 -8.92 26.27 18.79
N GLU C 48 -8.62 26.07 20.09
CA GLU C 48 -7.26 26.30 20.55
C GLU C 48 -6.27 25.41 19.81
N ALA C 49 -6.61 24.13 19.65
CA ALA C 49 -5.75 23.21 18.92
C ALA C 49 -5.56 23.66 17.47
N LYS C 50 -6.61 24.14 16.83
CA LYS C 50 -6.49 24.58 15.44
C LYS C 50 -5.59 25.81 15.35
N LYS C 51 -5.74 26.75 16.29
CA LYS C 51 -4.86 27.90 16.33
C LYS C 51 -3.40 27.49 16.49
N HIS C 52 -3.13 26.52 17.39
CA HIS C 52 -1.76 26.09 17.61
C HIS C 52 -1.21 25.38 16.37
N ALA C 53 -2.03 24.58 15.70
CA ALA C 53 -1.57 23.88 14.51
C ALA C 53 -1.37 24.84 13.35
N THR C 54 -2.19 25.88 13.26
CA THR C 54 -2.01 26.88 12.21
C THR C 54 -0.68 27.61 12.37
N ARG C 55 -0.37 28.04 13.60
CA ARG C 55 0.90 28.72 13.84
C ARG C 55 2.09 27.84 13.51
N ASN C 56 1.96 26.52 13.71
CA ASN C 56 3.07 25.59 13.51
C ASN C 56 2.90 24.73 12.27
N ARG C 57 2.10 25.19 11.30
CA ARG C 57 1.77 24.36 10.13
C ARG C 57 3.00 24.07 9.26
N ALA C 58 4.04 24.88 9.35
CA ALA C 58 5.31 24.57 8.70
C ALA C 58 6.35 24.10 9.69
N ASN C 59 5.94 23.77 10.92
CA ASN C 59 6.84 23.43 12.01
C ASN C 59 6.59 22.02 12.53
N GLY C 60 6.16 21.11 11.67
CA GLY C 60 6.04 19.73 12.05
C GLY C 60 4.87 19.40 12.95
N GLU C 61 3.87 20.26 13.00
CA GLU C 61 2.63 19.98 13.71
C GLU C 61 1.55 19.65 12.69
N LEU C 62 0.77 18.60 12.99
CA LEU C 62 -0.29 18.17 12.08
C LEU C 62 -1.27 19.32 11.81
N PHE C 63 -1.42 19.66 10.53
CA PHE C 63 -2.28 20.78 10.12
C PHE C 63 -3.10 20.42 8.90
N TYR C 64 -2.44 19.97 7.83
CA TYR C 64 -3.14 19.57 6.61
C TYR C 64 -2.26 18.63 5.81
N GLY C 65 -2.88 17.62 5.20
CA GLY C 65 -2.12 16.60 4.50
C GLY C 65 -1.14 17.14 3.47
N ARG C 66 -1.44 18.28 2.85
CA ARG C 66 -0.51 18.85 1.87
C ARG C 66 0.79 19.28 2.53
N ARG C 67 0.73 19.72 3.79
CA ARG C 67 1.94 20.03 4.56
C ARG C 67 2.62 18.78 5.09
N GLY C 68 1.90 17.68 5.24
CA GLY C 68 2.51 16.43 5.64
C GLY C 68 1.84 15.80 6.86
N THR C 69 1.96 14.49 7.00
CA THR C 69 1.52 13.78 8.19
C THR C 69 2.75 13.33 8.97
N LEU C 70 2.54 12.52 10.01
CA LEU C 70 3.67 12.01 10.78
C LEU C 70 4.69 11.33 9.87
N THR C 71 4.20 10.65 8.82
CA THR C 71 5.09 9.87 7.96
C THR C 71 6.02 10.78 7.16
N HIS C 72 5.50 11.91 6.68
CA HIS C 72 6.37 12.88 6.01
C HIS C 72 7.37 13.49 6.99
N PHE C 73 6.89 13.86 8.18
CA PHE C 73 7.76 14.49 9.18
C PHE C 73 8.95 13.59 9.50
N SER C 74 8.71 12.28 9.59
CA SER C 74 9.78 11.34 9.88
C SER C 74 10.82 11.30 8.77
N LEU C 75 10.36 11.26 7.51
CA LEU C 75 11.28 11.28 6.38
C LEU C 75 12.07 12.59 6.33
N GLN C 76 11.38 13.71 6.55
CA GLN C 76 12.07 15.01 6.52
C GLN C 76 13.16 15.09 7.58
N GLU C 77 12.86 14.60 8.79
CA GLU C 77 13.86 14.57 9.84
CA GLU C 77 13.87 14.59 9.83
C GLU C 77 15.05 13.72 9.43
N ALA C 78 14.79 12.56 8.82
CA ALA C 78 15.88 11.68 8.39
C ALA C 78 16.74 12.35 7.33
N MET C 79 16.11 12.95 6.32
CA MET C 79 16.88 13.58 5.25
C MET C 79 17.69 14.76 5.77
N CYS C 80 17.12 15.56 6.68
CA CYS C 80 17.87 16.66 7.26
C CYS C 80 19.08 16.17 8.04
N GLU C 81 18.92 15.07 8.79
CA GLU C 81 20.04 14.50 9.53
CA GLU C 81 20.05 14.53 9.53
C GLU C 81 21.13 14.00 8.58
N LEU C 82 20.73 13.24 7.58
CA LEU C 82 21.72 12.58 6.72
C LEU C 82 22.47 13.58 5.84
N GLU C 83 21.76 14.58 5.31
CA GLU C 83 22.39 15.57 4.45
C GLU C 83 22.78 16.85 5.17
N GLY C 84 22.48 16.95 6.46
CA GLY C 84 22.90 18.10 7.25
C GLY C 84 22.23 19.41 6.89
N GLY C 85 20.93 19.39 6.62
CA GLY C 85 20.20 20.57 6.21
C GLY C 85 19.28 21.10 7.29
N ALA C 86 18.71 22.27 7.02
CA ALA C 86 17.71 22.89 7.89
C ALA C 86 16.30 22.43 7.59
N GLY C 87 16.04 21.95 6.37
CA GLY C 87 14.71 21.52 5.98
C GLY C 87 14.79 20.70 4.72
N CYS C 88 13.73 19.92 4.49
CA CYS C 88 13.67 19.01 3.35
C CYS C 88 12.29 19.11 2.73
N ALA C 89 12.23 19.52 1.47
CA ALA C 89 10.98 19.56 0.72
C ALA C 89 10.84 18.28 -0.08
N LEU C 90 9.62 17.78 -0.16
CA LEU C 90 9.30 16.53 -0.82
C LEU C 90 8.49 16.81 -2.08
N PHE C 91 8.73 15.99 -3.10
CA PHE C 91 8.16 16.18 -4.42
C PHE C 91 7.78 14.83 -4.99
N PRO C 92 6.86 14.79 -5.96
CA PRO C 92 6.42 13.48 -6.51
C PRO C 92 7.49 12.77 -7.34
N CYS C 93 8.53 13.47 -7.78
CA CYS C 93 9.64 12.80 -8.46
C CYS C 93 10.84 13.75 -8.49
N GLY C 94 11.98 13.20 -8.93
CA GLY C 94 13.19 14.01 -9.00
C GLY C 94 13.04 15.20 -9.94
N ALA C 95 12.40 14.99 -11.09
CA ALA C 95 12.20 16.11 -12.02
C ALA C 95 11.34 17.20 -11.40
N ALA C 96 10.36 16.82 -10.58
CA ALA C 96 9.56 17.82 -9.89
C ALA C 96 10.40 18.60 -8.88
N ALA C 97 11.32 17.90 -8.20
CA ALA C 97 12.20 18.57 -7.24
C ALA C 97 13.14 19.54 -7.93
N VAL C 98 13.70 19.15 -9.08
CA VAL C 98 14.58 20.06 -9.80
C VAL C 98 13.81 21.30 -10.26
N ALA C 99 12.71 21.08 -10.98
CA ALA C 99 11.99 22.20 -11.59
C ALA C 99 11.43 23.15 -10.54
N ASN C 100 10.85 22.61 -9.48
CA ASN C 100 10.24 23.47 -8.48
C ASN C 100 11.25 24.09 -7.53
N THR C 101 12.41 23.47 -7.32
CA THR C 101 13.41 24.12 -6.49
C THR C 101 14.04 25.30 -7.22
N ILE C 102 14.36 25.12 -8.51
CA ILE C 102 14.81 26.26 -9.30
C ILE C 102 13.74 27.34 -9.34
N LEU C 103 12.49 26.94 -9.65
CA LEU C 103 11.42 27.93 -9.76
C LEU C 103 11.24 28.72 -8.48
N ALA C 104 11.46 28.08 -7.32
CA ALA C 104 11.25 28.73 -6.03
C ALA C 104 12.17 29.90 -5.78
N PHE C 105 13.23 30.08 -6.57
CA PHE C 105 14.19 31.13 -6.31
C PHE C 105 14.41 32.09 -7.47
N VAL C 106 13.76 31.87 -8.62
CA VAL C 106 13.96 32.76 -9.76
C VAL C 106 12.75 33.68 -9.90
N GLU C 107 12.99 34.83 -10.51
CA GLU C 107 11.94 35.76 -10.91
C GLU C 107 12.30 36.31 -12.28
N GLN C 108 11.33 36.96 -12.92
CA GLN C 108 11.54 37.45 -14.28
C GLN C 108 12.76 38.37 -14.32
N GLY C 109 13.60 38.18 -15.33
CA GLY C 109 14.85 38.89 -15.44
C GLY C 109 16.06 38.17 -14.86
N ASP C 110 15.85 37.12 -14.08
CA ASP C 110 16.96 36.37 -13.49
C ASP C 110 17.66 35.53 -14.54
N HIS C 111 18.86 35.06 -14.18
CA HIS C 111 19.69 34.21 -15.02
C HIS C 111 20.07 32.95 -14.25
N VAL C 112 20.02 31.81 -14.92
CA VAL C 112 20.41 30.53 -14.34
C VAL C 112 21.66 30.06 -15.08
N LEU C 113 22.67 29.64 -14.31
CA LEU C 113 23.93 29.13 -14.85
C LEU C 113 24.01 27.65 -14.48
N MET C 114 23.88 26.78 -15.47
CA MET C 114 23.70 25.35 -15.25
C MET C 114 24.76 24.56 -16.00
N THR C 115 25.30 23.52 -15.35
CA THR C 115 26.30 22.70 -16.02
C THR C 115 25.70 22.05 -17.26
N ASN C 116 26.49 21.99 -18.34
CA ASN C 116 25.93 21.44 -19.57
C ASN C 116 25.80 19.92 -19.51
N THR C 117 26.22 19.31 -18.41
CA THR C 117 26.04 17.89 -18.16
C THR C 117 24.82 17.61 -17.30
N ALA C 118 23.97 18.62 -17.10
CA ALA C 118 22.76 18.41 -16.34
C ALA C 118 21.86 17.39 -17.03
N TYR C 119 21.15 16.64 -16.19
CA TYR C 119 20.04 15.80 -16.62
C TYR C 119 19.18 16.53 -17.63
N GLU C 120 18.88 15.87 -18.75
CA GLU C 120 18.21 16.55 -19.86
C GLU C 120 16.87 17.18 -19.48
N PRO C 121 15.98 16.52 -18.73
CA PRO C 121 14.76 17.23 -18.28
C PRO C 121 15.04 18.47 -17.45
N SER C 122 16.16 18.51 -16.72
CA SER C 122 16.53 19.74 -16.02
C SER C 122 16.86 20.85 -17.01
N GLN C 123 17.58 20.51 -18.08
CA GLN C 123 17.84 21.48 -19.15
C GLN C 123 16.54 21.92 -19.80
N ASP C 124 15.67 20.96 -20.11
CA ASP C 124 14.44 21.27 -20.85
C ASP C 124 13.50 22.14 -20.02
N PHE C 125 13.46 21.93 -18.70
CA PHE C 125 12.69 22.84 -17.85
C PHE C 125 13.17 24.28 -18.01
N CYS C 126 14.49 24.47 -17.99
CA CYS C 126 15.04 25.82 -18.12
C CYS C 126 14.73 26.44 -19.48
N THR C 127 14.88 25.67 -20.55
CA THR C 127 14.77 26.28 -21.87
C THR C 127 13.33 26.33 -22.39
N LYS C 128 12.44 25.47 -21.89
CA LYS C 128 11.04 25.46 -22.35
CA LYS C 128 11.04 25.46 -22.35
C LYS C 128 10.08 26.13 -21.38
N ILE C 129 10.39 26.14 -20.07
CA ILE C 129 9.50 26.75 -19.10
C ILE C 129 10.04 28.11 -18.66
N LEU C 130 11.26 28.12 -18.12
CA LEU C 130 11.81 29.36 -17.56
C LEU C 130 11.91 30.45 -18.61
N ALA C 131 12.27 30.08 -19.85
CA ALA C 131 12.57 31.07 -20.87
C ALA C 131 11.37 31.95 -21.19
N LYS C 132 10.18 31.36 -21.26
CA LYS C 132 8.99 32.15 -21.55
C LYS C 132 8.51 32.96 -20.35
N LEU C 133 9.06 32.69 -19.17
CA LEU C 133 8.75 33.45 -17.96
C LEU C 133 9.79 34.53 -17.67
N GLY C 134 10.63 34.86 -18.64
CA GLY C 134 11.60 35.93 -18.48
C GLY C 134 12.88 35.54 -17.78
N VAL C 135 13.12 34.24 -17.57
CA VAL C 135 14.33 33.75 -16.92
C VAL C 135 15.21 33.12 -17.98
N THR C 136 16.45 33.60 -18.07
CA THR C 136 17.41 33.11 -19.05
C THR C 136 18.31 32.05 -18.43
N THR C 137 18.94 31.24 -19.28
CA THR C 137 19.81 30.16 -18.84
C THR C 137 21.02 30.07 -19.77
N SER C 138 22.21 29.95 -19.19
CA SER C 138 23.41 29.60 -19.95
C SER C 138 24.13 28.48 -19.21
N TRP C 139 25.23 28.01 -19.80
CA TRP C 139 25.80 26.73 -19.41
C TRP C 139 27.29 26.85 -19.12
N PHE C 140 27.86 25.82 -18.50
CA PHE C 140 29.29 25.76 -18.28
C PHE C 140 29.78 24.32 -18.33
N ASP C 141 30.99 24.17 -18.86
CA ASP C 141 31.66 22.88 -18.87
C ASP C 141 31.84 22.35 -17.45
N PRO C 142 31.62 21.07 -17.19
CA PRO C 142 31.67 20.57 -15.81
C PRO C 142 33.04 20.71 -15.17
N LEU C 143 34.12 20.68 -15.94
CA LEU C 143 35.45 20.80 -15.38
C LEU C 143 35.94 22.24 -15.35
N ILE C 144 35.02 23.22 -15.40
CA ILE C 144 35.44 24.62 -15.52
C ILE C 144 36.11 25.10 -14.24
N GLY C 145 35.78 24.50 -13.10
CA GLY C 145 36.40 24.89 -11.84
C GLY C 145 36.29 26.37 -11.56
N ALA C 146 37.40 26.98 -11.15
CA ALA C 146 37.40 28.38 -10.74
C ALA C 146 37.17 29.34 -11.92
N ASP C 147 37.32 28.87 -13.15
CA ASP C 147 37.08 29.71 -14.32
C ASP C 147 35.59 30.02 -14.53
N ILE C 148 34.71 29.55 -13.64
CA ILE C 148 33.29 29.86 -13.78
C ILE C 148 33.00 31.32 -13.48
N ALA C 149 33.92 32.03 -12.81
CA ALA C 149 33.64 33.38 -12.36
C ALA C 149 33.20 34.29 -13.50
N ARG C 150 33.85 34.18 -14.66
CA ARG C 150 33.54 35.04 -15.80
C ARG C 150 32.16 34.78 -16.39
N LEU C 151 31.53 33.65 -16.05
CA LEU C 151 30.20 33.33 -16.57
C LEU C 151 29.09 33.80 -15.65
N VAL C 152 29.41 34.27 -14.45
CA VAL C 152 28.41 34.77 -13.53
C VAL C 152 28.03 36.18 -13.94
N ARG C 153 26.76 36.38 -14.29
CA ARG C 153 26.23 37.65 -14.71
C ARG C 153 25.68 38.42 -13.52
N PRO C 154 25.48 39.74 -13.66
CA PRO C 154 24.86 40.50 -12.56
C PRO C 154 23.50 39.95 -12.15
N GLU C 155 22.74 39.39 -13.08
CA GLU C 155 21.42 38.85 -12.79
C GLU C 155 21.45 37.35 -12.55
N THR C 156 22.64 36.74 -12.49
CA THR C 156 22.70 35.33 -12.13
C THR C 156 22.12 35.14 -10.73
N ARG C 157 21.06 34.34 -10.65
CA ARG C 157 20.41 34.03 -9.38
C ARG C 157 20.74 32.64 -8.89
N VAL C 158 20.84 31.67 -9.79
CA VAL C 158 21.00 30.27 -9.47
C VAL C 158 22.19 29.74 -10.25
N VAL C 159 23.08 29.03 -9.57
CA VAL C 159 24.12 28.24 -10.21
C VAL C 159 23.83 26.78 -9.90
N PHE C 160 23.59 25.99 -10.95
CA PHE C 160 23.08 24.63 -10.81
C PHE C 160 24.18 23.64 -11.18
N LEU C 161 24.56 22.82 -10.22
CA LEU C 161 25.61 21.83 -10.38
C LEU C 161 25.00 20.43 -10.50
N GLU C 162 25.77 19.51 -11.07
CA GLU C 162 25.39 18.10 -11.08
C GLU C 162 26.67 17.30 -11.21
N SER C 163 27.06 16.64 -10.13
CA SER C 163 28.36 15.97 -10.07
C SER C 163 28.17 14.60 -9.44
N PRO C 164 28.48 13.50 -10.15
CA PRO C 164 28.91 13.42 -11.55
C PRO C 164 27.83 13.91 -12.49
N GLY C 165 28.18 14.38 -13.68
CA GLY C 165 27.17 14.75 -14.63
C GLY C 165 26.41 13.55 -15.16
N SER C 166 25.24 13.82 -15.72
CA SER C 166 24.42 12.76 -16.29
C SER C 166 25.12 12.10 -17.47
N ILE C 167 25.06 10.77 -17.49
CA ILE C 167 25.50 9.93 -18.61
C ILE C 167 27.01 9.87 -18.73
N THR C 168 27.67 11.02 -18.83
CA THR C 168 29.10 11.06 -19.10
C THR C 168 29.95 11.15 -17.84
N MET C 169 29.34 11.33 -16.66
CA MET C 169 29.94 11.08 -15.36
C MET C 169 31.09 12.03 -14.99
N GLU C 170 31.18 13.20 -15.63
CA GLU C 170 32.24 14.15 -15.25
C GLU C 170 32.00 14.69 -13.85
N VAL C 171 33.05 14.74 -13.03
CA VAL C 171 32.95 15.21 -11.65
C VAL C 171 33.41 16.65 -11.56
N HIS C 172 32.59 17.50 -10.95
CA HIS C 172 32.94 18.89 -10.70
C HIS C 172 34.08 18.99 -9.69
N ASP C 173 34.81 20.10 -9.79
CA ASP C 173 35.63 20.60 -8.68
C ASP C 173 34.77 21.60 -7.91
N VAL C 174 33.96 21.05 -7.00
CA VAL C 174 32.97 21.87 -6.29
C VAL C 174 33.61 22.97 -5.44
N PRO C 175 34.65 22.69 -4.63
CA PRO C 175 35.26 23.80 -3.88
C PRO C 175 35.72 24.96 -4.75
N ALA C 176 36.28 24.68 -5.92
CA ALA C 176 36.75 25.76 -6.79
C ALA C 176 35.59 26.52 -7.42
N ILE C 177 34.53 25.81 -7.81
CA ILE C 177 33.36 26.45 -8.39
C ILE C 177 32.67 27.34 -7.36
N VAL C 178 32.38 26.78 -6.18
CA VAL C 178 31.66 27.54 -5.15
C VAL C 178 32.43 28.79 -4.75
N ALA C 179 33.74 28.64 -4.50
CA ALA C 179 34.54 29.78 -4.08
C ALA C 179 34.55 30.88 -5.13
N ALA C 180 34.65 30.49 -6.40
CA ALA C 180 34.58 31.46 -7.49
C ALA C 180 33.24 32.16 -7.53
N VAL C 181 32.15 31.39 -7.42
CA VAL C 181 30.81 31.99 -7.42
C VAL C 181 30.65 32.95 -6.25
N ARG C 182 31.08 32.54 -5.05
CA ARG C 182 30.88 33.38 -3.87
C ARG C 182 31.65 34.69 -3.98
N GLN C 183 32.75 34.70 -4.73
CA GLN C 183 33.54 35.93 -4.84
C GLN C 183 32.86 36.98 -5.71
N VAL C 184 32.11 36.55 -6.72
CA VAL C 184 31.47 37.46 -7.65
CA VAL C 184 31.48 37.49 -7.64
C VAL C 184 30.02 37.74 -7.26
N ALA C 185 29.34 36.72 -6.72
CA ALA C 185 27.94 36.85 -6.32
C ALA C 185 27.70 36.03 -5.07
N PRO C 186 28.07 36.56 -3.91
CA PRO C 186 27.95 35.79 -2.67
C PRO C 186 26.52 35.40 -2.33
N GLU C 187 25.52 36.12 -2.82
CA GLU C 187 24.13 35.82 -2.51
C GLU C 187 23.49 34.85 -3.48
N ALA C 188 24.24 34.35 -4.47
CA ALA C 188 23.67 33.39 -5.41
C ALA C 188 23.15 32.15 -4.68
N ILE C 189 22.13 31.53 -5.26
CA ILE C 189 21.61 30.25 -4.77
C ILE C 189 22.31 29.14 -5.54
N ILE C 190 23.19 28.42 -4.86
CA ILE C 190 23.90 27.31 -5.48
C ILE C 190 23.16 26.02 -5.17
N MET C 191 22.85 25.26 -6.22
CA MET C 191 22.12 24.02 -6.10
C MET C 191 22.93 22.91 -6.75
N ILE C 192 22.72 21.68 -6.27
CA ILE C 192 23.34 20.52 -6.89
C ILE C 192 22.32 19.41 -6.98
N ASP C 193 22.30 18.72 -8.12
CA ASP C 193 21.60 17.45 -8.26
C ASP C 193 22.57 16.39 -7.77
N ASN C 194 22.33 15.91 -6.56
CA ASN C 194 23.23 15.00 -5.85
C ASN C 194 22.71 13.56 -5.88
N THR C 195 21.93 13.21 -6.91
CA THR C 195 21.28 11.90 -6.98
C THR C 195 22.31 10.76 -7.02
N TRP C 196 23.36 10.91 -7.83
CA TRP C 196 24.31 9.82 -8.01
C TRP C 196 24.95 9.42 -6.69
N ALA C 197 25.20 10.40 -5.82
CA ALA C 197 25.77 10.13 -4.51
C ALA C 197 24.74 9.76 -3.46
N ALA C 198 23.46 9.67 -3.83
CA ALA C 198 22.37 9.43 -2.88
C ALA C 198 22.36 10.44 -1.76
N GLY C 199 22.88 11.65 -2.03
CA GLY C 199 22.99 12.69 -1.03
C GLY C 199 23.98 12.43 0.09
N ILE C 200 24.55 11.24 0.19
CA ILE C 200 25.43 10.92 1.30
C ILE C 200 26.87 10.65 0.88
N LEU C 201 27.14 10.22 -0.35
CA LEU C 201 28.53 10.01 -0.75
C LEU C 201 29.25 11.31 -1.04
N PHE C 202 28.53 12.42 -1.08
CA PHE C 202 29.12 13.75 -1.24
C PHE C 202 28.27 14.70 -0.39
N LYS C 203 28.83 15.17 0.72
CA LYS C 203 28.07 16.00 1.66
CA LYS C 203 28.09 16.01 1.66
C LYS C 203 28.02 17.42 1.11
N ALA C 204 27.09 17.62 0.16
CA ALA C 204 26.99 18.86 -0.61
C ALA C 204 26.86 20.09 0.29
N LEU C 205 26.06 20.01 1.34
CA LEU C 205 25.84 21.19 2.16
C LEU C 205 27.06 21.55 2.99
N ASP C 206 27.98 20.61 3.21
CA ASP C 206 29.26 20.95 3.82
C ASP C 206 30.17 21.72 2.87
N PHE C 207 29.88 21.74 1.57
CA PHE C 207 30.75 22.35 0.58
C PHE C 207 30.30 23.76 0.20
N GLY C 208 29.43 24.38 0.99
CA GLY C 208 28.94 25.69 0.64
C GLY C 208 27.83 25.69 -0.40
N ILE C 209 27.35 24.51 -0.80
CA ILE C 209 26.15 24.42 -1.63
CA ILE C 209 26.15 24.46 -1.63
C ILE C 209 24.94 24.77 -0.78
N ASP C 210 23.99 25.52 -1.36
CA ASP C 210 22.82 25.93 -0.59
C ASP C 210 21.75 24.84 -0.51
N ILE C 211 21.52 24.11 -1.60
CA ILE C 211 20.43 23.14 -1.67
C ILE C 211 20.91 21.90 -2.39
N SER C 212 20.64 20.74 -1.81
CA SER C 212 21.00 19.45 -2.40
C SER C 212 19.72 18.73 -2.81
N ILE C 213 19.59 18.48 -4.12
CA ILE C 213 18.39 17.89 -4.71
C ILE C 213 18.72 16.46 -5.10
N GLN C 214 17.77 15.55 -4.91
CA GLN C 214 17.98 14.25 -5.50
CA GLN C 214 17.93 14.15 -5.29
C GLN C 214 16.66 13.62 -5.93
N ALA C 215 16.79 12.76 -6.93
CA ALA C 215 15.72 11.86 -7.31
C ALA C 215 15.84 10.68 -6.35
N GLY C 216 15.03 10.69 -5.28
CA GLY C 216 14.96 9.54 -4.40
C GLY C 216 14.57 8.29 -5.16
N THR C 217 13.88 8.46 -6.29
CA THR C 217 13.57 7.42 -7.26
C THR C 217 14.71 6.43 -7.51
N TYR C 219 18.63 5.75 -5.84
CA TYR C 219 19.15 4.93 -4.77
C TYR C 219 18.39 4.97 -3.45
N LEU C 220 17.73 6.10 -3.13
CA LEU C 220 16.97 6.15 -1.88
C LEU C 220 15.90 5.07 -1.85
N ILE C 221 15.09 4.99 -2.91
CA ILE C 221 14.10 3.92 -2.99
C ILE C 221 14.80 2.58 -3.20
N GLY C 222 15.70 2.51 -4.18
CA GLY C 222 16.59 1.37 -4.34
C GLY C 222 16.00 0.15 -4.98
N HIS C 223 14.72 0.20 -5.38
CA HIS C 223 14.06 -0.98 -5.95
C HIS C 223 13.28 -0.66 -7.21
N SER C 224 13.43 0.54 -7.77
CA SER C 224 12.88 0.90 -9.07
C SER C 224 11.36 0.88 -9.10
N ASP C 225 10.70 1.08 -7.95
CA ASP C 225 9.25 0.91 -7.87
C ASP C 225 8.55 2.06 -7.18
N ALA C 226 9.21 3.20 -7.02
CA ALA C 226 8.55 4.37 -6.47
C ALA C 226 9.29 5.60 -6.97
N MET C 227 8.56 6.71 -7.09
CA MET C 227 9.15 7.96 -7.55
C MET C 227 9.00 8.99 -6.45
N VAL C 228 10.06 9.76 -6.24
CA VAL C 228 10.13 10.73 -5.15
C VAL C 228 11.29 11.67 -5.41
N GLY C 229 11.05 12.97 -5.25
CA GLY C 229 12.09 13.97 -5.23
C GLY C 229 12.24 14.55 -3.84
N THR C 230 13.47 14.89 -3.48
CA THR C 230 13.76 15.59 -2.23
C THR C 230 14.70 16.75 -2.52
N ALA C 231 14.64 17.76 -1.66
CA ALA C 231 15.56 18.88 -1.74
C ALA C 231 15.85 19.33 -0.32
N VAL C 232 17.11 19.19 0.10
CA VAL C 232 17.55 19.57 1.43
C VAL C 232 18.24 20.92 1.33
N ALA C 233 17.76 21.89 2.10
CA ALA C 233 18.23 23.27 2.00
C ALA C 233 18.87 23.70 3.31
N ASN C 234 19.88 24.56 3.21
CA ASN C 234 20.46 25.14 4.41
C ASN C 234 19.46 26.11 5.05
N ALA C 235 19.85 26.66 6.20
CA ALA C 235 18.97 27.56 6.93
C ALA C 235 18.64 28.79 6.10
N ARG C 236 19.62 29.31 5.35
CA ARG C 236 19.42 30.52 4.57
C ARG C 236 18.27 30.36 3.57
N CYS C 237 18.22 29.22 2.87
CA CYS C 237 17.32 29.06 1.75
C CYS C 237 16.08 28.22 2.06
N TRP C 238 16.02 27.57 3.22
CA TRP C 238 14.92 26.66 3.48
C TRP C 238 13.56 27.33 3.50
N PRO C 239 13.31 28.40 4.25
CA PRO C 239 11.95 28.98 4.27
C PRO C 239 11.40 29.32 2.89
N GLN C 240 12.22 29.91 2.02
CA GLN C 240 11.75 30.26 0.69
C GLN C 240 11.47 29.01 -0.14
N LEU C 241 12.34 28.01 -0.05
CA LEU C 241 12.09 26.76 -0.75
C LEU C 241 10.78 26.13 -0.29
N ARG C 242 10.61 25.99 1.02
CA ARG C 242 9.43 25.36 1.58
C ARG C 242 8.16 26.06 1.12
N GLU C 243 8.10 27.38 1.28
CA GLU C 243 6.84 28.06 1.02
C GLU C 243 6.53 28.19 -0.47
N ASN C 244 7.56 28.33 -1.32
CA ASN C 244 7.29 28.48 -2.74
C ASN C 244 7.00 27.14 -3.41
N ALA C 245 7.69 26.08 -2.99
CA ALA C 245 7.30 24.75 -3.47
C ALA C 245 5.88 24.43 -3.01
N TYR C 246 5.52 24.85 -1.79
CA TYR C 246 4.18 24.58 -1.28
C TYR C 246 3.12 25.31 -2.10
N LEU C 247 3.43 26.53 -2.55
CA LEU C 247 2.49 27.27 -3.38
C LEU C 247 2.28 26.62 -4.73
N MET C 248 3.23 25.80 -5.19
CA MET C 248 3.04 24.99 -6.38
C MET C 248 2.39 23.65 -6.07
N GLY C 249 1.90 23.46 -4.85
CA GLY C 249 1.21 22.23 -4.47
C GLY C 249 2.11 21.02 -4.37
N GLN C 250 3.41 21.21 -4.17
CA GLN C 250 4.34 20.10 -4.24
C GLN C 250 4.37 19.33 -2.93
N MET C 251 4.23 18.01 -3.03
CA MET C 251 4.20 17.14 -1.88
C MET C 251 4.48 15.73 -2.38
N LEU C 252 4.57 14.79 -1.44
CA LEU C 252 4.76 13.39 -1.73
C LEU C 252 3.73 12.59 -0.94
N ASP C 253 3.19 11.54 -1.55
CA ASP C 253 2.20 10.75 -0.82
C ASP C 253 2.84 10.08 0.37
N ALA C 254 2.03 9.84 1.42
CA ALA C 254 2.56 9.31 2.66
C ALA C 254 3.17 7.93 2.48
N ASP C 255 2.60 7.12 1.60
CA ASP C 255 3.11 5.75 1.43
C ASP C 255 4.50 5.76 0.79
N THR C 256 4.72 6.58 -0.24
CA THR C 256 6.05 6.68 -0.82
C THR C 256 7.04 7.31 0.15
N ALA C 257 6.57 8.26 0.97
CA ALA C 257 7.44 8.78 2.02
C ALA C 257 7.92 7.66 2.94
N TYR C 258 6.99 6.77 3.33
CA TYR C 258 7.39 5.61 4.13
C TYR C 258 8.40 4.76 3.40
N MET C 259 8.18 4.53 2.09
CA MET C 259 9.10 3.67 1.35
C MET C 259 10.46 4.34 1.16
N THR C 260 10.50 5.68 1.11
CA THR C 260 11.78 6.37 1.02
C THR C 260 12.57 6.19 2.31
N SER C 261 11.94 6.44 3.46
CA SER C 261 12.59 6.20 4.75
C SER C 261 13.07 4.76 4.84
N ARG C 262 12.24 3.82 4.38
CA ARG C 262 12.60 2.41 4.43
C ARG C 262 13.80 2.12 3.55
N GLY C 263 13.93 2.82 2.42
CA GLY C 263 15.07 2.61 1.55
C GLY C 263 16.39 2.99 2.20
N LEU C 264 16.36 4.03 3.05
CA LEU C 264 17.58 4.47 3.74
C LEU C 264 18.22 3.34 4.52
N ARG C 265 17.41 2.43 5.07
CA ARG C 265 17.92 1.43 6.00
C ARG C 265 18.92 0.50 5.32
N THR C 266 18.76 0.25 4.02
CA THR C 266 19.67 -0.61 3.28
C THR C 266 20.57 0.18 2.34
N LEU C 267 20.52 1.51 2.43
CA LEU C 267 21.30 2.34 1.50
C LEU C 267 22.79 2.07 1.63
N GLY C 268 23.26 1.80 2.85
CA GLY C 268 24.68 1.55 3.06
C GLY C 268 25.16 0.25 2.44
N VAL C 269 24.50 -0.86 2.76
CA VAL C 269 24.92 -2.15 2.22
C VAL C 269 24.75 -2.18 0.70
N ARG C 270 23.71 -1.53 0.17
CA ARG C 270 23.53 -1.51 -1.27
C ARG C 270 24.65 -0.72 -1.96
N LEU C 271 24.92 0.49 -1.50
CA LEU C 271 25.93 1.33 -2.15
C LEU C 271 27.32 0.68 -2.09
N ARG C 272 27.64 0.00 -0.99
CA ARG C 272 28.95 -0.64 -0.92
C ARG C 272 29.08 -1.73 -1.99
N GLN C 273 27.99 -2.45 -2.26
CA GLN C 273 28.03 -3.47 -3.30
CA GLN C 273 28.03 -3.47 -3.30
C GLN C 273 28.05 -2.86 -4.69
N HIS C 274 27.29 -1.78 -4.91
CA HIS C 274 27.33 -1.10 -6.19
C HIS C 274 28.73 -0.58 -6.46
N HIS C 275 29.35 0.04 -5.46
CA HIS C 275 30.72 0.53 -5.60
C HIS C 275 31.66 -0.60 -6.01
N GLU C 276 31.67 -1.69 -5.23
CA GLU C 276 32.64 -2.75 -5.45
C GLU C 276 32.45 -3.42 -6.80
N SER C 277 31.20 -3.71 -7.17
CA SER C 277 30.93 -4.39 -8.43
C SER C 277 31.19 -3.48 -9.63
N SER C 278 30.71 -2.24 -9.57
CA SER C 278 30.89 -1.34 -10.72
C SER C 278 32.36 -1.02 -10.97
N LEU C 279 33.13 -0.79 -9.90
CA LEU C 279 34.54 -0.47 -10.08
C LEU C 279 35.29 -1.65 -10.67
N ARG C 280 35.03 -2.86 -10.18
CA ARG C 280 35.65 -4.06 -10.76
C ARG C 280 35.35 -4.18 -12.26
N ILE C 281 34.08 -3.96 -12.64
CA ILE C 281 33.73 -4.00 -14.06
C ILE C 281 34.44 -2.90 -14.83
N ALA C 282 34.49 -1.69 -14.25
CA ALA C 282 35.11 -0.56 -14.94
C ALA C 282 36.60 -0.80 -15.17
N GLU C 283 37.28 -1.40 -14.20
CA GLU C 283 38.69 -1.71 -14.36
C GLU C 283 38.92 -2.75 -15.47
N TRP C 284 37.98 -3.68 -15.64
CA TRP C 284 38.09 -4.65 -16.71
C TRP C 284 37.81 -4.02 -18.07
N LEU C 285 36.77 -3.19 -18.14
CA LEU C 285 36.47 -2.45 -19.36
C LEU C 285 37.64 -1.57 -19.78
N ALA C 286 38.32 -0.96 -18.81
CA ALA C 286 39.40 -0.02 -19.12
C ALA C 286 40.60 -0.69 -19.78
N GLN C 287 40.70 -2.02 -19.71
CA GLN C 287 41.77 -2.74 -20.41
C GLN C 287 41.26 -3.52 -21.62
N HIS C 288 39.98 -3.37 -21.95
CA HIS C 288 39.37 -4.20 -22.99
C HIS C 288 39.67 -3.61 -24.36
N PRO C 289 40.03 -4.44 -25.34
CA PRO C 289 40.35 -3.91 -26.67
C PRO C 289 39.15 -3.31 -27.40
N GLN C 290 37.92 -3.63 -27.00
CA GLN C 290 36.73 -3.11 -27.68
C GLN C 290 36.16 -1.89 -26.97
N VAL C 291 36.92 -1.28 -26.07
CA VAL C 291 36.49 -0.12 -25.30
C VAL C 291 37.48 1.01 -25.55
N ALA C 292 36.96 2.21 -25.88
CA ALA C 292 37.82 3.35 -26.13
C ALA C 292 38.10 4.16 -24.87
N ARG C 293 37.16 4.22 -23.93
CA ARG C 293 37.24 5.08 -22.76
C ARG C 293 36.21 4.60 -21.75
N VAL C 294 36.53 4.72 -20.46
CA VAL C 294 35.61 4.35 -19.38
C VAL C 294 35.36 5.56 -18.50
N ASN C 295 34.08 5.89 -18.31
CA ASN C 295 33.64 7.04 -17.51
C ASN C 295 33.09 6.53 -16.19
N HIS C 296 33.96 6.39 -15.20
CA HIS C 296 33.53 5.99 -13.86
C HIS C 296 34.28 6.87 -12.86
N PRO C 297 33.56 7.70 -12.08
CA PRO C 297 34.26 8.64 -11.18
C PRO C 297 35.33 7.99 -10.31
N ALA C 298 35.12 6.75 -9.89
CA ALA C 298 36.06 6.06 -9.02
C ALA C 298 37.27 5.49 -9.75
N LEU C 299 37.29 5.57 -11.09
CA LEU C 299 38.37 4.99 -11.86
C LEU C 299 39.44 6.05 -12.12
N PRO C 300 40.69 5.83 -11.70
CA PRO C 300 41.76 6.79 -12.01
C PRO C 300 41.82 7.09 -13.49
N GLY C 301 42.01 8.36 -13.82
CA GLY C 301 42.04 8.80 -15.20
C GLY C 301 40.72 9.30 -15.74
N SER C 302 39.61 8.99 -15.08
CA SER C 302 38.32 9.50 -15.53
C SER C 302 38.20 10.98 -15.21
N LYS C 303 37.36 11.67 -15.97
CA LYS C 303 37.24 13.12 -15.87
C LYS C 303 36.75 13.54 -14.49
N GLY C 304 37.60 14.25 -13.76
CA GLY C 304 37.27 14.70 -12.41
C GLY C 304 37.51 13.68 -11.33
N HIS C 305 38.12 12.53 -11.65
CA HIS C 305 38.34 11.49 -10.65
C HIS C 305 39.08 12.01 -9.43
N GLU C 306 40.05 12.91 -9.62
CA GLU C 306 40.79 13.43 -8.48
C GLU C 306 39.88 14.21 -7.53
N PHE C 307 38.83 14.84 -8.06
CA PHE C 307 37.85 15.52 -7.22
C PHE C 307 36.92 14.53 -6.53
N TRP C 308 36.55 13.46 -7.23
CA TRP C 308 35.81 12.38 -6.58
C TRP C 308 36.61 11.81 -5.41
N LYS C 309 37.89 11.53 -5.66
CA LYS C 309 38.73 10.94 -4.62
C LYS C 309 38.85 11.87 -3.42
N ARG C 310 38.92 13.18 -3.68
CA ARG C 310 39.12 14.14 -2.59
C ARG C 310 37.82 14.45 -1.85
N ASP C 311 36.70 14.57 -2.58
CA ASP C 311 35.49 15.15 -2.02
C ASP C 311 34.37 14.15 -1.73
N PHE C 312 34.42 12.96 -2.30
CA PHE C 312 33.42 11.94 -2.04
C PHE C 312 33.93 10.94 -1.00
N THR C 313 33.00 10.19 -0.42
CA THR C 313 33.31 9.13 0.53
C THR C 313 32.98 7.74 -0.02
N GLY C 314 32.69 7.63 -1.29
CA GLY C 314 32.28 6.37 -1.89
C GLY C 314 31.76 6.62 -3.29
N SER C 315 31.43 5.51 -3.94
CA SER C 315 30.88 5.52 -5.29
C SER C 315 29.58 4.74 -5.31
N SER C 316 28.70 5.11 -6.24
CA SER C 316 27.54 4.27 -6.51
C SER C 316 27.87 3.38 -7.70
N GLY C 317 26.86 2.85 -8.37
CA GLY C 317 27.06 1.85 -9.39
C GLY C 317 26.75 2.26 -10.80
N LEU C 318 26.52 3.55 -11.06
CA LEU C 318 26.20 4.05 -12.39
C LEU C 318 27.43 4.65 -13.02
N PHE C 319 27.75 4.21 -14.24
CA PHE C 319 28.88 4.76 -14.99
C PHE C 319 28.64 4.47 -16.46
N SER C 320 29.56 4.93 -17.30
CA SER C 320 29.42 4.68 -18.73
C SER C 320 30.80 4.39 -19.32
N PHE C 321 30.78 3.88 -20.55
CA PHE C 321 32.01 3.65 -21.30
C PHE C 321 31.71 3.87 -22.78
N VAL C 322 32.77 4.07 -23.55
CA VAL C 322 32.67 4.32 -24.98
C VAL C 322 33.22 3.12 -25.71
N LEU C 323 32.44 2.60 -26.66
CA LEU C 323 32.88 1.46 -27.44
C LEU C 323 33.97 1.88 -28.43
N SER C 324 34.74 0.88 -28.89
CA SER C 324 35.79 1.16 -29.86
C SER C 324 35.24 1.58 -31.21
N LYS C 325 33.97 1.30 -31.49
CA LYS C 325 33.36 1.69 -32.75
C LYS C 325 31.94 2.18 -32.50
N ARG C 326 31.40 2.86 -33.51
CA ARG C 326 30.03 3.31 -33.49
C ARG C 326 29.16 2.19 -34.08
N LEU C 327 28.27 1.64 -33.26
CA LEU C 327 27.41 0.57 -33.72
C LEU C 327 26.41 1.09 -34.74
N ASN C 328 26.18 0.32 -35.80
CA ASN C 328 25.07 0.59 -36.70
C ASN C 328 23.80 -0.04 -36.15
N ASP C 329 22.68 0.18 -36.83
CA ASP C 329 21.39 -0.26 -36.29
C ASP C 329 21.33 -1.76 -36.13
N ALA C 330 21.88 -2.52 -37.08
CA ALA C 330 21.91 -3.98 -36.94
C ALA C 330 22.73 -4.39 -35.72
N GLU C 331 23.91 -3.78 -35.56
CA GLU C 331 24.78 -4.14 -34.44
C GLU C 331 24.20 -3.72 -33.10
N LEU C 332 23.62 -2.51 -33.04
CA LEU C 332 23.04 -2.05 -31.79
C LEU C 332 21.96 -3.00 -31.29
N ALA C 333 21.13 -3.52 -32.20
CA ALA C 333 20.12 -4.49 -31.82
C ALA C 333 20.76 -5.84 -31.44
N GLU C 334 21.68 -6.32 -32.27
CA GLU C 334 22.36 -7.57 -31.94
C GLU C 334 23.04 -7.49 -30.57
N TYR C 335 23.61 -6.32 -30.26
CA TYR C 335 24.24 -6.11 -28.97
C TYR C 335 23.21 -6.04 -27.84
N LEU C 336 22.30 -5.06 -27.92
CA LEU C 336 21.43 -4.75 -26.79
C LEU C 336 20.31 -5.76 -26.59
N ASP C 337 19.75 -6.28 -27.69
CA ASP C 337 18.55 -7.12 -27.56
C ASP C 337 18.85 -8.45 -26.89
N ASN C 338 20.11 -8.86 -26.83
CA ASN C 338 20.45 -10.24 -26.51
C ASN C 338 21.20 -10.37 -25.19
N PHE C 339 21.23 -9.34 -24.37
CA PHE C 339 21.78 -9.48 -23.03
C PHE C 339 20.90 -10.39 -22.20
N SER C 340 21.52 -11.15 -21.30
CA SER C 340 20.79 -12.05 -20.43
C SER C 340 20.47 -11.44 -19.07
N LEU C 341 21.33 -10.57 -18.56
CA LEU C 341 21.16 -10.00 -17.24
C LEU C 341 20.92 -8.50 -17.27
N PHE C 342 21.67 -7.77 -18.10
CA PHE C 342 21.40 -6.34 -18.28
C PHE C 342 20.10 -6.17 -19.05
N SER C 343 19.28 -5.21 -18.61
CA SER C 343 18.02 -4.89 -19.24
C SER C 343 18.01 -3.44 -19.71
N MET C 344 17.26 -3.17 -20.77
CA MET C 344 17.12 -1.82 -21.30
C MET C 344 15.98 -1.11 -20.59
N ALA C 345 16.30 -0.02 -19.92
CA ALA C 345 15.27 0.81 -19.30
C ALA C 345 15.91 2.14 -18.91
N TYR C 346 15.07 3.13 -18.67
CA TYR C 346 15.55 4.36 -18.07
C TYR C 346 15.54 4.23 -16.54
N SER C 347 15.99 5.28 -15.87
CA SER C 347 16.25 5.29 -14.43
C SER C 347 17.37 4.33 -14.09
N TRP C 348 17.64 4.21 -12.79
CA TRP C 348 18.77 3.44 -12.27
C TRP C 348 18.72 3.51 -10.75
N GLY C 349 19.79 3.07 -10.09
CA GLY C 349 19.80 3.07 -8.64
C GLY C 349 19.06 1.94 -7.99
N GLY C 350 18.63 0.93 -8.75
CA GLY C 350 17.88 -0.19 -8.22
C GLY C 350 18.77 -1.39 -7.93
N PHE C 351 18.12 -2.53 -7.69
CA PHE C 351 18.86 -3.74 -7.39
C PHE C 351 19.36 -4.46 -8.65
N GLU C 352 18.81 -4.13 -9.81
CA GLU C 352 19.13 -4.86 -11.03
C GLU C 352 20.01 -4.02 -11.94
N SER C 353 20.69 -4.70 -12.86
CA SER C 353 21.60 -4.04 -13.78
C SER C 353 20.87 -3.58 -15.04
N LEU C 354 21.28 -2.41 -15.55
CA LEU C 354 20.61 -1.78 -16.67
C LEU C 354 21.66 -1.31 -17.67
N ILE C 355 21.26 -1.29 -18.95
CA ILE C 355 22.15 -0.87 -20.02
C ILE C 355 21.37 0.01 -20.99
N LEU C 356 21.99 1.11 -21.40
CA LEU C 356 21.40 2.08 -22.32
C LEU C 356 22.49 2.61 -23.23
N ALA C 357 22.18 2.80 -24.51
CA ALA C 357 23.14 3.27 -25.49
C ALA C 357 22.78 4.67 -25.98
N ASN C 358 23.81 5.47 -26.24
CA ASN C 358 23.65 6.79 -26.83
C ASN C 358 24.74 7.00 -27.88
N GLN C 359 24.35 7.44 -29.06
CA GLN C 359 25.33 7.83 -30.06
C GLN C 359 25.91 9.20 -29.73
N PRO C 360 27.13 9.51 -30.21
CA PRO C 360 27.75 10.80 -29.87
C PRO C 360 26.86 12.00 -30.19
N GLU C 361 26.19 12.01 -31.34
CA GLU C 361 25.34 13.16 -31.68
C GLU C 361 24.16 13.29 -30.73
N GLN C 362 23.71 12.18 -30.14
CA GLN C 362 22.65 12.29 -29.15
C GLN C 362 23.13 13.01 -27.90
N ILE C 363 24.35 12.69 -27.43
CA ILE C 363 24.91 13.38 -26.29
C ILE C 363 25.16 14.85 -26.64
N ALA C 364 25.68 15.11 -27.84
CA ALA C 364 25.96 16.48 -28.22
C ALA C 364 24.70 17.33 -28.21
N HIS C 365 23.56 16.74 -28.56
CA HIS C 365 22.30 17.48 -28.53
C HIS C 365 21.94 17.95 -27.13
N ILE C 366 22.37 17.21 -26.10
CA ILE C 366 22.10 17.59 -24.72
C ILE C 366 23.38 18.07 -24.02
N ARG C 367 24.36 18.53 -24.79
CA ARG C 367 25.51 19.26 -24.29
C ARG C 367 25.44 20.64 -24.93
N PRO C 368 24.60 21.53 -24.41
CA PRO C 368 24.37 22.82 -25.08
C PRO C 368 25.64 23.66 -25.12
N ASP C 369 25.88 24.27 -26.28
CA ASP C 369 27.04 25.13 -26.50
CA ASP C 369 27.03 25.13 -26.50
C ASP C 369 28.35 24.38 -26.30
N ALA C 370 28.34 23.07 -26.51
CA ALA C 370 29.52 22.23 -26.34
C ALA C 370 29.52 21.12 -27.37
N GLU C 371 30.71 20.58 -27.63
CA GLU C 371 30.88 19.39 -28.45
C GLU C 371 31.15 18.19 -27.56
N VAL C 372 31.13 17.01 -28.16
CA VAL C 372 31.57 15.79 -27.48
C VAL C 372 32.90 15.37 -28.09
N ASP C 373 33.73 14.72 -27.28
CA ASP C 373 35.09 14.37 -27.69
C ASP C 373 35.27 12.88 -27.94
N PHE C 374 34.18 12.17 -28.21
CA PHE C 374 34.24 10.75 -28.53
C PHE C 374 33.38 10.48 -29.75
N SER C 375 33.69 9.38 -30.45
CA SER C 375 32.99 9.01 -31.67
C SER C 375 32.48 7.59 -31.68
N GLY C 376 32.72 6.80 -30.62
CA GLY C 376 32.09 5.50 -30.50
C GLY C 376 30.75 5.60 -29.80
N THR C 377 29.99 4.51 -29.87
CA THR C 377 28.71 4.47 -29.17
C THR C 377 28.94 4.47 -27.67
N LEU C 378 28.21 5.31 -26.95
CA LEU C 378 28.32 5.38 -25.50
C LEU C 378 27.33 4.41 -24.86
N ILE C 379 27.83 3.60 -23.94
CA ILE C 379 27.02 2.64 -23.19
C ILE C 379 27.01 3.06 -21.74
N ARG C 380 25.82 3.34 -21.20
CA ARG C 380 25.69 3.61 -19.77
C ARG C 380 25.18 2.36 -19.07
N LEU C 381 25.89 1.94 -18.03
CA LEU C 381 25.52 0.78 -17.23
C LEU C 381 25.11 1.24 -15.84
N HIS C 382 24.06 0.62 -15.29
CA HIS C 382 23.88 0.58 -13.86
C HIS C 382 24.22 -0.83 -13.40
N ILE C 383 25.14 -0.94 -12.46
CA ILE C 383 25.56 -2.23 -11.93
C ILE C 383 24.72 -2.51 -10.69
N GLY C 384 23.87 -3.53 -10.79
CA GLY C 384 22.98 -3.92 -9.70
C GLY C 384 23.65 -4.83 -8.71
N LEU C 385 22.84 -5.65 -8.03
CA LEU C 385 23.33 -6.53 -6.98
C LEU C 385 23.56 -7.96 -7.46
N GLU C 386 23.52 -8.19 -8.77
CA GLU C 386 23.80 -9.52 -9.30
C GLU C 386 25.25 -9.90 -9.03
N ASN C 387 25.55 -11.19 -9.16
CA ASN C 387 26.92 -11.66 -9.06
C ASN C 387 27.79 -10.99 -10.12
N VAL C 388 28.90 -10.40 -9.68
CA VAL C 388 29.66 -9.53 -10.56
C VAL C 388 30.30 -10.32 -11.70
N ASP C 389 30.65 -11.59 -11.46
CA ASP C 389 31.23 -12.38 -12.53
C ASP C 389 30.19 -12.71 -13.59
N ASP C 390 28.94 -12.96 -13.17
CA ASP C 390 27.85 -13.14 -14.12
C ASP C 390 27.67 -11.90 -14.99
N LEU C 391 27.70 -10.72 -14.38
CA LEU C 391 27.57 -9.48 -15.13
C LEU C 391 28.69 -9.33 -16.14
N GLN C 392 29.94 -9.59 -15.71
CA GLN C 392 31.06 -9.52 -16.63
C GLN C 392 30.89 -10.48 -17.80
N ALA C 393 30.44 -11.70 -17.51
CA ALA C 393 30.23 -12.68 -18.58
C ALA C 393 29.12 -12.23 -19.52
N ASP C 394 28.10 -11.55 -19.00
CA ASP C 394 27.06 -10.99 -19.85
C ASP C 394 27.63 -9.91 -20.78
N LEU C 395 28.49 -9.04 -20.24
CA LEU C 395 29.11 -8.01 -21.06
C LEU C 395 30.07 -8.61 -22.08
N ALA C 396 30.79 -9.66 -21.68
CA ALA C 396 31.71 -10.33 -22.60
C ALA C 396 30.96 -10.94 -23.77
N ALA C 397 29.83 -11.60 -23.50
CA ALA C 397 29.01 -12.13 -24.58
C ALA C 397 28.54 -11.02 -25.52
N GLY C 398 28.22 -9.86 -24.96
CA GLY C 398 27.89 -8.72 -25.80
C GLY C 398 29.04 -8.31 -26.69
N PHE C 399 30.25 -8.23 -26.13
CA PHE C 399 31.42 -7.89 -26.93
C PHE C 399 31.62 -8.91 -28.06
N ALA C 400 31.42 -10.20 -27.76
CA ALA C 400 31.60 -11.21 -28.79
C ALA C 400 30.57 -11.09 -29.90
N ARG C 401 29.40 -10.49 -29.62
CA ARG C 401 28.40 -10.29 -30.66
C ARG C 401 28.74 -9.15 -31.62
N ILE C 402 29.64 -8.24 -31.22
CA ILE C 402 29.95 -7.06 -32.01
C ILE C 402 31.41 -7.00 -32.45
N VAL C 403 32.17 -8.05 -32.22
CA VAL C 403 33.60 -8.02 -32.53
C VAL C 403 33.79 -7.98 -34.04
N LYS D 12 -26.49 7.64 17.19
CA LYS D 12 -27.29 6.54 17.71
C LYS D 12 -27.58 5.51 16.62
N HIS D 13 -27.82 6.01 15.41
CA HIS D 13 -28.27 5.16 14.31
C HIS D 13 -27.09 4.51 13.60
N LEU D 14 -27.41 3.46 12.83
CA LEU D 14 -26.38 2.59 12.28
C LEU D 14 -25.43 3.33 11.35
N ASP D 15 -25.96 4.27 10.57
CA ASP D 15 -25.10 4.98 9.62
C ASP D 15 -24.04 5.80 10.34
N THR D 16 -24.42 6.44 11.46
CA THR D 16 -23.45 7.16 12.26
C THR D 16 -22.42 6.22 12.88
N ALA D 17 -22.87 5.02 13.28
CA ALA D 17 -21.93 4.04 13.84
C ALA D 17 -20.96 3.52 12.77
N LEU D 18 -21.45 3.28 11.56
CA LEU D 18 -20.58 2.83 10.48
C LEU D 18 -19.50 3.86 10.16
N VAL D 19 -19.84 5.14 10.24
CA VAL D 19 -18.86 6.18 9.95
C VAL D 19 -17.83 6.28 11.06
N ASN D 20 -18.24 6.04 12.31
CA ASN D 20 -17.38 6.32 13.45
C ASN D 20 -16.76 5.09 14.12
N ALA D 21 -17.25 3.89 13.83
CA ALA D 21 -16.80 2.72 14.60
C ALA D 21 -15.29 2.53 14.49
N GLY D 22 -14.63 2.45 15.64
CA GLY D 22 -13.20 2.16 15.70
C GLY D 22 -12.29 3.36 15.54
N ARG D 23 -12.83 4.55 15.27
CA ARG D 23 -12.00 5.72 14.99
CA ARG D 23 -11.99 5.71 14.99
C ARG D 23 -11.75 6.53 16.26
N SER D 24 -11.16 5.86 17.25
CA SER D 24 -10.69 6.51 18.47
C SER D 24 -9.38 7.23 18.20
N LYS D 25 -9.16 8.33 18.92
CA LYS D 25 -7.98 9.17 18.66
C LYS D 25 -6.68 8.41 18.91
N LYS D 26 -6.67 7.47 19.85
CA LYS D 26 -5.48 6.66 20.07
C LYS D 26 -5.06 5.93 18.80
N TYR D 27 -6.01 5.62 17.91
CA TYR D 27 -5.71 4.93 16.66
C TYR D 27 -5.50 5.87 15.50
N THR D 28 -6.26 6.97 15.44
CA THR D 28 -6.24 7.87 14.30
C THR D 28 -5.15 8.92 14.42
N GLN D 29 -4.90 9.43 15.63
CA GLN D 29 -3.75 10.27 15.90
C GLN D 29 -3.76 11.55 15.07
N GLY D 30 -4.96 12.07 14.79
CA GLY D 30 -5.11 13.31 14.07
C GLY D 30 -5.73 13.17 12.69
N SER D 31 -5.56 12.01 12.05
CA SER D 31 -6.20 11.81 10.76
C SER D 31 -7.60 11.26 10.97
N VAL D 32 -8.38 11.23 9.88
CA VAL D 32 -9.74 10.72 9.98
C VAL D 32 -9.73 9.21 10.23
N ASN D 33 -8.93 8.47 9.48
CA ASN D 33 -8.83 7.03 9.61
C ASN D 33 -7.64 6.63 10.49
N SER D 34 -7.66 5.38 10.94
CA SER D 34 -6.56 4.87 11.76
CA SER D 34 -6.56 4.90 11.77
C SER D 34 -5.24 5.00 11.01
N VAL D 35 -4.15 5.14 11.78
CA VAL D 35 -2.85 5.01 11.14
C VAL D 35 -2.66 3.56 10.72
N ILE D 36 -1.80 3.37 9.73
CA ILE D 36 -1.37 2.03 9.33
C ILE D 36 -0.04 1.79 10.01
N GLN D 37 -0.03 0.88 10.99
CA GLN D 37 1.20 0.53 11.69
C GLN D 37 1.63 -0.84 11.21
N ARG D 38 2.62 -0.87 10.31
CA ARG D 38 3.16 -2.11 9.79
C ARG D 38 4.28 -2.58 10.71
N ALA D 39 4.13 -3.78 11.27
CA ALA D 39 5.12 -4.22 12.24
C ALA D 39 5.05 -5.72 12.44
N SER D 40 6.22 -6.31 12.67
CA SER D 40 6.30 -7.56 13.41
C SER D 40 6.82 -7.20 14.79
N SER D 41 8.07 -6.77 14.86
CA SER D 41 8.65 -6.30 16.12
C SER D 41 7.91 -5.07 16.63
N LEU D 42 7.59 -5.08 17.92
CA LEU D 42 7.11 -3.91 18.62
C LEU D 42 8.03 -3.69 19.82
N VAL D 43 8.49 -2.46 19.98
CA VAL D 43 9.65 -2.15 20.81
C VAL D 43 9.20 -1.86 22.24
N PHE D 44 9.90 -2.45 23.21
CA PHE D 44 9.65 -2.20 24.62
C PHE D 44 10.77 -1.31 25.14
N ASP D 45 10.39 -0.13 25.64
CA ASP D 45 11.39 0.82 26.12
C ASP D 45 12.13 0.29 27.35
N THR D 46 11.46 -0.47 28.20
CA THR D 46 12.06 -0.97 29.44
C THR D 46 11.58 -2.38 29.72
N VAL D 47 12.26 -3.04 30.65
CA VAL D 47 11.81 -4.34 31.13
C VAL D 47 10.40 -4.24 31.73
N GLU D 48 10.14 -3.18 32.49
CA GLU D 48 8.80 -2.99 33.03
C GLU D 48 7.77 -2.84 31.93
N ALA D 49 8.10 -2.08 30.87
CA ALA D 49 7.20 -1.94 29.74
C ALA D 49 6.94 -3.27 29.05
N LYS D 50 7.98 -4.11 28.91
CA LYS D 50 7.78 -5.42 28.30
C LYS D 50 6.88 -6.28 29.17
N LYS D 51 7.06 -6.23 30.50
CA LYS D 51 6.20 -7.00 31.39
C LYS D 51 4.74 -6.57 31.26
N HIS D 52 4.49 -5.26 31.21
CA HIS D 52 3.13 -4.77 31.07
C HIS D 52 2.52 -5.21 29.75
N ALA D 53 3.29 -5.08 28.65
CA ALA D 53 2.79 -5.51 27.34
C ALA D 53 2.52 -7.01 27.32
N THR D 54 3.41 -7.80 27.93
CA THR D 54 3.20 -9.24 27.97
C THR D 54 1.90 -9.58 28.68
N ARG D 55 1.66 -8.96 29.85
CA ARG D 55 0.42 -9.21 30.59
C ARG D 55 -0.81 -8.87 29.77
N ASN D 56 -0.73 -7.83 28.95
CA ASN D 56 -1.86 -7.33 28.18
C ASN D 56 -1.77 -7.65 26.70
N ARG D 57 -1.01 -8.68 26.33
CA ARG D 57 -0.80 -8.98 24.91
C ARG D 57 -2.09 -9.40 24.21
N ALA D 58 -3.11 -9.83 24.96
CA ALA D 58 -4.43 -10.10 24.38
C ALA D 58 -5.44 -9.04 24.79
N ASN D 59 -4.98 -7.85 25.19
CA ASN D 59 -5.84 -6.83 25.77
C ASN D 59 -5.57 -5.46 25.16
N GLY D 60 -5.20 -5.42 23.88
CA GLY D 60 -5.08 -4.17 23.18
C GLY D 60 -3.81 -3.38 23.43
N GLU D 61 -2.79 -3.98 24.02
CA GLU D 61 -1.49 -3.34 24.20
CA GLU D 61 -1.50 -3.34 24.19
C GLU D 61 -0.51 -3.89 23.17
N LEU D 62 0.26 -3.00 22.56
CA LEU D 62 1.25 -3.41 21.57
C LEU D 62 2.25 -4.41 22.16
N PHE D 63 2.36 -5.57 21.53
CA PHE D 63 3.22 -6.63 22.04
C PHE D 63 3.95 -7.37 20.92
N TYR D 64 3.21 -7.83 19.92
CA TYR D 64 3.83 -8.49 18.78
C TYR D 64 2.90 -8.37 17.58
N GLY D 65 3.49 -8.21 16.39
CA GLY D 65 2.69 -8.02 15.20
C GLY D 65 1.68 -9.12 14.97
N ARG D 66 1.99 -10.35 15.38
CA ARG D 66 1.02 -11.44 15.22
C ARG D 66 -0.22 -11.18 16.05
N ARG D 67 -0.06 -10.55 17.21
CA ARG D 67 -1.19 -10.14 18.05
C ARG D 67 -1.90 -8.92 17.47
N GLY D 68 -1.16 -8.04 16.80
CA GLY D 68 -1.77 -6.89 16.18
C GLY D 68 -1.04 -5.60 16.47
N THR D 69 -1.30 -4.60 15.63
CA THR D 69 -0.85 -3.23 15.84
C THR D 69 -2.08 -2.35 16.05
N LEU D 70 -1.83 -1.05 16.20
CA LEU D 70 -2.94 -0.11 16.34
C LEU D 70 -3.99 -0.28 15.25
N THR D 71 -3.55 -0.60 14.03
CA THR D 71 -4.48 -0.74 12.91
C THR D 71 -5.44 -1.89 13.14
N HIS D 72 -4.92 -3.01 13.65
CA HIS D 72 -5.78 -4.16 13.95
C HIS D 72 -6.70 -3.86 15.12
N PHE D 73 -6.17 -3.21 16.17
CA PHE D 73 -7.01 -2.90 17.32
C PHE D 73 -8.17 -2.03 16.92
N SER D 74 -7.93 -1.05 16.04
CA SER D 74 -8.99 -0.18 15.57
C SER D 74 -10.09 -0.98 14.87
N LEU D 75 -9.69 -1.89 13.96
CA LEU D 75 -10.69 -2.70 13.27
C LEU D 75 -11.44 -3.60 14.24
N GLN D 76 -10.73 -4.24 15.17
CA GLN D 76 -11.39 -5.11 16.14
C GLN D 76 -12.43 -4.33 16.96
N GLU D 77 -12.08 -3.11 17.38
CA GLU D 77 -13.03 -2.27 18.11
CA GLU D 77 -13.04 -2.30 18.12
C GLU D 77 -14.27 -1.99 17.26
N ALA D 78 -14.07 -1.72 15.97
CA ALA D 78 -15.21 -1.43 15.10
C ALA D 78 -16.10 -2.66 14.92
N MET D 79 -15.50 -3.82 14.69
CA MET D 79 -16.30 -5.02 14.47
C MET D 79 -17.06 -5.39 15.74
N CYS D 80 -16.41 -5.26 16.90
CA CYS D 80 -17.08 -5.59 18.16
C CYS D 80 -18.26 -4.66 18.39
N GLU D 81 -18.11 -3.38 18.06
CA GLU D 81 -19.21 -2.44 18.25
C GLU D 81 -20.35 -2.73 17.29
N LEU D 82 -20.03 -2.93 16.01
CA LEU D 82 -21.06 -3.10 15.00
C LEU D 82 -21.81 -4.41 15.18
N GLU D 83 -21.11 -5.47 15.59
CA GLU D 83 -21.76 -6.77 15.78
C GLU D 83 -22.07 -7.09 17.23
N GLY D 84 -21.76 -6.18 18.16
CA GLY D 84 -22.12 -6.40 19.55
C GLY D 84 -21.43 -7.57 20.21
N GLY D 85 -20.12 -7.74 19.97
CA GLY D 85 -19.38 -8.85 20.52
C GLY D 85 -18.33 -8.39 21.52
N ALA D 86 -17.75 -9.39 22.18
CA ALA D 86 -16.70 -9.16 23.17
C ALA D 86 -15.32 -9.11 22.55
N GLY D 87 -15.13 -9.77 21.41
CA GLY D 87 -13.84 -9.75 20.75
C GLY D 87 -14.02 -10.16 19.31
N CYS D 88 -13.03 -9.79 18.49
CA CYS D 88 -13.07 -10.04 17.06
C CYS D 88 -11.72 -10.60 16.63
N ALA D 89 -11.71 -11.84 16.13
CA ALA D 89 -10.49 -12.41 15.59
C ALA D 89 -10.42 -12.15 14.09
N LEU D 90 -9.21 -11.94 13.59
CA LEU D 90 -8.95 -11.58 12.20
C LEU D 90 -8.20 -12.71 11.51
N PHE D 91 -8.53 -12.93 10.24
CA PHE D 91 -8.01 -14.05 9.45
C PHE D 91 -7.70 -13.57 8.04
N PRO D 92 -6.85 -14.30 7.31
CA PRO D 92 -6.47 -13.82 5.96
C PRO D 92 -7.58 -13.93 4.94
N CYS D 93 -8.64 -14.70 5.21
CA CYS D 93 -9.81 -14.71 4.36
C CYS D 93 -10.96 -15.32 5.14
N GLY D 94 -12.14 -15.29 4.53
CA GLY D 94 -13.31 -15.88 5.16
C GLY D 94 -13.18 -17.38 5.35
N ALA D 95 -12.63 -18.08 4.36
CA ALA D 95 -12.47 -19.53 4.51
C ALA D 95 -11.55 -19.86 5.67
N ALA D 96 -10.52 -19.05 5.88
CA ALA D 96 -9.66 -19.24 7.05
C ALA D 96 -10.41 -18.95 8.33
N ALA D 97 -11.29 -17.94 8.32
CA ALA D 97 -12.08 -17.65 9.52
C ALA D 97 -12.99 -18.82 9.87
N VAL D 98 -13.65 -19.39 8.86
CA VAL D 98 -14.55 -20.51 9.11
C VAL D 98 -13.78 -21.72 9.64
N ALA D 99 -12.78 -22.16 8.87
CA ALA D 99 -12.01 -23.35 9.24
C ALA D 99 -11.42 -23.20 10.64
N ASN D 100 -10.81 -22.05 10.92
CA ASN D 100 -10.11 -21.89 12.19
C ASN D 100 -11.04 -21.56 13.35
N THR D 101 -12.20 -20.96 13.08
CA THR D 101 -13.16 -20.75 14.17
C THR D 101 -13.79 -22.07 14.60
N ILE D 102 -14.11 -22.95 13.63
CA ILE D 102 -14.58 -24.30 13.99
C ILE D 102 -13.48 -25.06 14.71
N LEU D 103 -12.27 -25.06 14.15
CA LEU D 103 -11.16 -25.81 14.75
C LEU D 103 -10.89 -25.38 16.19
N ALA D 104 -11.07 -24.10 16.49
CA ALA D 104 -10.76 -23.60 17.83
C ALA D 104 -11.62 -24.22 18.91
N PHE D 105 -12.75 -24.83 18.56
CA PHE D 105 -13.64 -25.37 19.56
C PHE D 105 -13.80 -26.89 19.52
N VAL D 106 -13.28 -27.57 18.48
CA VAL D 106 -13.50 -29.01 18.37
C VAL D 106 -12.29 -29.80 18.86
N GLU D 107 -12.57 -31.01 19.33
CA GLU D 107 -11.55 -31.96 19.75
CA GLU D 107 -11.54 -31.95 19.72
C GLU D 107 -11.94 -33.33 19.20
N GLN D 108 -10.96 -34.22 19.12
CA GLN D 108 -11.20 -35.58 18.66
C GLN D 108 -12.40 -36.18 19.38
N GLY D 109 -13.30 -36.78 18.61
CA GLY D 109 -14.52 -37.35 19.15
C GLY D 109 -15.73 -36.44 19.09
N ASP D 110 -15.54 -35.15 18.82
CA ASP D 110 -16.65 -34.20 18.72
C ASP D 110 -17.42 -34.39 17.42
N HIS D 111 -18.63 -33.85 17.41
CA HIS D 111 -19.51 -33.86 16.25
C HIS D 111 -19.88 -32.43 15.92
N VAL D 112 -19.92 -32.12 14.62
CA VAL D 112 -20.33 -30.83 14.11
C VAL D 112 -21.64 -31.00 13.36
N LEU D 113 -22.61 -30.14 13.65
CA LEU D 113 -23.92 -30.18 12.99
C LEU D 113 -24.03 -28.92 12.14
N MET D 114 -24.00 -29.10 10.82
CA MET D 114 -23.87 -27.99 9.88
C MET D 114 -25.04 -27.97 8.90
N THR D 115 -25.52 -26.79 8.57
CA THR D 115 -26.58 -26.70 7.57
C THR D 115 -26.08 -27.25 6.25
N ASN D 116 -26.96 -27.99 5.54
CA ASN D 116 -26.50 -28.54 4.27
C ASN D 116 -26.40 -27.48 3.17
N THR D 117 -26.72 -26.22 3.47
CA THR D 117 -26.55 -25.12 2.54
C THR D 117 -25.28 -24.33 2.82
N ALA D 118 -24.38 -24.89 3.63
CA ALA D 118 -23.14 -24.20 3.92
C ALA D 118 -22.31 -24.01 2.66
N TYR D 119 -21.62 -22.88 2.62
CA TYR D 119 -20.56 -22.62 1.64
C TYR D 119 -19.73 -23.87 1.41
N GLU D 120 -19.53 -24.23 0.13
CA GLU D 120 -18.88 -25.50 -0.18
C GLU D 120 -17.51 -25.66 0.48
N PRO D 121 -16.61 -24.66 0.44
CA PRO D 121 -15.34 -24.82 1.16
C PRO D 121 -15.49 -25.06 2.65
N SER D 122 -16.56 -24.55 3.26
CA SER D 122 -16.82 -24.87 4.67
C SER D 122 -17.17 -26.35 4.84
N GLN D 123 -18.02 -26.89 3.96
CA GLN D 123 -18.30 -28.32 3.98
C GLN D 123 -17.01 -29.11 3.77
N ASP D 124 -16.20 -28.70 2.79
CA ASP D 124 -15.01 -29.47 2.44
C ASP D 124 -14.01 -29.46 3.59
N PHE D 125 -13.91 -28.35 4.31
CA PHE D 125 -13.07 -28.36 5.52
C PHE D 125 -13.53 -29.41 6.52
N CYS D 126 -14.85 -29.54 6.69
CA CYS D 126 -15.40 -30.50 7.64
C CYS D 126 -15.13 -31.94 7.19
N THR D 127 -15.34 -32.23 5.92
CA THR D 127 -15.22 -33.61 5.46
C THR D 127 -13.80 -34.01 5.09
N LYS D 128 -12.93 -33.07 4.74
CA LYS D 128 -11.58 -33.41 4.31
CA LYS D 128 -11.58 -33.41 4.30
C LYS D 128 -10.51 -33.12 5.35
N ILE D 129 -10.75 -32.21 6.28
CA ILE D 129 -9.81 -31.92 7.36
C ILE D 129 -10.31 -32.46 8.69
N LEU D 130 -11.48 -32.02 9.14
CA LEU D 130 -11.98 -32.42 10.45
C LEU D 130 -12.15 -33.94 10.56
N ALA D 131 -12.66 -34.58 9.51
CA ALA D 131 -12.91 -36.02 9.55
C ALA D 131 -11.66 -36.79 9.94
N LYS D 132 -10.52 -36.46 9.35
CA LYS D 132 -9.32 -37.24 9.65
C LYS D 132 -8.75 -36.91 11.03
N LEU D 133 -9.27 -35.88 11.69
CA LEU D 133 -8.90 -35.52 13.05
C LEU D 133 -9.87 -36.08 14.08
N GLY D 134 -10.70 -37.05 13.69
CA GLY D 134 -11.66 -37.61 14.62
C GLY D 134 -12.84 -36.73 14.95
N VAL D 135 -13.13 -35.72 14.14
CA VAL D 135 -14.30 -34.87 14.34
C VAL D 135 -15.28 -35.17 13.20
N THR D 136 -16.47 -35.66 13.57
CA THR D 136 -17.50 -36.02 12.59
C THR D 136 -18.43 -34.85 12.30
N THR D 137 -18.99 -34.85 11.10
CA THR D 137 -19.94 -33.82 10.68
C THR D 137 -21.18 -34.48 10.11
N SER D 138 -22.35 -33.92 10.45
CA SER D 138 -23.60 -34.30 9.80
C SER D 138 -24.38 -33.01 9.55
N TRP D 139 -25.53 -33.15 8.90
CA TRP D 139 -26.14 -32.03 8.19
C TRP D 139 -27.62 -31.89 8.56
N PHE D 140 -28.17 -30.71 8.30
CA PHE D 140 -29.60 -30.49 8.47
C PHE D 140 -30.12 -29.57 7.38
N ASP D 141 -31.40 -29.77 7.06
CA ASP D 141 -32.10 -28.89 6.13
C ASP D 141 -32.22 -27.48 6.73
N PRO D 142 -32.00 -26.44 5.94
CA PRO D 142 -31.98 -25.08 6.51
C PRO D 142 -33.30 -24.64 7.12
N LEU D 143 -34.41 -25.25 6.72
CA LEU D 143 -35.71 -24.90 7.25
C LEU D 143 -36.15 -25.81 8.38
N ILE D 144 -35.23 -26.59 8.95
CA ILE D 144 -35.60 -27.58 9.96
C ILE D 144 -36.17 -26.91 11.20
N GLY D 145 -35.73 -25.68 11.50
CA GLY D 145 -36.30 -24.96 12.63
C GLY D 145 -36.14 -25.73 13.93
N ALA D 146 -37.23 -25.78 14.70
CA ALA D 146 -37.19 -26.40 16.03
C ALA D 146 -36.94 -27.90 15.97
N ASP D 147 -37.19 -28.55 14.82
CA ASP D 147 -36.97 -29.99 14.70
C ASP D 147 -35.50 -30.37 14.68
N ILE D 148 -34.58 -29.40 14.75
CA ILE D 148 -33.16 -29.72 14.79
C ILE D 148 -32.78 -30.43 16.09
N ALA D 149 -33.64 -30.37 17.11
CA ALA D 149 -33.34 -31.00 18.40
C ALA D 149 -32.94 -32.46 18.24
N ARG D 150 -33.71 -33.23 17.47
CA ARG D 150 -33.45 -34.66 17.31
C ARG D 150 -32.11 -34.95 16.63
N LEU D 151 -31.49 -33.95 16.01
CA LEU D 151 -30.21 -34.15 15.32
C LEU D 151 -29.01 -33.86 16.20
N VAL D 152 -29.21 -33.25 17.37
CA VAL D 152 -28.10 -32.93 18.27
C VAL D 152 -27.70 -34.20 19.00
N ARG D 153 -26.44 -34.57 18.90
CA ARG D 153 -25.94 -35.79 19.51
C ARG D 153 -25.29 -35.47 20.85
N PRO D 154 -25.11 -36.48 21.70
CA PRO D 154 -24.34 -36.26 22.94
C PRO D 154 -22.98 -35.61 22.71
N GLU D 155 -22.33 -35.90 21.59
CA GLU D 155 -21.02 -35.35 21.30
C GLU D 155 -21.06 -34.12 20.41
N THR D 156 -22.24 -33.57 20.13
CA THR D 156 -22.33 -32.38 19.30
C THR D 156 -21.70 -31.19 20.03
N ARG D 157 -20.65 -30.62 19.46
CA ARG D 157 -19.95 -29.49 20.04
C ARG D 157 -20.27 -28.19 19.34
N VAL D 158 -20.38 -28.21 18.02
CA VAL D 158 -20.62 -27.01 17.22
C VAL D 158 -21.91 -27.21 16.40
N VAL D 159 -22.75 -26.18 16.39
CA VAL D 159 -23.87 -26.10 15.45
C VAL D 159 -23.59 -24.92 14.53
N PHE D 160 -23.45 -25.20 13.23
CA PHE D 160 -22.99 -24.20 12.28
C PHE D 160 -24.14 -23.81 11.36
N LEU D 161 -24.51 -22.54 11.42
CA LEU D 161 -25.58 -21.97 10.62
C LEU D 161 -24.99 -21.17 9.47
N GLU D 162 -25.80 -20.96 8.44
CA GLU D 162 -25.50 -20.00 7.38
C GLU D 162 -26.83 -19.52 6.82
N SER D 163 -27.17 -18.27 7.11
CA SER D 163 -28.48 -17.74 6.78
C SER D 163 -28.31 -16.36 6.16
N PRO D 164 -28.66 -16.17 4.88
CA PRO D 164 -29.21 -17.15 3.93
C PRO D 164 -28.17 -18.21 3.55
N GLY D 165 -28.58 -19.35 3.01
CA GLY D 165 -27.61 -20.34 2.60
C GLY D 165 -26.84 -19.89 1.37
N SER D 166 -25.74 -20.60 1.10
CA SER D 166 -24.98 -20.35 -0.10
C SER D 166 -25.79 -20.74 -1.32
N ILE D 167 -25.74 -19.88 -2.34
CA ILE D 167 -26.28 -20.15 -3.68
C ILE D 167 -27.80 -20.15 -3.69
N THR D 168 -28.42 -21.02 -2.89
CA THR D 168 -29.86 -21.23 -2.94
C THR D 168 -30.64 -20.33 -1.97
N MET D 169 -29.95 -19.71 -1.02
CA MET D 169 -30.42 -18.54 -0.26
C MET D 169 -31.52 -18.86 0.75
N GLU D 170 -31.65 -20.10 1.23
CA GLU D 170 -32.66 -20.38 2.24
C GLU D 170 -32.29 -19.69 3.55
N VAL D 171 -33.28 -19.05 4.17
CA VAL D 171 -33.08 -18.31 5.42
C VAL D 171 -33.50 -19.20 6.58
N HIS D 172 -32.61 -19.35 7.58
CA HIS D 172 -32.94 -20.12 8.76
C HIS D 172 -34.04 -19.43 9.59
N ASP D 173 -34.74 -20.24 10.40
CA ASP D 173 -35.49 -19.72 11.53
C ASP D 173 -34.56 -19.79 12.74
N VAL D 174 -33.67 -18.80 12.83
CA VAL D 174 -32.64 -18.82 13.88
C VAL D 174 -33.24 -18.89 15.27
N PRO D 175 -34.27 -18.09 15.62
CA PRO D 175 -34.85 -18.25 16.97
C PRO D 175 -35.32 -19.66 17.27
N ALA D 176 -35.97 -20.34 16.31
CA ALA D 176 -36.41 -21.70 16.55
C ALA D 176 -35.22 -22.64 16.68
N ILE D 177 -34.21 -22.47 15.83
CA ILE D 177 -33.04 -23.35 15.88
C ILE D 177 -32.30 -23.18 17.21
N VAL D 178 -32.05 -21.93 17.60
CA VAL D 178 -31.26 -21.69 18.80
C VAL D 178 -31.97 -22.19 20.04
N ALA D 179 -33.28 -21.94 20.15
CA ALA D 179 -34.03 -22.42 21.30
C ALA D 179 -34.01 -23.94 21.39
N ALA D 180 -34.05 -24.62 20.24
CA ALA D 180 -34.04 -26.08 20.23
C ALA D 180 -32.68 -26.61 20.65
N VAL D 181 -31.61 -26.03 20.12
CA VAL D 181 -30.26 -26.47 20.48
C VAL D 181 -30.01 -26.24 21.97
N ARG D 182 -30.39 -25.06 22.47
CA ARG D 182 -30.15 -24.75 23.89
C ARG D 182 -30.88 -25.72 24.80
N GLN D 183 -32.06 -26.19 24.39
CA GLN D 183 -32.83 -27.10 25.22
C GLN D 183 -32.10 -28.42 25.44
N VAL D 184 -31.42 -28.93 24.41
CA VAL D 184 -30.82 -30.26 24.46
C VAL D 184 -29.32 -30.17 24.77
N ALA D 185 -28.68 -29.07 24.39
CA ALA D 185 -27.24 -28.91 24.56
C ALA D 185 -26.92 -27.44 24.78
N PRO D 186 -27.20 -26.92 25.97
CA PRO D 186 -27.00 -25.48 26.22
C PRO D 186 -25.55 -25.03 26.09
N GLU D 187 -24.58 -25.93 26.25
CA GLU D 187 -23.18 -25.59 26.14
C GLU D 187 -22.65 -25.69 24.70
N ALA D 188 -23.50 -26.03 23.74
CA ALA D 188 -23.06 -26.06 22.35
C ALA D 188 -22.56 -24.69 21.92
N ILE D 189 -21.56 -24.70 21.02
CA ILE D 189 -21.07 -23.48 20.38
C ILE D 189 -21.87 -23.27 19.10
N ILE D 190 -22.75 -22.29 19.09
CA ILE D 190 -23.55 -21.99 17.92
C ILE D 190 -22.83 -20.90 17.12
N MET D 191 -22.53 -21.20 15.86
CA MET D 191 -21.83 -20.28 14.98
C MET D 191 -22.68 -20.02 13.75
N ILE D 192 -22.44 -18.88 13.12
CA ILE D 192 -23.11 -18.58 11.85
C ILE D 192 -22.13 -17.89 10.92
N ASP D 193 -22.16 -18.30 9.66
CA ASP D 193 -21.52 -17.54 8.59
C ASP D 193 -22.49 -16.44 8.17
N ASN D 194 -22.20 -15.22 8.61
CA ASN D 194 -23.09 -14.07 8.49
C ASN D 194 -22.66 -13.14 7.35
N THR D 195 -21.99 -13.69 6.33
CA THR D 195 -21.37 -12.87 5.30
C THR D 195 -22.40 -12.10 4.48
N TRP D 196 -23.50 -12.77 4.10
CA TRP D 196 -24.49 -12.12 3.25
C TRP D 196 -25.07 -10.88 3.90
N ALA D 197 -25.24 -10.91 5.22
CA ALA D 197 -25.75 -9.77 5.98
C ALA D 197 -24.67 -8.73 6.30
N ALA D 198 -23.41 -8.98 5.89
CA ALA D 198 -22.28 -8.14 6.28
C ALA D 198 -22.21 -7.97 7.79
N GLY D 199 -22.70 -8.97 8.53
CA GLY D 199 -22.74 -8.95 9.98
C GLY D 199 -23.64 -7.90 10.61
N ILE D 200 -24.21 -6.98 9.83
CA ILE D 200 -25.02 -5.91 10.42
C ILE D 200 -26.51 -6.03 10.06
N LEU D 201 -26.85 -6.66 8.94
CA LEU D 201 -28.27 -6.81 8.59
C LEU D 201 -28.98 -7.89 9.40
N PHE D 202 -28.23 -8.75 10.07
CA PHE D 202 -28.80 -9.74 10.98
C PHE D 202 -27.86 -9.81 12.18
N LYS D 203 -28.33 -9.32 13.33
CA LYS D 203 -27.48 -9.18 14.51
C LYS D 203 -27.43 -10.52 15.24
N ALA D 204 -26.60 -11.42 14.70
CA ALA D 204 -26.57 -12.81 15.14
C ALA D 204 -26.35 -12.94 16.64
N LEU D 205 -25.44 -12.15 17.21
CA LEU D 205 -25.12 -12.30 18.63
C LEU D 205 -26.28 -11.84 19.51
N ASP D 206 -27.19 -11.04 18.99
CA ASP D 206 -28.44 -10.72 19.69
C ASP D 206 -29.45 -11.85 19.66
N PHE D 207 -29.21 -12.88 18.85
CA PHE D 207 -30.14 -14.00 18.74
C PHE D 207 -29.66 -15.23 19.50
N GLY D 208 -28.63 -15.09 20.34
CA GLY D 208 -28.12 -16.22 21.08
C GLY D 208 -27.13 -17.09 20.33
N ILE D 209 -26.68 -16.64 19.18
CA ILE D 209 -25.55 -17.26 18.50
C ILE D 209 -24.28 -16.81 19.20
N ASP D 210 -23.31 -17.72 19.30
CA ASP D 210 -22.09 -17.43 20.06
C ASP D 210 -21.07 -16.66 19.23
N ILE D 211 -20.93 -17.01 17.95
CA ILE D 211 -19.89 -16.44 17.10
C ILE D 211 -20.48 -16.14 15.73
N SER D 212 -20.24 -14.93 15.24
CA SER D 212 -20.68 -14.50 13.91
C SER D 212 -19.45 -14.36 13.02
N ILE D 213 -19.36 -15.19 11.98
CA ILE D 213 -18.22 -15.23 11.07
C ILE D 213 -18.60 -14.52 9.78
N GLN D 214 -17.63 -13.82 9.17
CA GLN D 214 -17.92 -13.33 7.84
CA GLN D 214 -17.86 -13.09 7.92
C GLN D 214 -16.67 -13.23 7.00
N ALA D 215 -16.92 -13.44 5.70
CA ALA D 215 -15.91 -13.18 4.68
C ALA D 215 -15.95 -11.68 4.42
N GLY D 216 -15.09 -10.93 5.12
CA GLY D 216 -14.96 -9.50 4.88
C GLY D 216 -14.62 -9.17 3.45
N THR D 217 -14.03 -10.12 2.75
CA THR D 217 -13.84 -10.13 1.31
C THR D 217 -15.03 -9.61 0.51
N TYR D 219 -18.85 -7.88 1.40
CA TYR D 219 -19.34 -6.50 1.50
C TYR D 219 -18.52 -5.57 2.40
N LEU D 220 -17.80 -6.11 3.41
CA LEU D 220 -16.98 -5.22 4.22
C LEU D 220 -15.94 -4.50 3.37
N ILE D 221 -15.23 -5.24 2.52
CA ILE D 221 -14.26 -4.60 1.62
C ILE D 221 -14.99 -3.86 0.51
N GLY D 222 -15.95 -4.53 -0.15
CA GLY D 222 -16.86 -3.86 -1.05
C GLY D 222 -16.34 -3.50 -2.42
N HIS D 223 -15.06 -3.81 -2.72
CA HIS D 223 -14.48 -3.48 -4.01
C HIS D 223 -13.75 -4.66 -4.65
N SER D 224 -13.95 -5.88 -4.13
CA SER D 224 -13.44 -7.11 -4.76
C SER D 224 -11.91 -7.14 -4.86
N ASP D 225 -11.20 -6.44 -3.98
CA ASP D 225 -9.75 -6.30 -4.15
C ASP D 225 -8.97 -6.55 -2.86
N ALA D 226 -9.58 -7.18 -1.87
CA ALA D 226 -8.85 -7.59 -0.69
C ALA D 226 -9.58 -8.79 -0.11
N MET D 227 -8.85 -9.62 0.62
CA MET D 227 -9.44 -10.77 1.28
C MET D 227 -9.18 -10.67 2.76
N VAL D 228 -10.20 -11.05 3.54
CA VAL D 228 -10.17 -10.87 4.99
C VAL D 228 -11.33 -11.65 5.57
N GLY D 229 -11.07 -12.37 6.66
CA GLY D 229 -12.12 -13.01 7.43
C GLY D 229 -12.18 -12.44 8.84
N THR D 230 -13.39 -12.37 9.39
CA THR D 230 -13.57 -11.92 10.76
C THR D 230 -14.46 -12.91 11.49
N ALA D 231 -14.32 -12.92 12.81
CA ALA D 231 -15.17 -13.75 13.66
C ALA D 231 -15.35 -12.99 14.97
N VAL D 232 -16.57 -12.53 15.22
CA VAL D 232 -16.91 -11.76 16.42
C VAL D 232 -17.59 -12.72 17.40
N ALA D 233 -17.02 -12.86 18.59
CA ALA D 233 -17.51 -13.83 19.57
C ALA D 233 -18.09 -13.12 20.78
N ASN D 234 -19.01 -13.81 21.46
CA ASN D 234 -19.50 -13.29 22.73
C ASN D 234 -18.47 -13.51 23.82
N ALA D 235 -18.77 -12.98 25.00
CA ALA D 235 -17.82 -13.06 26.12
C ALA D 235 -17.53 -14.51 26.48
N ARG D 236 -18.53 -15.38 26.37
CA ARG D 236 -18.34 -16.78 26.73
C ARG D 236 -17.26 -17.44 25.87
N CYS D 237 -17.29 -17.19 24.56
CA CYS D 237 -16.46 -17.92 23.62
C CYS D 237 -15.25 -17.14 23.14
N TRP D 238 -15.11 -15.87 23.52
CA TRP D 238 -14.04 -15.07 22.93
C TRP D 238 -12.66 -15.56 23.36
N PRO D 239 -12.37 -15.80 24.65
CA PRO D 239 -10.99 -16.20 25.01
C PRO D 239 -10.52 -17.46 24.31
N GLN D 240 -11.37 -18.46 24.17
CA GLN D 240 -10.95 -19.69 23.49
C GLN D 240 -10.77 -19.46 21.99
N LEU D 241 -11.71 -18.77 21.34
CA LEU D 241 -11.53 -18.43 19.94
C LEU D 241 -10.21 -17.70 19.73
N ARG D 242 -9.96 -16.68 20.55
CA ARG D 242 -8.78 -15.84 20.40
C ARG D 242 -7.51 -16.67 20.49
N GLU D 243 -7.35 -17.41 21.59
CA GLU D 243 -6.08 -18.08 21.82
C GLU D 243 -5.85 -19.24 20.88
N ASN D 244 -6.92 -19.93 20.47
CA ASN D 244 -6.70 -21.08 19.60
C ASN D 244 -6.51 -20.67 18.15
N ALA D 245 -7.19 -19.59 17.70
CA ALA D 245 -6.85 -19.04 16.39
C ALA D 245 -5.41 -18.57 16.36
N TYR D 246 -4.96 -17.99 17.47
CA TYR D 246 -3.60 -17.47 17.55
C TYR D 246 -2.57 -18.59 17.47
N LEU D 247 -2.87 -19.74 18.09
CA LEU D 247 -1.95 -20.88 18.02
C LEU D 247 -1.85 -21.45 16.61
N MET D 248 -2.86 -21.21 15.76
CA MET D 248 -2.76 -21.54 14.35
C MET D 248 -2.13 -20.41 13.55
N GLY D 249 -1.67 -19.36 14.22
CA GLY D 249 -1.00 -18.26 13.55
C GLY D 249 -1.93 -17.40 12.73
N GLN D 250 -3.22 -17.38 13.03
CA GLN D 250 -4.17 -16.66 12.19
C GLN D 250 -4.12 -15.17 12.51
N MET D 251 -3.98 -14.36 11.47
CA MET D 251 -3.91 -12.92 11.61
C MET D 251 -4.23 -12.31 10.26
N LEU D 252 -4.37 -10.99 10.25
CA LEU D 252 -4.62 -10.23 9.04
C LEU D 252 -3.55 -9.16 8.92
N ASP D 253 -3.09 -8.90 7.70
CA ASP D 253 -2.07 -7.88 7.52
C ASP D 253 -2.63 -6.50 7.85
N ALA D 254 -1.74 -5.62 8.34
CA ALA D 254 -2.16 -4.30 8.79
C ALA D 254 -2.86 -3.50 7.69
N ASP D 255 -2.39 -3.60 6.45
CA ASP D 255 -2.96 -2.77 5.39
C ASP D 255 -4.36 -3.23 5.03
N THR D 256 -4.61 -4.55 5.00
CA THR D 256 -5.98 -5.02 4.74
C THR D 256 -6.89 -4.70 5.92
N ALA D 257 -6.36 -4.75 7.15
CA ALA D 257 -7.15 -4.31 8.29
C ALA D 257 -7.62 -2.87 8.10
N TYR D 258 -6.72 -2.00 7.64
CA TYR D 258 -7.10 -0.62 7.34
C TYR D 258 -8.17 -0.57 6.26
N MET D 259 -8.02 -1.39 5.21
CA MET D 259 -8.99 -1.36 4.12
C MET D 259 -10.34 -1.92 4.55
N THR D 260 -10.36 -2.84 5.52
CA THR D 260 -11.63 -3.33 6.05
C THR D 260 -12.35 -2.25 6.82
N SER D 261 -11.65 -1.59 7.75
CA SER D 261 -12.20 -0.43 8.44
C SER D 261 -12.69 0.63 7.46
N ARG D 262 -11.92 0.88 6.41
CA ARG D 262 -12.30 1.86 5.41
C ARG D 262 -13.60 1.47 4.70
N GLY D 263 -13.75 0.17 4.41
CA GLY D 263 -14.96 -0.29 3.75
C GLY D 263 -16.22 -0.06 4.57
N LEU D 264 -16.09 -0.16 5.90
CA LEU D 264 -17.25 0.08 6.77
C LEU D 264 -17.90 1.42 6.50
N ARG D 265 -17.11 2.41 6.07
CA ARG D 265 -17.60 3.78 6.01
C ARG D 265 -18.64 3.97 4.91
N THR D 266 -18.55 3.20 3.82
CA THR D 266 -19.55 3.25 2.76
C THR D 266 -20.50 2.05 2.79
N LEU D 267 -20.42 1.21 3.84
CA LEU D 267 -21.22 -0.02 3.84
C LEU D 267 -22.71 0.29 3.84
N GLY D 268 -23.10 1.41 4.46
CA GLY D 268 -24.50 1.81 4.46
C GLY D 268 -25.04 2.20 3.10
N VAL D 269 -24.38 3.16 2.45
CA VAL D 269 -24.85 3.63 1.14
C VAL D 269 -24.78 2.50 0.12
N ARG D 270 -23.76 1.63 0.23
CA ARG D 270 -23.64 0.52 -0.69
C ARG D 270 -24.77 -0.49 -0.50
N LEU D 271 -24.94 -0.99 0.73
CA LEU D 271 -25.98 -1.99 0.98
C LEU D 271 -27.37 -1.49 0.60
N ARG D 272 -27.65 -0.22 0.86
CA ARG D 272 -28.97 0.30 0.50
C ARG D 272 -29.17 0.26 -1.01
N GLN D 273 -28.11 0.53 -1.77
CA GLN D 273 -28.23 0.45 -3.23
CA GLN D 273 -28.23 0.45 -3.23
C GLN D 273 -28.33 -1.01 -3.68
N HIS D 274 -27.52 -1.89 -3.08
CA HIS D 274 -27.61 -3.32 -3.40
C HIS D 274 -29.01 -3.86 -3.10
N HIS D 275 -29.59 -3.44 -1.97
CA HIS D 275 -30.92 -3.87 -1.58
C HIS D 275 -31.96 -3.41 -2.59
N GLU D 276 -32.02 -2.10 -2.85
CA GLU D 276 -33.03 -1.56 -3.75
C GLU D 276 -32.89 -2.18 -5.13
N SER D 277 -31.66 -2.29 -5.64
CA SER D 277 -31.50 -2.76 -7.01
C SER D 277 -31.81 -4.24 -7.13
N SER D 278 -31.36 -5.06 -6.18
CA SER D 278 -31.53 -6.50 -6.31
C SER D 278 -32.98 -6.90 -6.10
N LEU D 279 -33.68 -6.24 -5.17
CA LEU D 279 -35.08 -6.55 -4.93
C LEU D 279 -35.93 -6.17 -6.13
N ARG D 280 -35.61 -5.04 -6.76
CA ARG D 280 -36.31 -4.65 -7.99
C ARG D 280 -36.11 -5.67 -9.09
N ILE D 281 -34.88 -6.15 -9.25
CA ILE D 281 -34.59 -7.15 -10.29
CA ILE D 281 -34.61 -7.14 -10.30
C ILE D 281 -35.27 -8.47 -9.95
N ALA D 282 -35.25 -8.85 -8.66
CA ALA D 282 -35.91 -10.09 -8.24
C ALA D 282 -37.42 -10.05 -8.51
N GLU D 283 -38.05 -8.91 -8.20
CA GLU D 283 -39.48 -8.77 -8.45
C GLU D 283 -39.80 -8.92 -9.93
N TRP D 284 -38.96 -8.35 -10.80
CA TRP D 284 -39.16 -8.49 -12.24
C TRP D 284 -38.92 -9.94 -12.69
N LEU D 285 -37.87 -10.58 -12.17
CA LEU D 285 -37.62 -11.98 -12.51
C LEU D 285 -38.79 -12.88 -12.09
N ALA D 286 -39.40 -12.58 -10.96
CA ALA D 286 -40.49 -13.42 -10.46
C ALA D 286 -41.72 -13.35 -11.36
N GLN D 287 -41.86 -12.31 -12.19
CA GLN D 287 -42.97 -12.22 -13.13
C GLN D 287 -42.60 -12.76 -14.51
N HIS D 288 -41.37 -13.18 -14.69
CA HIS D 288 -40.85 -13.46 -16.02
C HIS D 288 -41.21 -14.89 -16.44
N PRO D 289 -41.74 -15.09 -17.66
CA PRO D 289 -42.10 -16.45 -18.07
C PRO D 289 -40.92 -17.39 -18.24
N GLN D 290 -39.70 -16.87 -18.34
CA GLN D 290 -38.53 -17.73 -18.49
C GLN D 290 -37.88 -18.06 -17.15
N VAL D 291 -38.53 -17.70 -16.04
CA VAL D 291 -37.99 -17.92 -14.70
C VAL D 291 -38.97 -18.78 -13.93
N ALA D 292 -38.47 -19.88 -13.35
CA ALA D 292 -39.33 -20.78 -12.59
C ALA D 292 -39.41 -20.43 -11.11
N ARG D 293 -38.35 -19.86 -10.55
CA ARG D 293 -38.30 -19.56 -9.13
C ARG D 293 -37.24 -18.49 -8.90
N VAL D 294 -37.51 -17.57 -7.97
CA VAL D 294 -36.53 -16.55 -7.57
C VAL D 294 -36.20 -16.80 -6.11
N ASN D 295 -34.92 -17.02 -5.84
CA ASN D 295 -34.41 -17.21 -4.48
C ASN D 295 -33.79 -15.88 -4.02
N HIS D 296 -34.63 -15.01 -3.47
CA HIS D 296 -34.14 -13.78 -2.86
C HIS D 296 -34.77 -13.67 -1.48
N PRO D 297 -33.98 -13.58 -0.41
CA PRO D 297 -34.55 -13.56 0.95
C PRO D 297 -35.63 -12.51 1.16
N ALA D 298 -35.54 -11.40 0.44
CA ALA D 298 -36.48 -10.28 0.59
C ALA D 298 -37.72 -10.44 -0.28
N LEU D 299 -37.74 -11.42 -1.17
CA LEU D 299 -38.89 -11.59 -2.04
C LEU D 299 -39.91 -12.51 -1.37
N PRO D 300 -41.17 -12.09 -1.25
CA PRO D 300 -42.19 -12.99 -0.70
C PRO D 300 -42.19 -14.32 -1.45
N GLY D 301 -42.46 -15.40 -0.72
CA GLY D 301 -42.48 -16.72 -1.29
C GLY D 301 -41.13 -17.42 -1.33
N SER D 302 -40.03 -16.68 -1.16
CA SER D 302 -38.72 -17.30 -1.10
C SER D 302 -38.57 -18.07 0.21
N LYS D 303 -37.78 -19.16 0.15
CA LYS D 303 -37.66 -20.04 1.30
C LYS D 303 -37.09 -19.30 2.51
N GLY D 304 -37.88 -19.26 3.59
CA GLY D 304 -37.51 -18.55 4.78
C GLY D 304 -37.66 -17.05 4.71
N HIS D 305 -38.32 -16.53 3.68
CA HIS D 305 -38.52 -15.08 3.56
C HIS D 305 -39.15 -14.49 4.82
N GLU D 306 -40.09 -15.21 5.42
CA GLU D 306 -40.77 -14.67 6.59
C GLU D 306 -39.81 -14.51 7.76
N PHE D 307 -38.80 -15.39 7.84
CA PHE D 307 -37.77 -15.22 8.84
C PHE D 307 -36.89 -14.02 8.53
N TRP D 308 -36.55 -13.82 7.24
CA TRP D 308 -35.78 -12.65 6.87
C TRP D 308 -36.50 -11.37 7.26
N LYS D 309 -37.81 -11.30 6.96
CA LYS D 309 -38.54 -10.08 7.26
C LYS D 309 -38.61 -9.82 8.75
N ARG D 310 -38.77 -10.88 9.54
CA ARG D 310 -38.87 -10.70 10.99
C ARG D 310 -37.51 -10.39 11.62
N ASP D 311 -36.45 -11.06 11.16
CA ASP D 311 -35.18 -11.06 11.88
C ASP D 311 -34.08 -10.19 11.28
N PHE D 312 -34.18 -9.83 10.01
CA PHE D 312 -33.18 -8.97 9.39
C PHE D 312 -33.66 -7.52 9.40
N THR D 313 -32.74 -6.59 9.18
CA THR D 313 -33.07 -5.18 9.02
C THR D 313 -32.75 -4.67 7.63
N GLY D 314 -32.38 -5.55 6.71
CA GLY D 314 -32.13 -5.14 5.34
C GLY D 314 -31.72 -6.34 4.52
N SER D 315 -31.45 -6.08 3.24
CA SER D 315 -30.98 -7.08 2.31
C SER D 315 -29.68 -6.59 1.67
N SER D 316 -28.88 -7.54 1.18
CA SER D 316 -27.75 -7.23 0.33
C SER D 316 -28.15 -7.50 -1.12
N GLY D 317 -27.16 -7.69 -2.00
CA GLY D 317 -27.46 -7.73 -3.41
C GLY D 317 -27.28 -9.07 -4.09
N LEU D 318 -27.01 -10.11 -3.31
CA LEU D 318 -26.73 -11.45 -3.83
C LEU D 318 -27.99 -12.30 -3.75
N PHE D 319 -28.34 -12.95 -4.86
CA PHE D 319 -29.48 -13.86 -4.87
C PHE D 319 -29.36 -14.77 -6.09
N SER D 320 -30.33 -15.67 -6.26
CA SER D 320 -30.32 -16.61 -7.36
C SER D 320 -31.73 -16.78 -7.90
N PHE D 321 -31.82 -17.36 -9.10
CA PHE D 321 -33.10 -17.73 -9.67
C PHE D 321 -32.90 -18.96 -10.52
N VAL D 322 -33.99 -19.68 -10.78
CA VAL D 322 -33.98 -20.91 -11.54
C VAL D 322 -34.66 -20.67 -12.87
N LEU D 323 -33.99 -21.02 -13.96
CA LEU D 323 -34.59 -20.84 -15.28
C LEU D 323 -35.72 -21.84 -15.50
N SER D 324 -36.63 -21.48 -16.43
CA SER D 324 -37.73 -22.37 -16.73
C SER D 324 -37.27 -23.67 -17.40
N LYS D 325 -36.00 -23.78 -17.77
CA LYS D 325 -35.51 -24.99 -18.39
C LYS D 325 -34.06 -25.22 -18.01
N ARG D 326 -33.60 -26.45 -18.25
CA ARG D 326 -32.19 -26.78 -18.11
C ARG D 326 -31.47 -26.42 -19.40
N LEU D 327 -30.50 -25.51 -19.30
CA LEU D 327 -29.74 -25.10 -20.48
C LEU D 327 -28.72 -26.17 -20.83
N ASN D 328 -28.64 -26.51 -22.13
CA ASN D 328 -27.55 -27.37 -22.56
C ASN D 328 -26.28 -26.55 -22.65
N ASP D 329 -25.16 -27.21 -22.94
CA ASP D 329 -23.86 -26.55 -22.87
C ASP D 329 -23.74 -25.43 -23.91
N ALA D 330 -24.31 -25.63 -25.09
CA ALA D 330 -24.30 -24.57 -26.09
C ALA D 330 -25.11 -23.36 -25.64
N GLU D 331 -26.29 -23.60 -25.06
CA GLU D 331 -27.10 -22.50 -24.54
C GLU D 331 -26.40 -21.81 -23.37
N LEU D 332 -25.73 -22.58 -22.52
CA LEU D 332 -25.00 -22.00 -21.40
C LEU D 332 -23.96 -20.99 -21.88
N ALA D 333 -23.19 -21.35 -22.90
CA ALA D 333 -22.22 -20.43 -23.47
C ALA D 333 -22.91 -19.24 -24.13
N GLU D 334 -23.91 -19.51 -24.96
CA GLU D 334 -24.62 -18.42 -25.63
C GLU D 334 -25.17 -17.43 -24.59
N TYR D 335 -25.73 -17.95 -23.50
CA TYR D 335 -26.26 -17.10 -22.45
C TYR D 335 -25.14 -16.34 -21.75
N LEU D 336 -24.23 -17.06 -21.11
CA LEU D 336 -23.27 -16.43 -20.18
C LEU D 336 -22.21 -15.64 -20.92
N ASP D 337 -21.74 -16.13 -22.07
CA ASP D 337 -20.60 -15.49 -22.72
C ASP D 337 -20.90 -14.09 -23.23
N ASN D 338 -22.18 -13.74 -23.39
CA ASN D 338 -22.55 -12.55 -24.15
C ASN D 338 -23.20 -11.47 -23.30
N PHE D 339 -23.07 -11.54 -21.98
CA PHE D 339 -23.53 -10.44 -21.14
C PHE D 339 -22.62 -9.23 -21.32
N SER D 340 -23.22 -8.03 -21.28
CA SER D 340 -22.50 -6.78 -21.46
C SER D 340 -22.00 -6.19 -20.15
N LEU D 341 -22.77 -6.33 -19.08
CA LEU D 341 -22.47 -5.74 -17.79
C LEU D 341 -22.19 -6.78 -16.71
N PHE D 342 -22.99 -7.84 -16.64
CA PHE D 342 -22.71 -8.93 -15.72
C PHE D 342 -21.47 -9.67 -16.19
N SER D 343 -20.58 -10.00 -15.25
CA SER D 343 -19.35 -10.72 -15.54
C SER D 343 -19.34 -12.03 -14.78
N MET D 344 -18.70 -13.05 -15.36
CA MET D 344 -18.50 -14.32 -14.68
C MET D 344 -17.27 -14.25 -13.79
N ALA D 345 -17.46 -14.45 -12.48
CA ALA D 345 -16.37 -14.55 -11.54
C ALA D 345 -16.90 -15.14 -10.25
N TYR D 346 -16.00 -15.68 -9.44
CA TYR D 346 -16.40 -16.06 -8.09
C TYR D 346 -16.32 -14.84 -7.19
N SER D 347 -16.72 -15.03 -5.93
CA SER D 347 -16.91 -13.97 -4.95
C SER D 347 -18.06 -13.05 -5.35
N TRP D 348 -18.31 -12.05 -4.53
CA TRP D 348 -19.43 -11.12 -4.67
C TRP D 348 -19.23 -10.04 -3.61
N GLY D 349 -20.21 -9.16 -3.48
CA GLY D 349 -20.12 -8.09 -2.50
C GLY D 349 -19.36 -6.86 -2.94
N GLY D 350 -18.95 -6.79 -4.20
CA GLY D 350 -18.26 -5.63 -4.73
C GLY D 350 -19.22 -4.65 -5.39
N PHE D 351 -18.63 -3.69 -6.09
CA PHE D 351 -19.42 -2.65 -6.74
C PHE D 351 -19.96 -3.09 -8.09
N GLU D 352 -19.48 -4.19 -8.66
CA GLU D 352 -19.89 -4.61 -9.99
C GLU D 352 -20.77 -5.85 -9.91
N SER D 353 -21.57 -6.06 -10.95
CA SER D 353 -22.52 -7.16 -10.98
C SER D 353 -21.87 -8.41 -11.57
N LEU D 354 -22.21 -9.57 -11.00
CA LEU D 354 -21.64 -10.85 -11.41
C LEU D 354 -22.76 -11.86 -11.69
N ILE D 355 -22.42 -12.86 -12.49
CA ILE D 355 -23.36 -13.92 -12.84
C ILE D 355 -22.62 -15.25 -12.85
N LEU D 356 -23.28 -16.29 -12.32
CA LEU D 356 -22.75 -17.65 -12.36
C LEU D 356 -23.90 -18.62 -12.52
N ALA D 357 -23.61 -19.78 -13.10
CA ALA D 357 -24.63 -20.78 -13.36
C ALA D 357 -24.26 -22.10 -12.67
N ASN D 358 -25.28 -22.84 -12.24
CA ASN D 358 -25.09 -24.17 -11.69
C ASN D 358 -26.22 -25.05 -12.17
N GLN D 359 -25.88 -26.27 -12.59
CA GLN D 359 -26.90 -27.23 -12.92
C GLN D 359 -27.43 -27.87 -11.64
N PRO D 360 -28.67 -28.38 -11.67
CA PRO D 360 -29.25 -28.95 -10.44
C PRO D 360 -28.37 -30.00 -9.77
N GLU D 361 -27.80 -30.92 -10.55
CA GLU D 361 -26.98 -31.97 -9.96
C GLU D 361 -25.69 -31.40 -9.35
N GLN D 362 -25.20 -30.27 -9.87
CA GLN D 362 -24.06 -29.61 -9.23
C GLN D 362 -24.42 -29.16 -7.82
N ILE D 363 -25.62 -28.60 -7.64
CA ILE D 363 -26.06 -28.19 -6.31
C ILE D 363 -26.34 -29.41 -5.44
N ALA D 364 -26.96 -30.44 -6.03
CA ALA D 364 -27.24 -31.64 -5.25
C ALA D 364 -25.97 -32.24 -4.66
N HIS D 365 -24.86 -32.15 -5.39
CA HIS D 365 -23.59 -32.68 -4.90
C HIS D 365 -23.10 -31.92 -3.67
N ILE D 366 -23.44 -30.65 -3.54
CA ILE D 366 -23.05 -29.86 -2.39
C ILE D 366 -24.22 -29.67 -1.42
N ARG D 367 -25.21 -30.56 -1.45
CA ARG D 367 -26.27 -30.63 -0.46
C ARG D 367 -26.18 -32.00 0.19
N PRO D 368 -25.30 -32.17 1.18
CA PRO D 368 -25.04 -33.51 1.72
C PRO D 368 -26.29 -34.14 2.31
N ASP D 369 -26.48 -35.43 2.01
CA ASP D 369 -27.60 -36.20 2.51
C ASP D 369 -28.95 -35.60 2.09
N ALA D 370 -28.98 -34.93 0.94
CA ALA D 370 -30.19 -34.24 0.50
C ALA D 370 -30.23 -34.18 -1.02
N GLU D 371 -31.43 -33.97 -1.54
CA GLU D 371 -31.69 -33.76 -2.96
C GLU D 371 -32.20 -32.33 -3.17
N VAL D 372 -32.08 -31.85 -4.41
CA VAL D 372 -32.60 -30.53 -4.76
C VAL D 372 -34.03 -30.69 -5.26
N ASP D 373 -34.78 -29.60 -5.23
CA ASP D 373 -36.19 -29.63 -5.61
C ASP D 373 -36.49 -28.82 -6.86
N PHE D 374 -35.49 -28.60 -7.71
CA PHE D 374 -35.67 -27.92 -8.99
C PHE D 374 -34.90 -28.68 -10.06
N SER D 375 -35.31 -28.47 -11.32
CA SER D 375 -34.64 -29.10 -12.44
C SER D 375 -34.13 -28.11 -13.47
N GLY D 376 -34.45 -26.82 -13.33
CA GLY D 376 -33.89 -25.84 -14.22
C GLY D 376 -32.49 -25.43 -13.83
N THR D 377 -31.77 -24.83 -14.77
CA THR D 377 -30.46 -24.29 -14.50
C THR D 377 -30.57 -23.15 -13.49
N LEU D 378 -29.72 -23.17 -12.47
CA LEU D 378 -29.73 -22.14 -11.45
C LEU D 378 -28.73 -21.05 -11.81
N ILE D 379 -29.18 -19.79 -11.72
CA ILE D 379 -28.35 -18.62 -12.00
C ILE D 379 -28.21 -17.81 -10.73
N ARG D 380 -26.98 -17.60 -10.27
CA ARG D 380 -26.74 -16.71 -9.14
C ARG D 380 -26.25 -15.36 -9.65
N LEU D 381 -26.88 -14.29 -9.16
CA LEU D 381 -26.52 -12.93 -9.51
C LEU D 381 -26.00 -12.19 -8.29
N HIS D 382 -24.95 -11.41 -8.46
CA HIS D 382 -24.68 -10.33 -7.53
C HIS D 382 -25.02 -9.02 -8.24
N ILE D 383 -25.90 -8.23 -7.63
CA ILE D 383 -26.32 -6.95 -8.19
C ILE D 383 -25.42 -5.87 -7.62
N GLY D 384 -24.63 -5.23 -8.48
CA GLY D 384 -23.71 -4.18 -8.08
C GLY D 384 -24.37 -2.83 -8.09
N LEU D 385 -23.55 -1.80 -8.30
CA LEU D 385 -23.98 -0.41 -8.20
C LEU D 385 -24.30 0.20 -9.57
N GLU D 386 -24.33 -0.60 -10.62
CA GLU D 386 -24.67 -0.10 -11.94
C GLU D 386 -26.13 0.35 -11.98
N ASN D 387 -26.47 1.10 -13.02
CA ASN D 387 -27.86 1.53 -13.21
C ASN D 387 -28.77 0.31 -13.34
N VAL D 388 -29.81 0.27 -12.51
CA VAL D 388 -30.60 -0.96 -12.41
C VAL D 388 -31.34 -1.23 -13.72
N ASP D 389 -31.69 -0.20 -14.49
CA ASP D 389 -32.33 -0.42 -15.78
C ASP D 389 -31.35 -1.02 -16.78
N ASP D 390 -30.08 -0.62 -16.71
CA ASP D 390 -29.05 -1.23 -17.55
C ASP D 390 -28.88 -2.70 -17.23
N LEU D 391 -28.83 -3.03 -15.94
CA LEU D 391 -28.70 -4.42 -15.54
C LEU D 391 -29.89 -5.25 -16.00
N GLN D 392 -31.10 -4.70 -15.87
CA GLN D 392 -32.28 -5.40 -16.34
C GLN D 392 -32.22 -5.64 -17.85
N ALA D 393 -31.82 -4.62 -18.61
CA ALA D 393 -31.73 -4.79 -20.06
C ALA D 393 -30.70 -5.86 -20.42
N ASP D 394 -29.60 -5.92 -19.66
CA ASP D 394 -28.60 -6.96 -19.88
C ASP D 394 -29.17 -8.34 -19.62
N LEU D 395 -29.94 -8.50 -18.54
CA LEU D 395 -30.62 -9.76 -18.29
C LEU D 395 -31.66 -10.05 -19.36
N ALA D 396 -32.41 -9.02 -19.77
CA ALA D 396 -33.41 -9.22 -20.81
C ALA D 396 -32.78 -9.69 -22.11
N ALA D 397 -31.62 -9.12 -22.47
CA ALA D 397 -30.93 -9.60 -23.65
C ALA D 397 -30.49 -11.04 -23.48
N GLY D 398 -30.09 -11.43 -22.26
CA GLY D 398 -29.74 -12.81 -22.00
C GLY D 398 -30.93 -13.75 -22.19
N PHE D 399 -32.09 -13.37 -21.65
CA PHE D 399 -33.30 -14.16 -21.90
C PHE D 399 -33.57 -14.30 -23.38
N ALA D 400 -33.31 -13.23 -24.15
CA ALA D 400 -33.57 -13.28 -25.59
C ALA D 400 -32.69 -14.32 -26.28
N ARG D 401 -31.48 -14.57 -25.77
CA ARG D 401 -30.59 -15.51 -26.43
C ARG D 401 -30.98 -16.96 -26.19
N ILE D 402 -31.80 -17.25 -25.18
CA ILE D 402 -32.13 -18.63 -24.83
C ILE D 402 -33.62 -18.92 -24.99
N VAL D 403 -34.39 -17.98 -25.53
CA VAL D 403 -35.83 -18.19 -25.63
C VAL D 403 -36.09 -19.33 -26.60
#